data_6ELU
#
_entry.id   6ELU
#
_cell.length_a   127.600
_cell.length_b   103.550
_cell.length_c   150.640
_cell.angle_alpha   90.00
_cell.angle_beta   114.58
_cell.angle_gamma   90.00
#
_symmetry.space_group_name_H-M   'P 1 21 1'
#
loop_
_entity.id
_entity.type
_entity.pdbx_description
1 polymer 'Serum resistance associated; VSG protein'
2 polymer 'G10_3 heavy chain'
3 polymer 'G10_3 Light chain'
4 water water
#
loop_
_entity_poly.entity_id
_entity_poly.type
_entity_poly.pdbx_seq_one_letter_code
_entity_poly.pdbx_strand_id
1 'polypeptide(L)'
;GSHMDEEPVKKVCKVEKNLADVAGIALAKINNLIKQVSAATEAEARMTLAAASTDHSNISALYAAASNIVTRCVLNAVHA
LTSLAPIALTAATNGAKTSGHISEVIDILQQASQGKTEGKCIVKSGGGTTTVAIRQLYNKIGDLEKQTTNNCGTSVTEVL
EHILKQEALKEALLSIVKKPKGAPDKTAADELVTALINGVVPNSTAQTQKLKEKILNTLVPKLVEGSKSQVKL
;
A,D,G,J
2 'polypeptide(L)'
;LVIEVKLEESGGGLVQPGGSLRVSCATSGFTFTDYYMNWVRQPPGKALEWLGFIRNKANGYTTEYSASVKGRFTISRDDS
QSILYLQMNTLRAEDSASYYCARDKGWGYAMDYWGQGTSVTVSSAKTTPPSVYPLAPGSAAQTNSMVTLGCLVKGYFPEP
VTVTWNSGSLSSGVHTFPAVLQSDLYTLSSSVTVPSSTWPSETVTCNVAHPASSTKVDKKIVPRDCNPA
;
B,E,H,K
3 'polypeptide(L)'
;DIVMTQTPPSLAVSLGQRATISCKASQSVDYDADSFMHWYQQKPGQPPKLLIYAASNLESGIPARFSGSGSGTDFTLNIR
PVEEEDAATYYCQQSNEDPWTFGGGTKLEIKRADAAPTVSIFPPSSEQLTSGGASVVCFLNNFYPKDINVKWKIDGSERQ
NGVLNSWTDQDSKDSTYSMSSTLTLTKDEYERHNSYTCEATHKTSTSPIVKSFNRNE
;
C,F,I,L
#
# COMPACT_ATOMS: atom_id res chain seq x y z
N LYS A 17 -24.80 30.52 93.97
CA LYS A 17 -23.50 30.09 94.46
C LYS A 17 -22.83 29.25 93.39
N ASN A 18 -21.49 29.23 93.37
CA ASN A 18 -20.75 28.51 92.33
C ASN A 18 -20.87 27.01 92.51
N LEU A 19 -21.07 26.54 93.73
CA LEU A 19 -21.27 25.10 93.93
C LEU A 19 -22.64 24.65 93.47
N ALA A 20 -23.66 25.50 93.61
CA ALA A 20 -24.99 25.19 93.11
C ALA A 20 -25.05 25.18 91.58
N ASP A 21 -24.15 25.91 90.92
CA ASP A 21 -24.10 25.87 89.46
C ASP A 21 -23.50 24.55 88.98
N VAL A 22 -22.36 24.15 89.56
CA VAL A 22 -21.68 22.93 89.15
C VAL A 22 -22.46 21.69 89.60
N ALA A 23 -23.19 21.79 90.72
CA ALA A 23 -24.01 20.67 91.17
C ALA A 23 -25.10 20.37 90.15
N GLY A 24 -25.69 21.41 89.59
CA GLY A 24 -26.67 21.21 88.53
C GLY A 24 -26.07 20.57 87.30
N ILE A 25 -24.84 20.96 86.96
CA ILE A 25 -24.18 20.41 85.78
C ILE A 25 -23.77 18.96 86.02
N ALA A 26 -23.32 18.64 87.24
CA ALA A 26 -22.94 17.27 87.56
C ALA A 26 -24.15 16.34 87.54
N LEU A 27 -25.27 16.78 88.13
CA LEU A 27 -26.47 15.95 88.16
C LEU A 27 -27.05 15.75 86.76
N ALA A 28 -26.98 16.77 85.90
CA ALA A 28 -27.44 16.61 84.53
C ALA A 28 -26.60 15.60 83.77
N LYS A 29 -25.28 15.58 84.03
CA LYS A 29 -24.42 14.59 83.39
C LYS A 29 -24.66 13.19 83.93
N ILE A 30 -24.83 13.07 85.26
CA ILE A 30 -25.06 11.74 85.84
C ILE A 30 -26.36 11.15 85.33
N ASN A 31 -27.41 11.96 85.24
CA ASN A 31 -28.67 11.48 84.71
C ASN A 31 -28.56 11.10 83.24
N ASN A 32 -27.69 11.79 82.49
CA ASN A 32 -27.53 11.47 81.08
C ASN A 32 -26.73 10.19 80.89
N LEU A 33 -25.70 9.97 81.70
CA LEU A 33 -24.95 8.73 81.61
C LEU A 33 -25.77 7.53 82.08
N ILE A 34 -26.64 7.73 83.07
CA ILE A 34 -27.49 6.64 83.52
C ILE A 34 -28.45 6.24 82.40
N LYS A 35 -28.95 7.22 81.65
CA LYS A 35 -29.84 6.88 80.54
C LYS A 35 -29.09 6.24 79.39
N GLN A 36 -27.78 6.49 79.28
CA GLN A 36 -26.98 5.83 78.27
C GLN A 36 -26.89 4.34 78.53
N VAL A 37 -26.64 3.95 79.79
CA VAL A 37 -26.53 2.53 80.11
C VAL A 37 -27.90 1.86 79.98
N SER A 38 -28.98 2.58 80.30
CA SER A 38 -30.32 1.99 80.19
C SER A 38 -30.65 1.69 78.73
N ALA A 39 -30.39 2.66 77.83
CA ALA A 39 -30.67 2.46 76.42
C ALA A 39 -29.82 1.34 75.82
N ALA A 40 -28.52 1.33 76.13
CA ALA A 40 -27.63 0.35 75.52
C ALA A 40 -27.95 -1.07 75.96
N THR A 41 -28.15 -1.28 77.27
CA THR A 41 -28.48 -2.62 77.75
C THR A 41 -29.85 -3.08 77.27
N GLU A 42 -30.76 -2.13 77.05
CA GLU A 42 -32.07 -2.52 76.53
C GLU A 42 -31.94 -3.01 75.09
N ALA A 43 -31.04 -2.40 74.31
CA ALA A 43 -30.70 -2.90 72.99
C ALA A 43 -30.10 -4.31 73.06
N GLU A 44 -29.18 -4.51 74.00
CA GLU A 44 -28.53 -5.82 74.16
C GLU A 44 -29.55 -6.91 74.48
N ALA A 45 -30.56 -6.58 75.29
CA ALA A 45 -31.53 -7.59 75.71
C ALA A 45 -32.36 -8.07 74.53
N ARG A 46 -32.81 -7.15 73.68
CA ARG A 46 -33.60 -7.52 72.50
C ARG A 46 -32.75 -8.22 71.47
N MET A 47 -31.45 -7.92 71.44
CA MET A 47 -30.56 -8.60 70.50
C MET A 47 -30.28 -10.04 70.93
N THR A 48 -30.06 -10.27 72.24
CA THR A 48 -29.84 -11.62 72.74
C THR A 48 -31.07 -12.50 72.59
N LEU A 49 -32.28 -11.96 72.85
CA LEU A 49 -33.50 -12.69 72.48
C LEU A 49 -33.63 -12.91 71.01
N ALA A 50 -33.23 -11.94 70.20
CA ALA A 50 -33.40 -12.15 68.78
C ALA A 50 -32.40 -13.17 68.28
N ALA A 51 -31.22 -13.21 68.90
CA ALA A 51 -30.21 -14.20 68.55
C ALA A 51 -30.64 -15.61 68.93
N ALA A 52 -31.34 -15.76 70.06
CA ALA A 52 -31.72 -17.11 70.49
C ALA A 52 -32.93 -17.66 69.76
N SER A 53 -33.87 -16.80 69.34
CA SER A 53 -35.06 -17.27 68.64
C SER A 53 -34.81 -17.83 67.25
N THR A 54 -33.79 -17.33 66.54
CA THR A 54 -33.52 -17.71 65.16
C THR A 54 -32.24 -18.50 65.03
N ASP A 55 -32.26 -19.52 64.18
CA ASP A 55 -31.14 -20.44 63.96
C ASP A 55 -30.64 -20.26 62.53
N HIS A 56 -29.92 -19.16 62.29
CA HIS A 56 -29.16 -18.96 61.08
C HIS A 56 -27.71 -18.63 61.42
N SER A 57 -26.79 -19.25 60.69
CA SER A 57 -25.36 -19.00 60.92
C SER A 57 -24.99 -17.56 60.60
N ASN A 58 -25.54 -17.02 59.51
CA ASN A 58 -25.15 -15.69 59.02
C ASN A 58 -25.57 -14.59 59.99
N ILE A 59 -26.88 -14.45 60.24
CA ILE A 59 -27.37 -13.32 61.00
C ILE A 59 -26.84 -13.36 62.44
N SER A 60 -26.54 -14.56 62.94
CA SER A 60 -25.98 -14.68 64.28
C SER A 60 -24.60 -14.03 64.37
N ALA A 61 -23.81 -14.10 63.30
CA ALA A 61 -22.51 -13.44 63.30
C ALA A 61 -22.64 -11.92 63.36
N LEU A 62 -23.75 -11.36 62.84
CA LEU A 62 -23.99 -9.93 62.97
C LEU A 62 -24.26 -9.57 64.42
N TYR A 63 -25.11 -10.35 65.09
CA TYR A 63 -25.41 -10.10 66.50
C TYR A 63 -24.15 -10.20 67.36
N ALA A 64 -23.21 -11.07 66.97
CA ALA A 64 -21.94 -11.16 67.68
C ALA A 64 -21.18 -9.84 67.62
N ALA A 65 -21.02 -9.30 66.41
CA ALA A 65 -20.35 -8.01 66.26
C ALA A 65 -21.14 -6.88 66.92
N ALA A 66 -22.48 -6.93 66.82
CA ALA A 66 -23.29 -5.87 67.41
C ALA A 66 -23.27 -5.92 68.92
N SER A 67 -23.37 -7.12 69.51
CA SER A 67 -23.36 -7.25 70.97
C SER A 67 -22.04 -6.76 71.54
N ASN A 68 -20.93 -7.06 70.87
CA ASN A 68 -19.63 -6.62 71.36
C ASN A 68 -19.57 -5.09 71.39
N ILE A 69 -20.20 -4.42 70.44
CA ILE A 69 -20.23 -2.96 70.43
C ILE A 69 -21.14 -2.43 71.55
N VAL A 70 -22.32 -3.04 71.73
CA VAL A 70 -23.29 -2.48 72.67
C VAL A 70 -22.82 -2.67 74.10
N THR A 71 -22.26 -3.83 74.42
CA THR A 71 -21.74 -4.08 75.75
C THR A 71 -20.61 -3.12 76.07
N ARG A 72 -19.82 -2.76 75.08
CA ARG A 72 -18.70 -1.89 75.37
C ARG A 72 -19.14 -0.44 75.56
N CYS A 73 -20.31 -0.08 75.02
CA CYS A 73 -20.94 1.20 75.37
C CYS A 73 -21.25 1.23 76.88
N VAL A 74 -21.85 0.14 77.37
CA VAL A 74 -22.26 0.05 78.78
C VAL A 74 -21.05 0.11 79.68
N LEU A 75 -19.99 -0.63 79.34
CA LEU A 75 -18.78 -0.62 80.16
C LEU A 75 -18.18 0.77 80.19
N ASN A 76 -18.21 1.47 79.06
CA ASN A 76 -17.65 2.81 79.00
C ASN A 76 -18.47 3.80 79.80
N ALA A 77 -19.81 3.71 79.70
CA ALA A 77 -20.68 4.64 80.40
C ALA A 77 -20.65 4.43 81.90
N VAL A 78 -20.58 3.17 82.34
CA VAL A 78 -20.46 2.89 83.77
C VAL A 78 -19.09 3.32 84.27
N HIS A 79 -18.04 3.12 83.47
CA HIS A 79 -16.71 3.57 83.85
C HIS A 79 -16.69 5.08 84.08
N ALA A 80 -17.37 5.85 83.21
CA ALA A 80 -17.44 7.30 83.40
C ALA A 80 -18.25 7.68 84.62
N LEU A 81 -19.35 6.96 84.87
CA LEU A 81 -20.19 7.24 86.04
C LEU A 81 -19.42 7.02 87.34
N THR A 82 -18.84 5.82 87.52
CA THR A 82 -18.14 5.51 88.76
C THR A 82 -16.95 6.41 88.99
N SER A 83 -16.42 7.01 87.94
CA SER A 83 -15.33 7.95 88.15
C SER A 83 -15.87 9.32 88.53
N LEU A 84 -17.01 9.72 87.97
CA LEU A 84 -17.55 11.06 88.19
C LEU A 84 -18.25 11.20 89.54
N ALA A 85 -18.94 10.16 90.00
CA ALA A 85 -19.72 10.29 91.25
C ALA A 85 -18.87 10.63 92.46
N PRO A 86 -17.74 9.96 92.75
CA PRO A 86 -16.93 10.36 93.91
C PRO A 86 -16.40 11.78 93.80
N ILE A 87 -16.15 12.18 92.56
CA ILE A 87 -15.64 13.51 92.24
C ILE A 87 -16.69 14.58 92.52
N ALA A 88 -17.93 14.31 92.12
CA ALA A 88 -19.04 15.21 92.42
C ALA A 88 -19.39 15.22 93.90
N LEU A 89 -19.27 14.07 94.57
CA LEU A 89 -19.58 14.00 95.99
C LEU A 89 -18.60 14.83 96.82
N THR A 90 -17.31 14.77 96.50
CA THR A 90 -16.32 15.55 97.25
C THR A 90 -16.57 17.05 97.11
N ALA A 91 -16.94 17.50 95.91
CA ALA A 91 -17.20 18.93 95.68
C ALA A 91 -18.46 19.41 96.40
N ALA A 92 -19.57 18.67 96.28
CA ALA A 92 -20.83 19.09 96.88
C ALA A 92 -20.74 19.22 98.40
N THR A 93 -20.05 18.28 99.04
CA THR A 93 -19.79 18.25 100.48
C THR A 93 -18.29 18.10 100.62
N ASN A 94 -17.60 19.16 101.05
CA ASN A 94 -16.16 19.00 101.21
C ASN A 94 -15.82 17.93 102.25
N GLY A 95 -16.63 17.79 103.30
CA GLY A 95 -16.39 16.73 104.27
C GLY A 95 -16.43 15.37 103.61
N ALA A 96 -15.52 14.49 104.06
CA ALA A 96 -15.23 13.23 103.36
C ALA A 96 -16.50 12.42 103.15
N LYS A 97 -16.83 12.22 101.87
CA LYS A 97 -17.98 11.41 101.45
C LYS A 97 -17.57 10.87 100.08
N THR A 98 -17.39 9.54 99.95
CA THR A 98 -17.16 8.92 98.64
C THR A 98 -17.99 7.65 98.59
N SER A 99 -19.25 7.82 98.20
CA SER A 99 -20.21 6.74 98.14
C SER A 99 -21.02 6.92 96.86
N GLY A 100 -21.71 5.86 96.47
CA GLY A 100 -22.57 5.95 95.30
C GLY A 100 -23.90 6.59 95.62
N HIS A 101 -24.69 6.79 94.56
CA HIS A 101 -25.97 7.48 94.64
C HIS A 101 -25.80 8.78 95.42
N ILE A 102 -24.96 9.66 94.87
CA ILE A 102 -24.90 11.02 95.35
C ILE A 102 -26.03 11.87 94.78
N SER A 103 -26.95 11.27 94.01
CA SER A 103 -28.00 12.04 93.33
C SER A 103 -28.77 12.96 94.28
N GLU A 104 -28.96 12.52 95.52
CA GLU A 104 -29.73 13.32 96.48
C GLU A 104 -28.96 14.57 96.89
N VAL A 105 -27.65 14.47 97.08
CA VAL A 105 -26.92 15.58 97.69
C VAL A 105 -26.77 16.73 96.70
N ILE A 106 -26.36 16.45 95.46
CA ILE A 106 -26.17 17.55 94.52
C ILE A 106 -27.50 18.12 94.10
N ASP A 107 -28.55 17.28 94.02
CA ASP A 107 -29.88 17.78 93.69
C ASP A 107 -30.33 18.84 94.68
N ILE A 108 -30.19 18.56 95.98
CA ILE A 108 -30.59 19.56 96.98
C ILE A 108 -29.57 20.68 97.04
N LEU A 109 -28.29 20.37 96.81
CA LEU A 109 -27.31 21.42 96.62
C LEU A 109 -27.71 22.33 95.46
N GLN A 110 -28.14 21.74 94.33
CA GLN A 110 -28.50 22.56 93.18
C GLN A 110 -29.58 23.58 93.54
N GLN A 111 -30.48 23.23 94.46
CA GLN A 111 -31.53 24.14 94.89
C GLN A 111 -31.13 24.87 96.17
N ALA A 112 -31.32 24.25 97.33
CA ALA A 112 -31.00 24.88 98.60
C ALA A 112 -30.96 23.79 99.65
N SER A 113 -30.26 24.07 100.74
CA SER A 113 -30.11 23.17 101.90
C SER A 113 -29.13 22.02 101.63
N THR A 131 -13.50 25.17 96.75
CA THR A 131 -13.39 25.45 95.33
C THR A 131 -12.48 24.45 94.62
N VAL A 132 -11.56 23.84 95.38
CA VAL A 132 -10.62 22.86 94.82
C VAL A 132 -11.39 21.71 94.20
N ALA A 133 -12.36 21.16 94.94
CA ALA A 133 -13.12 20.01 94.45
C ALA A 133 -14.02 20.40 93.27
N ILE A 134 -14.47 21.66 93.21
CA ILE A 134 -15.24 22.12 92.04
C ILE A 134 -14.35 22.17 90.82
N ARG A 135 -13.13 22.69 90.96
CA ARG A 135 -12.15 22.64 89.88
C ARG A 135 -11.90 21.21 89.46
N GLN A 136 -11.68 20.34 90.44
CA GLN A 136 -11.56 18.91 90.15
C GLN A 136 -12.75 18.41 89.32
N LEU A 137 -13.98 18.82 89.68
CA LEU A 137 -15.19 18.37 88.97
C LEU A 137 -15.29 18.92 87.55
N TYR A 138 -15.10 20.24 87.38
CA TYR A 138 -15.19 20.89 86.07
C TYR A 138 -14.30 20.20 85.05
N ASN A 139 -13.08 19.86 85.45
CA ASN A 139 -12.16 19.21 84.53
C ASN A 139 -12.70 17.85 84.12
N LYS A 140 -13.24 17.09 85.08
CA LYS A 140 -13.74 15.76 84.75
C LYS A 140 -14.93 15.84 83.81
N ILE A 141 -15.78 16.87 83.98
CA ILE A 141 -16.85 17.12 83.02
C ILE A 141 -16.29 17.51 81.66
N GLY A 142 -15.26 18.36 81.61
CA GLY A 142 -14.64 18.64 80.33
C GLY A 142 -13.99 17.40 79.75
N ASP A 143 -13.38 16.59 80.61
CA ASP A 143 -12.84 15.31 80.17
C ASP A 143 -13.93 14.40 79.64
N LEU A 144 -15.08 14.32 80.35
CA LEU A 144 -16.19 13.46 79.95
C LEU A 144 -16.69 13.79 78.53
N GLU A 145 -16.95 15.08 78.26
CA GLU A 145 -17.47 15.48 76.94
C GLU A 145 -16.42 15.21 75.88
N LYS A 146 -15.13 15.17 76.27
CA LYS A 146 -14.05 14.87 75.33
C LYS A 146 -14.47 13.61 74.61
N GLN A 147 -14.97 12.66 75.39
CA GLN A 147 -15.54 11.44 74.86
C GLN A 147 -17.03 11.54 74.54
N THR A 148 -17.58 12.75 74.35
CA THR A 148 -18.99 12.83 73.96
C THR A 148 -19.17 12.32 72.54
N THR A 149 -18.17 12.47 71.69
CA THR A 149 -18.29 11.94 70.34
C THR A 149 -18.33 10.42 70.34
N ASN A 150 -17.59 9.80 71.24
CA ASN A 150 -17.59 8.34 71.39
C ASN A 150 -18.61 7.96 72.47
N ASN A 151 -19.89 8.22 72.16
CA ASN A 151 -20.98 7.87 73.08
C ASN A 151 -22.16 7.37 72.28
N CYS A 152 -22.58 6.14 72.56
CA CYS A 152 -23.75 5.63 71.88
C CYS A 152 -24.99 6.38 72.38
N GLY A 153 -26.15 6.03 71.81
CA GLY A 153 -27.35 6.83 71.99
C GLY A 153 -27.80 6.91 73.42
N THR A 154 -28.78 7.76 73.60
CA THR A 154 -29.50 7.87 74.85
C THR A 154 -30.86 7.20 74.79
N SER A 155 -31.29 6.77 73.59
CA SER A 155 -32.47 5.94 73.43
C SER A 155 -32.11 4.70 72.63
N VAL A 156 -33.06 3.77 72.53
CA VAL A 156 -32.81 2.51 71.83
C VAL A 156 -32.66 2.75 70.33
N THR A 157 -33.44 3.69 69.79
CA THR A 157 -33.26 4.07 68.39
C THR A 157 -31.89 4.70 68.19
N GLU A 158 -31.47 5.54 69.15
CA GLU A 158 -30.18 6.21 69.05
C GLU A 158 -29.01 5.23 69.09
N VAL A 159 -29.05 4.25 70.00
CA VAL A 159 -27.95 3.30 70.08
C VAL A 159 -27.90 2.46 68.81
N LEU A 160 -29.07 2.08 68.29
CA LEU A 160 -29.13 1.36 67.02
C LEU A 160 -28.43 2.12 65.90
N GLU A 161 -28.65 3.43 65.83
CA GLU A 161 -27.95 4.23 64.83
C GLU A 161 -26.45 4.15 65.02
N HIS A 162 -25.99 4.22 66.27
CA HIS A 162 -24.56 4.09 66.55
C HIS A 162 -24.03 2.71 66.16
N ILE A 163 -24.85 1.66 66.31
CA ILE A 163 -24.41 0.31 65.96
C ILE A 163 -24.06 0.23 64.49
N LEU A 164 -24.96 0.71 63.63
CA LEU A 164 -24.78 0.55 62.20
C LEU A 164 -23.69 1.45 61.65
N LYS A 165 -23.41 2.57 62.33
CA LYS A 165 -22.34 3.46 61.90
C LYS A 165 -20.94 2.86 62.08
N GLN A 166 -20.76 1.86 62.94
CA GLN A 166 -19.43 1.36 63.30
C GLN A 166 -18.81 0.51 62.18
N GLU A 167 -17.55 0.75 61.85
CA GLU A 167 -16.85 -0.19 60.95
C GLU A 167 -16.90 -1.65 61.38
N ALA A 168 -16.80 -1.93 62.68
CA ALA A 168 -16.81 -3.34 63.09
C ALA A 168 -18.08 -4.05 62.62
N LEU A 169 -19.24 -3.39 62.70
CA LEU A 169 -20.46 -4.01 62.22
C LEU A 169 -20.50 -4.07 60.70
N LYS A 170 -20.08 -3.00 60.04
CA LYS A 170 -20.04 -3.01 58.58
C LYS A 170 -19.08 -4.07 58.07
N GLU A 171 -17.91 -4.20 58.71
CA GLU A 171 -16.94 -5.20 58.30
C GLU A 171 -17.51 -6.61 58.45
N ALA A 172 -18.21 -6.86 59.57
CA ALA A 172 -18.85 -8.15 59.78
C ALA A 172 -19.94 -8.42 58.75
N LEU A 173 -20.74 -7.40 58.43
CA LEU A 173 -21.84 -7.59 57.50
C LEU A 173 -21.36 -7.90 56.09
N LEU A 174 -20.28 -7.25 55.63
CA LEU A 174 -19.85 -7.44 54.26
C LEU A 174 -19.18 -8.79 54.07
N SER A 175 -18.47 -9.25 55.09
CA SER A 175 -17.83 -10.56 55.03
C SER A 175 -18.87 -11.68 54.85
N ILE A 176 -20.06 -11.51 55.43
CA ILE A 176 -21.10 -12.54 55.33
C ILE A 176 -21.69 -12.58 53.92
N VAL A 177 -21.92 -11.42 53.30
CA VAL A 177 -22.55 -11.37 51.97
C VAL A 177 -21.57 -11.57 50.82
N LYS A 178 -20.26 -11.53 51.05
CA LYS A 178 -19.34 -11.64 49.93
C LYS A 178 -19.33 -13.06 49.35
N LYS A 179 -19.20 -13.13 48.03
CA LYS A 179 -19.07 -14.39 47.31
C LYS A 179 -17.70 -14.43 46.64
N PRO A 180 -17.07 -15.60 46.57
CA PRO A 180 -15.70 -15.65 45.99
C PRO A 180 -15.61 -15.23 44.53
N LYS A 181 -16.59 -15.61 43.71
CA LYS A 181 -16.56 -15.30 42.28
C LYS A 181 -17.25 -13.99 41.92
N GLY A 182 -18.58 -14.04 41.86
CA GLY A 182 -19.39 -12.90 41.49
C GLY A 182 -19.46 -11.81 42.56
N ALA A 183 -20.21 -10.77 42.23
CA ALA A 183 -20.39 -9.62 43.09
C ALA A 183 -21.09 -10.01 44.40
N PRO A 184 -20.83 -9.28 45.49
CA PRO A 184 -21.51 -9.58 46.75
C PRO A 184 -23.02 -9.39 46.57
N ASP A 185 -23.79 -10.16 47.33
CA ASP A 185 -25.23 -10.18 47.11
C ASP A 185 -25.87 -8.98 47.81
N LYS A 186 -26.46 -8.08 47.02
CA LYS A 186 -27.08 -6.88 47.56
C LYS A 186 -28.39 -7.19 48.26
N THR A 187 -29.16 -8.15 47.75
CA THR A 187 -30.44 -8.47 48.36
C THR A 187 -30.28 -9.07 49.74
N ALA A 188 -29.22 -9.86 49.97
CA ALA A 188 -28.99 -10.44 51.28
C ALA A 188 -28.60 -9.37 52.30
N ALA A 189 -27.77 -8.40 51.89
CA ALA A 189 -27.41 -7.30 52.77
C ALA A 189 -28.64 -6.54 53.24
N ASP A 190 -29.60 -6.33 52.34
CA ASP A 190 -30.87 -5.73 52.73
C ASP A 190 -31.55 -6.57 53.80
N GLU A 191 -31.65 -7.88 53.56
CA GLU A 191 -32.37 -8.75 54.49
C GLU A 191 -31.68 -8.82 55.84
N LEU A 192 -30.35 -8.90 55.87
CA LEU A 192 -29.65 -9.00 57.15
C LEU A 192 -29.79 -7.73 57.97
N VAL A 193 -29.69 -6.57 57.33
CA VAL A 193 -29.83 -5.32 58.07
C VAL A 193 -31.25 -5.16 58.57
N THR A 194 -32.24 -5.58 57.78
CA THR A 194 -33.63 -5.50 58.21
C THR A 194 -33.89 -6.39 59.42
N ALA A 195 -33.37 -7.63 59.39
CA ALA A 195 -33.54 -8.52 60.53
C ALA A 195 -32.90 -7.94 61.79
N LEU A 196 -31.70 -7.37 61.65
CA LEU A 196 -31.04 -6.73 62.78
C LEU A 196 -31.88 -5.58 63.32
N ILE A 197 -32.48 -4.79 62.43
CA ILE A 197 -33.25 -3.62 62.84
C ILE A 197 -34.54 -4.08 63.52
N ASN A 198 -35.08 -5.23 63.10
CA ASN A 198 -36.23 -5.78 63.82
C ASN A 198 -35.83 -6.52 65.09
N GLY A 199 -34.54 -6.79 65.29
CA GLY A 199 -34.10 -7.25 66.59
C GLY A 199 -34.11 -6.14 67.63
N VAL A 200 -33.59 -4.97 67.26
CA VAL A 200 -33.43 -3.86 68.20
C VAL A 200 -34.69 -3.02 68.32
N VAL A 201 -35.33 -2.64 67.22
CA VAL A 201 -36.52 -1.80 67.25
C VAL A 201 -37.65 -2.55 66.55
N PRO A 202 -38.53 -3.18 67.31
CA PRO A 202 -39.53 -4.08 66.68
C PRO A 202 -40.54 -3.35 65.83
N ASN A 203 -40.91 -2.13 66.21
CA ASN A 203 -41.94 -1.37 65.52
C ASN A 203 -41.29 -0.41 64.52
N SER A 204 -41.60 -0.61 63.24
CA SER A 204 -40.88 0.12 62.21
C SER A 204 -41.43 1.54 62.10
N THR A 205 -40.54 2.46 61.77
CA THR A 205 -40.87 3.87 61.66
C THR A 205 -40.33 4.38 60.33
N ALA A 206 -40.79 5.57 59.96
CA ALA A 206 -40.19 6.23 58.81
C ALA A 206 -38.71 6.48 59.06
N GLN A 207 -38.34 6.80 60.31
CA GLN A 207 -36.94 7.03 60.65
C GLN A 207 -36.13 5.74 60.58
N THR A 208 -36.70 4.62 61.04
CA THR A 208 -35.99 3.36 60.96
C THR A 208 -35.75 2.97 59.50
N GLN A 209 -36.75 3.17 58.64
CA GLN A 209 -36.58 2.87 57.22
C GLN A 209 -35.50 3.75 56.61
N LYS A 210 -35.56 5.06 56.87
CA LYS A 210 -34.54 5.96 56.35
C LYS A 210 -33.17 5.68 56.95
N LEU A 211 -33.12 5.23 58.20
CA LEU A 211 -31.85 4.86 58.80
C LEU A 211 -31.27 3.60 58.15
N LYS A 212 -32.15 2.64 57.85
CA LYS A 212 -31.71 1.44 57.14
C LYS A 212 -31.18 1.79 55.75
N GLU A 213 -31.86 2.71 55.05
CA GLU A 213 -31.43 3.08 53.71
C GLU A 213 -30.12 3.86 53.74
N LYS A 214 -29.94 4.71 54.76
CA LYS A 214 -28.73 5.51 54.83
C LYS A 214 -27.50 4.64 55.05
N ILE A 215 -27.61 3.63 55.91
CA ILE A 215 -26.47 2.76 56.20
C ILE A 215 -26.14 1.89 54.99
N LEU A 216 -27.16 1.29 54.38
CA LEU A 216 -26.92 0.48 53.19
C LEU A 216 -26.34 1.31 52.06
N ASN A 217 -26.76 2.58 51.94
CA ASN A 217 -26.22 3.45 50.90
C ASN A 217 -24.74 3.74 51.10
N THR A 218 -24.32 3.95 52.36
CA THR A 218 -22.91 4.23 52.61
C THR A 218 -22.01 3.06 52.27
N LEU A 219 -22.59 1.87 52.05
CA LEU A 219 -21.83 0.68 51.69
C LEU A 219 -21.85 0.38 50.19
N VAL A 220 -22.67 1.11 49.42
CA VAL A 220 -22.78 0.87 47.97
C VAL A 220 -21.41 0.75 47.30
N PRO A 221 -20.40 1.57 47.63
CA PRO A 221 -19.10 1.35 46.98
C PRO A 221 -18.55 -0.05 47.17
N LYS A 222 -18.74 -0.66 48.34
CA LYS A 222 -18.13 -1.99 48.55
C LYS A 222 -18.99 -3.16 48.07
N LEU A 223 -20.27 -2.96 47.77
CA LEU A 223 -21.07 -4.07 47.27
C LEU A 223 -21.05 -4.17 45.75
N VAL A 224 -20.11 -3.51 45.07
CA VAL A 224 -19.95 -3.62 43.63
C VAL A 224 -18.54 -4.07 43.24
N GLU A 225 -17.72 -4.47 44.22
CA GLU A 225 -16.37 -4.90 43.93
C GLU A 225 -16.38 -6.26 43.22
N GLY A 226 -15.29 -6.52 42.51
CA GLY A 226 -15.15 -7.76 41.76
C GLY A 226 -15.75 -7.68 40.37
N GLU B 4 -28.10 -3.51 26.63
CA GLU B 4 -28.38 -4.14 27.92
C GLU B 4 -29.57 -3.57 28.69
N VAL B 5 -29.29 -2.73 29.68
CA VAL B 5 -30.32 -2.05 30.45
C VAL B 5 -30.94 -1.01 29.54
N LYS B 6 -32.27 -1.00 29.49
CA LYS B 6 -32.97 -0.14 28.56
C LYS B 6 -34.14 0.42 29.37
N LEU B 7 -34.33 1.73 29.39
CA LEU B 7 -35.54 2.33 29.92
C LEU B 7 -35.97 3.31 28.85
N GLU B 8 -37.23 3.28 28.49
CA GLU B 8 -37.79 4.24 27.56
C GLU B 8 -38.90 4.95 28.28
N GLU B 9 -39.14 6.19 27.92
CA GLU B 9 -40.28 6.92 28.45
C GLU B 9 -41.32 7.09 27.34
N SER B 10 -42.60 7.11 27.73
CA SER B 10 -43.69 7.32 26.78
C SER B 10 -44.86 8.00 27.49
N GLY B 11 -45.76 8.55 26.69
CA GLY B 11 -46.95 9.21 27.20
C GLY B 11 -46.92 10.72 27.18
N GLY B 12 -45.81 11.33 26.77
CA GLY B 12 -45.74 12.77 26.74
C GLY B 12 -46.58 13.37 25.62
N GLY B 13 -46.98 14.62 25.82
CA GLY B 13 -47.77 15.29 24.82
C GLY B 13 -48.20 16.66 25.30
N LEU B 14 -49.21 17.21 24.64
CA LEU B 14 -49.73 18.53 24.97
C LEU B 14 -50.90 18.36 25.93
N VAL B 15 -50.89 19.13 27.02
CA VAL B 15 -51.91 19.07 28.06
C VAL B 15 -52.41 20.47 28.33
N GLN B 16 -53.71 20.59 28.57
CA GLN B 16 -54.28 21.87 28.93
C GLN B 16 -54.00 22.17 30.40
N PRO B 17 -53.83 23.44 30.76
CA PRO B 17 -53.59 23.79 32.17
C PRO B 17 -54.68 23.23 33.06
N GLY B 18 -54.27 22.68 34.20
CA GLY B 18 -55.19 22.02 35.10
C GLY B 18 -55.51 20.59 34.76
N GLY B 19 -55.14 20.13 33.56
CA GLY B 19 -55.42 18.78 33.12
C GLY B 19 -54.49 17.76 33.77
N SER B 20 -54.64 16.51 33.32
CA SER B 20 -53.86 15.40 33.85
C SER B 20 -53.21 14.63 32.70
N LEU B 21 -52.16 13.90 33.05
CA LEU B 21 -51.40 13.11 32.10
C LEU B 21 -50.67 12.02 32.86
N ARG B 22 -50.54 10.85 32.25
CA ARG B 22 -49.80 9.74 32.83
C ARG B 22 -48.67 9.37 31.88
N VAL B 23 -47.44 9.42 32.36
CA VAL B 23 -46.29 8.98 31.60
C VAL B 23 -45.83 7.65 32.19
N SER B 24 -45.18 6.83 31.35
CA SER B 24 -44.78 5.50 31.76
C SER B 24 -43.37 5.22 31.27
N CYS B 25 -42.73 4.25 31.92
CA CYS B 25 -41.35 3.87 31.61
C CYS B 25 -41.26 2.34 31.52
N ALA B 26 -41.02 1.81 30.32
CA ALA B 26 -40.80 0.37 30.17
C ALA B 26 -39.33 0.05 30.28
N THR B 27 -39.01 -0.87 31.15
CA THR B 27 -37.65 -1.25 31.44
C THR B 27 -37.41 -2.70 31.05
N SER B 28 -36.18 -2.99 30.67
CA SER B 28 -35.75 -4.34 30.37
C SER B 28 -34.26 -4.42 30.59
N GLY B 29 -33.75 -5.64 30.69
CA GLY B 29 -32.32 -5.85 30.83
C GLY B 29 -31.83 -5.92 32.26
N PHE B 30 -32.72 -5.91 33.24
CA PHE B 30 -32.33 -6.00 34.64
C PHE B 30 -33.55 -6.40 35.45
N THR B 31 -33.31 -6.87 36.66
CA THR B 31 -34.38 -7.34 37.55
C THR B 31 -35.07 -6.12 38.15
N PHE B 32 -36.15 -5.70 37.49
CA PHE B 32 -36.89 -4.50 37.89
C PHE B 32 -37.25 -4.51 39.37
N THR B 33 -37.65 -5.67 39.89
CA THR B 33 -38.17 -5.75 41.26
C THR B 33 -37.10 -5.38 42.30
N ASP B 34 -35.82 -5.54 41.98
CA ASP B 34 -34.80 -5.33 42.99
C ASP B 34 -34.36 -3.87 43.13
N TYR B 35 -34.89 -2.96 42.32
CA TYR B 35 -34.34 -1.61 42.22
C TYR B 35 -35.34 -0.54 42.65
N TYR B 36 -34.84 0.47 43.33
CA TYR B 36 -35.57 1.73 43.46
C TYR B 36 -35.58 2.45 42.11
N MET B 37 -36.65 3.20 41.87
CA MET B 37 -36.78 3.94 40.62
C MET B 37 -37.17 5.39 40.90
N ASN B 38 -36.60 6.30 40.11
CA ASN B 38 -36.79 7.73 40.27
C ASN B 38 -37.50 8.34 39.06
N TRP B 39 -38.07 9.53 39.27
CA TRP B 39 -38.52 10.39 38.18
C TRP B 39 -37.79 11.73 38.30
N VAL B 40 -37.28 12.23 37.18
CA VAL B 40 -36.58 13.50 37.12
C VAL B 40 -37.09 14.25 35.89
N ARG B 41 -37.18 15.58 36.00
CA ARG B 41 -37.63 16.40 34.89
C ARG B 41 -36.65 17.54 34.66
N GLN B 42 -36.72 18.11 33.46
CA GLN B 42 -35.87 19.22 33.09
C GLN B 42 -36.63 20.17 32.18
N PRO B 43 -37.04 21.33 32.68
CA PRO B 43 -37.70 22.30 31.81
C PRO B 43 -36.78 22.76 30.75
N PRO B 44 -37.28 23.18 29.59
CA PRO B 44 -36.41 23.62 28.49
C PRO B 44 -35.45 24.71 28.92
N GLY B 45 -34.15 24.46 28.78
CA GLY B 45 -33.14 25.44 29.12
C GLY B 45 -32.85 25.62 30.59
N LYS B 46 -33.31 24.72 31.45
CA LYS B 46 -33.15 24.88 32.90
C LYS B 46 -32.47 23.63 33.48
N ALA B 47 -32.30 23.65 34.80
CA ALA B 47 -31.55 22.61 35.47
C ALA B 47 -32.40 21.37 35.71
N LEU B 48 -31.72 20.26 35.96
CA LEU B 48 -32.41 19.03 36.33
C LEU B 48 -33.11 19.22 37.67
N GLU B 49 -34.25 18.55 37.82
CA GLU B 49 -35.04 18.64 39.04
C GLU B 49 -35.55 17.26 39.42
N TRP B 50 -35.15 16.78 40.60
CA TRP B 50 -35.61 15.50 41.10
C TRP B 50 -37.06 15.61 41.56
N LEU B 51 -37.89 14.65 41.15
CA LEU B 51 -39.31 14.68 41.48
C LEU B 51 -39.68 13.69 42.58
N GLY B 52 -39.11 12.49 42.57
CA GLY B 52 -39.43 11.52 43.59
C GLY B 52 -38.87 10.17 43.21
N PHE B 53 -38.98 9.24 44.16
CA PHE B 53 -38.65 7.85 43.89
C PHE B 53 -39.66 6.94 44.57
N ILE B 54 -39.69 5.69 44.11
CA ILE B 54 -40.53 4.64 44.67
C ILE B 54 -39.64 3.49 45.11
N ARG B 55 -39.93 2.95 46.30
CA ARG B 55 -39.16 1.86 46.86
C ARG B 55 -39.55 0.54 46.19
N ASN B 56 -38.70 -0.47 46.34
CA ASN B 56 -38.97 -1.78 45.76
C ASN B 56 -39.90 -2.60 46.66
N LYS B 57 -40.10 -3.87 46.28
CA LYS B 57 -41.03 -4.75 47.00
C LYS B 57 -40.56 -4.98 48.42
N ALA B 58 -39.25 -5.18 48.56
CA ALA B 58 -38.65 -5.49 49.85
C ALA B 58 -38.76 -4.34 50.83
N ASN B 59 -39.00 -3.12 50.36
CA ASN B 59 -39.03 -1.97 51.25
C ASN B 59 -40.39 -1.26 51.28
N GLY B 60 -41.44 -1.93 50.82
CA GLY B 60 -42.80 -1.49 51.08
C GLY B 60 -43.49 -0.68 50.01
N TYR B 61 -42.88 -0.52 48.84
CA TYR B 61 -43.49 0.19 47.71
C TYR B 61 -43.82 1.66 48.03
N THR B 62 -43.26 2.21 49.10
CA THR B 62 -43.57 3.58 49.48
C THR B 62 -42.75 4.58 48.65
N THR B 63 -43.13 5.86 48.75
CA THR B 63 -42.61 6.89 47.86
C THR B 63 -42.12 8.10 48.64
N GLU B 64 -41.21 8.85 48.00
CA GLU B 64 -40.80 10.18 48.44
C GLU B 64 -40.97 11.15 47.28
N TYR B 65 -41.25 12.41 47.61
CA TYR B 65 -41.51 13.43 46.59
C TYR B 65 -40.87 14.75 46.98
N SER B 66 -40.51 15.54 45.97
CA SER B 66 -40.16 16.92 46.22
C SER B 66 -41.42 17.74 46.48
N ALA B 67 -41.24 18.87 47.19
CA ALA B 67 -42.39 19.66 47.61
C ALA B 67 -43.11 20.31 46.43
N SER B 68 -42.39 20.65 45.37
CA SER B 68 -43.01 21.26 44.19
C SER B 68 -44.04 20.35 43.54
N VAL B 69 -44.03 19.07 43.92
CA VAL B 69 -44.81 18.05 43.23
C VAL B 69 -45.63 17.20 44.19
N LYS B 70 -45.31 17.22 45.49
CA LYS B 70 -46.08 16.53 46.53
C LYS B 70 -47.56 16.86 46.43
N GLY B 71 -48.39 15.81 46.47
CA GLY B 71 -49.83 15.96 46.45
C GLY B 71 -50.45 15.99 45.07
N ARG B 72 -49.70 16.41 44.05
CA ARG B 72 -50.21 16.44 42.68
C ARG B 72 -49.79 15.24 41.86
N PHE B 73 -48.58 14.73 42.06
CA PHE B 73 -48.06 13.61 41.29
C PHE B 73 -48.02 12.35 42.14
N THR B 74 -48.19 11.21 41.49
CA THR B 74 -48.14 9.91 42.16
C THR B 74 -47.27 8.96 41.34
N ILE B 75 -46.24 8.41 41.97
CA ILE B 75 -45.40 7.40 41.34
C ILE B 75 -45.92 6.02 41.72
N SER B 76 -46.04 5.14 40.73
CA SER B 76 -46.43 3.75 40.95
C SER B 76 -45.63 2.85 40.03
N ARG B 77 -45.64 1.56 40.34
CA ARG B 77 -44.91 0.58 39.54
C ARG B 77 -45.71 -0.70 39.40
N ASP B 78 -45.45 -1.41 38.30
CA ASP B 78 -46.03 -2.72 38.00
C ASP B 78 -44.86 -3.70 37.88
N ASP B 79 -44.62 -4.45 38.96
CA ASP B 79 -43.51 -5.40 38.98
C ASP B 79 -43.72 -6.56 38.02
N SER B 80 -44.98 -6.90 37.74
CA SER B 80 -45.26 -8.01 36.83
C SER B 80 -44.79 -7.70 35.41
N GLN B 81 -44.94 -6.46 34.96
CA GLN B 81 -44.55 -6.07 33.62
C GLN B 81 -43.26 -5.27 33.59
N SER B 82 -42.66 -4.99 34.75
CA SER B 82 -41.40 -4.25 34.86
C SER B 82 -41.50 -2.86 34.23
N ILE B 83 -42.59 -2.17 34.58
CA ILE B 83 -42.94 -0.85 34.07
C ILE B 83 -43.07 0.12 35.24
N LEU B 84 -42.58 1.34 35.06
CA LEU B 84 -42.74 2.40 36.04
C LEU B 84 -43.65 3.52 35.52
N TYR B 85 -44.52 4.03 36.40
CA TYR B 85 -45.50 5.06 36.06
C TYR B 85 -45.28 6.32 36.91
N LEU B 86 -45.65 7.46 36.32
CA LEU B 86 -45.82 8.72 37.05
C LEU B 86 -47.11 9.38 36.61
N GLN B 87 -48.03 9.59 37.56
CA GLN B 87 -49.34 10.16 37.30
C GLN B 87 -49.35 11.63 37.70
N MET B 88 -49.60 12.51 36.73
CA MET B 88 -49.54 13.95 36.94
C MET B 88 -50.94 14.54 36.90
N ASN B 89 -51.30 15.31 37.93
CA ASN B 89 -52.59 15.98 38.02
C ASN B 89 -52.38 17.47 38.27
N THR B 90 -53.41 18.26 37.93
CA THR B 90 -53.41 19.70 38.13
C THR B 90 -52.15 20.35 37.57
N LEU B 91 -51.89 20.08 36.29
CA LEU B 91 -50.67 20.57 35.65
C LEU B 91 -50.73 22.08 35.42
N ARG B 92 -49.57 22.71 35.51
CA ARG B 92 -49.40 24.13 35.30
C ARG B 92 -48.40 24.31 34.15
N ALA B 93 -48.33 25.55 33.64
CA ALA B 93 -47.47 25.80 32.48
C ALA B 93 -46.01 25.47 32.76
N GLU B 94 -45.51 25.86 33.93
CA GLU B 94 -44.12 25.58 34.30
C GLU B 94 -43.85 24.11 34.61
N ASP B 95 -44.86 23.23 34.56
CA ASP B 95 -44.59 21.80 34.60
C ASP B 95 -44.15 21.27 33.24
N SER B 96 -44.14 22.13 32.22
CA SER B 96 -43.64 21.74 30.90
C SER B 96 -42.16 21.42 30.97
N ALA B 97 -41.80 20.18 30.62
CA ALA B 97 -40.43 19.73 30.76
C ALA B 97 -40.31 18.38 30.06
N SER B 98 -39.07 17.96 29.86
CA SER B 98 -38.80 16.56 29.54
C SER B 98 -38.74 15.77 30.83
N TYR B 99 -39.47 14.66 30.88
CA TYR B 99 -39.57 13.85 32.09
C TYR B 99 -38.75 12.58 31.91
N TYR B 100 -37.78 12.38 32.79
CA TYR B 100 -36.84 11.28 32.69
C TYR B 100 -37.12 10.23 33.76
N CYS B 101 -37.10 8.97 33.35
CA CYS B 101 -37.18 7.83 34.24
C CYS B 101 -35.76 7.35 34.48
N ALA B 102 -35.40 7.15 35.75
CA ALA B 102 -34.01 6.86 36.11
C ALA B 102 -33.95 5.79 37.19
N ARG B 103 -33.10 4.80 36.99
CA ARG B 103 -32.92 3.71 37.93
C ARG B 103 -31.93 4.11 39.01
N ASP B 104 -32.26 3.76 40.26
CA ASP B 104 -31.44 4.11 41.40
C ASP B 104 -30.32 3.10 41.60
N LYS B 105 -29.13 3.60 41.93
CA LYS B 105 -28.00 2.73 42.20
C LYS B 105 -28.08 2.06 43.58
N GLY B 106 -28.80 2.66 44.52
CA GLY B 106 -28.93 2.10 45.86
C GLY B 106 -30.32 2.19 46.44
N TRP B 107 -30.44 2.72 47.65
CA TRP B 107 -31.72 2.85 48.34
C TRP B 107 -32.08 4.33 48.49
N GLY B 108 -32.38 4.98 47.37
CA GLY B 108 -32.56 6.43 47.39
C GLY B 108 -31.19 7.06 47.40
N TYR B 109 -30.42 6.70 46.38
CA TYR B 109 -28.99 7.05 46.27
C TYR B 109 -28.72 7.89 45.02
N ALA B 110 -27.77 7.48 44.18
CA ALA B 110 -27.52 8.07 42.86
C ALA B 110 -28.22 7.27 41.76
N MET B 111 -28.44 7.93 40.61
CA MET B 111 -29.16 7.37 39.47
C MET B 111 -28.14 6.96 38.40
N ASP B 112 -28.05 5.67 38.14
CA ASP B 112 -27.01 5.13 37.27
C ASP B 112 -27.49 4.82 35.87
N TYR B 113 -28.81 4.80 35.62
CA TYR B 113 -29.32 4.59 34.28
C TYR B 113 -30.54 5.48 34.04
N TRP B 114 -30.56 6.13 32.88
CA TRP B 114 -31.61 7.08 32.54
C TRP B 114 -32.21 6.73 31.18
N GLY B 115 -33.49 7.01 31.02
CA GLY B 115 -34.15 6.90 29.73
C GLY B 115 -33.90 8.12 28.85
N GLN B 116 -34.38 8.03 27.61
CA GLN B 116 -34.26 9.16 26.70
C GLN B 116 -35.12 10.34 27.13
N GLY B 117 -36.21 10.10 27.84
CA GLY B 117 -37.04 11.19 28.28
C GLY B 117 -38.25 11.35 27.38
N THR B 118 -39.33 11.88 27.96
CA THR B 118 -40.55 12.15 27.22
C THR B 118 -40.98 13.59 27.51
N SER B 119 -41.44 14.28 26.47
CA SER B 119 -41.69 15.71 26.53
C SER B 119 -43.15 15.99 26.82
N VAL B 120 -43.40 16.89 27.78
CA VAL B 120 -44.75 17.33 28.14
C VAL B 120 -44.80 18.84 28.01
N THR B 121 -45.81 19.34 27.31
CA THR B 121 -46.06 20.77 27.19
C THR B 121 -47.44 21.06 27.78
N VAL B 122 -47.49 21.95 28.75
CA VAL B 122 -48.75 22.37 29.38
C VAL B 122 -49.07 23.78 28.87
N SER B 123 -50.16 23.89 28.12
CA SER B 123 -50.51 25.14 27.46
C SER B 123 -51.94 25.05 26.95
N SER B 124 -52.58 26.20 26.82
CA SER B 124 -53.92 26.26 26.26
C SER B 124 -53.93 26.47 24.75
N ALA B 125 -52.77 26.69 24.12
CA ALA B 125 -52.69 26.78 22.67
C ALA B 125 -52.87 25.39 22.05
N LYS B 126 -53.45 25.35 20.86
CA LYS B 126 -53.58 24.00 20.33
C LYS B 126 -52.56 23.62 19.28
N THR B 127 -52.53 22.30 19.07
CA THR B 127 -51.57 21.65 18.19
C THR B 127 -51.71 22.19 16.77
N THR B 128 -50.55 22.54 16.20
CA THR B 128 -50.48 23.06 14.85
C THR B 128 -49.41 22.26 14.11
N PRO B 129 -49.75 21.65 12.98
CA PRO B 129 -48.74 20.92 12.23
C PRO B 129 -47.80 21.89 11.53
N PRO B 130 -46.56 21.48 11.27
CA PRO B 130 -45.60 22.40 10.66
C PRO B 130 -45.77 22.53 9.16
N SER B 131 -45.38 23.69 8.64
CA SER B 131 -45.16 23.88 7.22
C SER B 131 -43.70 23.57 6.92
N VAL B 132 -43.47 22.75 5.90
CA VAL B 132 -42.13 22.26 5.54
C VAL B 132 -41.81 22.79 4.16
N TYR B 133 -40.77 23.62 4.07
CA TYR B 133 -40.38 24.23 2.81
C TYR B 133 -38.98 23.79 2.43
N PRO B 134 -38.76 23.40 1.18
CA PRO B 134 -37.40 23.02 0.76
C PRO B 134 -36.53 24.24 0.52
N LEU B 135 -35.26 24.11 0.89
CA LEU B 135 -34.27 25.15 0.66
C LEU B 135 -33.26 24.60 -0.33
N ALA B 136 -33.33 25.09 -1.56
CA ALA B 136 -32.46 24.75 -2.67
C ALA B 136 -31.56 25.94 -3.02
N PRO B 137 -30.37 25.68 -3.57
CA PRO B 137 -29.47 26.79 -3.92
C PRO B 137 -30.15 27.73 -4.91
N GLY B 138 -29.89 29.02 -4.75
CA GLY B 138 -30.44 30.00 -5.66
C GLY B 138 -29.81 30.04 -7.03
N SER B 139 -28.82 29.19 -7.29
CA SER B 139 -28.07 29.13 -8.54
C SER B 139 -27.26 30.40 -8.80
N ALA B 140 -27.00 31.20 -7.76
CA ALA B 140 -26.11 32.34 -7.91
C ALA B 140 -24.67 31.88 -7.79
N ALA B 141 -24.42 30.94 -6.87
CA ALA B 141 -23.14 30.27 -6.72
C ALA B 141 -23.43 28.81 -7.03
N GLN B 142 -23.58 28.53 -8.32
CA GLN B 142 -23.86 27.22 -8.87
C GLN B 142 -22.95 26.10 -8.37
N THR B 143 -21.68 26.14 -8.78
CA THR B 143 -20.82 24.99 -8.66
C THR B 143 -19.93 25.11 -7.44
N ASN B 144 -19.78 24.02 -6.69
CA ASN B 144 -18.57 23.68 -5.95
C ASN B 144 -18.77 22.22 -5.55
N SER B 145 -17.68 21.58 -5.13
CA SER B 145 -17.70 20.13 -4.95
C SER B 145 -18.65 19.68 -3.84
N MET B 146 -18.82 20.48 -2.80
CA MET B 146 -19.83 20.19 -1.76
C MET B 146 -20.95 21.21 -1.89
N VAL B 147 -22.19 20.72 -1.90
CA VAL B 147 -23.37 21.59 -1.99
C VAL B 147 -24.17 21.44 -0.70
N THR B 148 -24.69 22.56 -0.21
CA THR B 148 -25.48 22.60 1.01
C THR B 148 -26.95 22.79 0.66
N LEU B 149 -27.79 21.91 1.19
CA LEU B 149 -29.23 22.02 1.06
C LEU B 149 -29.86 22.19 2.43
N GLY B 150 -31.11 22.61 2.43
CA GLY B 150 -31.79 22.84 3.70
C GLY B 150 -33.27 22.58 3.58
N CYS B 151 -33.96 22.64 4.73
CA CYS B 151 -35.40 22.66 4.66
C CYS B 151 -35.91 23.32 5.92
N LEU B 152 -36.97 24.12 5.77
CA LEU B 152 -37.43 25.04 6.79
C LEU B 152 -38.76 24.55 7.35
N VAL B 153 -38.81 24.40 8.67
CA VAL B 153 -39.95 23.82 9.38
C VAL B 153 -40.58 24.94 10.19
N LYS B 154 -41.70 25.47 9.71
CA LYS B 154 -42.25 26.74 10.18
C LYS B 154 -43.62 26.56 10.81
N GLY B 155 -43.84 27.25 11.94
CA GLY B 155 -45.15 27.41 12.53
C GLY B 155 -45.81 26.17 13.09
N TYR B 156 -45.14 25.47 14.00
CA TYR B 156 -45.70 24.28 14.62
C TYR B 156 -45.78 24.45 16.14
N PHE B 157 -46.63 23.62 16.75
CA PHE B 157 -46.78 23.61 18.21
C PHE B 157 -47.39 22.29 18.62
N PRO B 158 -46.90 21.64 19.69
CA PRO B 158 -45.75 22.08 20.48
C PRO B 158 -44.45 21.46 19.99
N GLU B 159 -43.37 21.71 20.70
CA GLU B 159 -42.15 20.97 20.48
C GLU B 159 -42.34 19.53 20.96
N PRO B 160 -41.60 18.57 20.40
CA PRO B 160 -40.57 18.68 19.36
C PRO B 160 -41.02 18.22 17.99
N VAL B 161 -40.18 18.51 16.99
CA VAL B 161 -40.26 17.86 15.69
C VAL B 161 -38.95 17.10 15.48
N THR B 162 -39.03 16.06 14.65
CA THR B 162 -37.86 15.28 14.28
C THR B 162 -37.59 15.51 12.80
N VAL B 163 -36.32 15.76 12.46
CA VAL B 163 -35.92 15.97 11.08
C VAL B 163 -34.83 14.94 10.76
N THR B 164 -35.03 14.20 9.67
CA THR B 164 -34.04 13.30 9.13
C THR B 164 -33.89 13.60 7.63
N TRP B 165 -32.79 13.13 7.05
CA TRP B 165 -32.52 13.30 5.64
C TRP B 165 -32.36 11.93 5.00
N ASN B 166 -33.11 11.71 3.92
CA ASN B 166 -33.18 10.41 3.25
C ASN B 166 -33.42 9.28 4.25
N SER B 167 -34.42 9.48 5.11
CA SER B 167 -34.88 8.47 6.07
C SER B 167 -33.74 8.01 6.98
N GLY B 168 -32.87 8.93 7.36
CA GLY B 168 -31.77 8.63 8.24
C GLY B 168 -30.49 8.17 7.57
N SER B 169 -30.54 7.80 6.29
CA SER B 169 -29.33 7.36 5.60
C SER B 169 -28.32 8.49 5.40
N LEU B 170 -28.77 9.75 5.43
CA LEU B 170 -27.89 10.92 5.39
C LEU B 170 -27.87 11.51 6.79
N SER B 171 -26.83 11.19 7.56
CA SER B 171 -26.74 11.65 8.94
C SER B 171 -25.54 12.53 9.22
N SER B 172 -24.40 12.29 8.57
CA SER B 172 -23.26 13.17 8.73
C SER B 172 -23.46 14.42 7.90
N GLY B 173 -22.86 15.52 8.36
CA GLY B 173 -23.00 16.78 7.67
C GLY B 173 -24.38 17.41 7.77
N VAL B 174 -25.11 17.08 8.84
CA VAL B 174 -26.45 17.61 9.07
C VAL B 174 -26.40 18.51 10.30
N HIS B 175 -26.96 19.70 10.18
CA HIS B 175 -27.15 20.61 11.30
C HIS B 175 -28.62 20.94 11.41
N THR B 176 -29.23 20.56 12.52
CA THR B 176 -30.61 20.94 12.82
C THR B 176 -30.59 21.97 13.94
N PHE B 177 -31.13 23.15 13.65
CA PHE B 177 -30.98 24.26 14.57
C PHE B 177 -32.15 24.32 15.55
N PRO B 178 -31.86 24.76 16.78
CA PRO B 178 -32.91 24.79 17.82
C PRO B 178 -34.07 25.67 17.40
N ALA B 179 -35.28 25.25 17.79
CA ALA B 179 -36.48 25.98 17.44
C ALA B 179 -36.51 27.34 18.13
N VAL B 180 -37.19 28.30 17.49
CA VAL B 180 -37.42 29.63 18.01
C VAL B 180 -38.93 29.84 18.08
N LEU B 181 -39.41 30.40 19.19
CA LEU B 181 -40.83 30.62 19.43
C LEU B 181 -41.19 32.04 19.06
N GLN B 182 -42.12 32.21 18.14
CA GLN B 182 -42.68 33.53 17.90
C GLN B 182 -44.18 33.36 17.67
N SER B 183 -44.98 34.20 18.31
CA SER B 183 -46.43 34.18 18.13
C SER B 183 -47.01 32.81 18.44
N ASP B 184 -46.47 32.20 19.48
CA ASP B 184 -46.93 30.91 19.99
C ASP B 184 -46.75 29.80 18.96
N LEU B 185 -45.77 29.95 18.06
CA LEU B 185 -45.42 28.89 17.11
C LEU B 185 -43.91 28.78 16.98
N TYR B 186 -43.43 27.55 16.83
CA TYR B 186 -42.01 27.30 16.73
C TYR B 186 -41.57 27.23 15.27
N THR B 187 -40.34 27.64 15.02
CA THR B 187 -39.73 27.52 13.70
C THR B 187 -38.31 27.03 13.86
N LEU B 188 -37.92 26.05 13.05
CA LEU B 188 -36.54 25.63 12.98
C LEU B 188 -36.20 25.35 11.52
N SER B 189 -34.90 25.17 11.27
CA SER B 189 -34.41 24.81 9.96
C SER B 189 -33.32 23.76 10.14
N SER B 190 -32.99 23.08 9.05
CA SER B 190 -31.98 22.04 9.07
C SER B 190 -31.19 22.13 7.77
N SER B 191 -29.87 21.99 7.86
CA SER B 191 -29.02 22.01 6.68
C SER B 191 -28.34 20.65 6.53
N VAL B 192 -28.02 20.32 5.28
CA VAL B 192 -27.24 19.11 4.97
C VAL B 192 -26.31 19.43 3.82
N THR B 193 -25.09 18.91 3.89
CA THR B 193 -24.09 19.10 2.85
C THR B 193 -23.78 17.76 2.22
N VAL B 194 -23.82 17.71 0.89
CA VAL B 194 -23.60 16.47 0.14
C VAL B 194 -22.63 16.79 -0.99
N PRO B 195 -21.96 15.79 -1.55
CA PRO B 195 -21.10 16.04 -2.71
C PRO B 195 -21.92 16.48 -3.92
N SER B 196 -21.35 17.39 -4.71
CA SER B 196 -22.04 17.85 -5.91
C SER B 196 -22.26 16.74 -6.91
N SER B 197 -21.49 15.65 -6.83
CA SER B 197 -21.70 14.50 -7.69
C SER B 197 -22.98 13.73 -7.33
N THR B 198 -23.53 13.95 -6.14
CA THR B 198 -24.69 13.20 -5.69
C THR B 198 -25.98 14.01 -5.70
N TRP B 199 -25.93 15.31 -5.95
CA TRP B 199 -27.14 16.10 -6.06
C TRP B 199 -26.85 17.15 -7.11
N PRO B 200 -27.78 17.39 -8.06
CA PRO B 200 -29.14 16.81 -8.08
C PRO B 200 -29.27 15.49 -8.83
N SER B 201 -28.16 14.83 -9.17
CA SER B 201 -28.26 13.58 -9.91
C SER B 201 -29.00 12.51 -9.11
N GLU B 202 -28.88 12.53 -7.79
CA GLU B 202 -29.61 11.63 -6.89
C GLU B 202 -30.55 12.45 -6.02
N THR B 203 -31.58 11.77 -5.50
CA THR B 203 -32.61 12.47 -4.74
C THR B 203 -32.15 12.75 -3.31
N VAL B 204 -32.56 13.91 -2.80
CA VAL B 204 -32.33 14.29 -1.41
C VAL B 204 -33.66 14.77 -0.84
N THR B 205 -34.11 14.15 0.24
CA THR B 205 -35.42 14.42 0.83
C THR B 205 -35.27 14.65 2.32
N CYS B 206 -35.87 15.70 2.85
CA CYS B 206 -35.87 15.88 4.29
C CYS B 206 -37.21 15.39 4.81
N ASN B 207 -37.17 14.62 5.89
CA ASN B 207 -38.34 13.99 6.49
C ASN B 207 -38.63 14.65 7.84
N VAL B 208 -39.82 15.21 7.97
CA VAL B 208 -40.21 15.96 9.15
C VAL B 208 -41.35 15.24 9.84
N ALA B 209 -41.16 14.94 11.12
CA ALA B 209 -42.18 14.26 11.93
C ALA B 209 -42.57 15.16 13.09
N HIS B 210 -43.88 15.31 13.30
CA HIS B 210 -44.41 16.09 14.41
C HIS B 210 -45.43 15.23 15.13
N PRO B 211 -45.01 14.48 16.16
CA PRO B 211 -45.93 13.50 16.78
C PRO B 211 -47.22 14.12 17.31
N ALA B 212 -47.16 15.34 17.84
CA ALA B 212 -48.36 15.96 18.41
C ALA B 212 -49.45 16.13 17.36
N SER B 213 -49.08 16.23 16.09
CA SER B 213 -50.05 16.27 15.00
C SER B 213 -50.09 14.95 14.25
N SER B 214 -49.33 13.94 14.70
CA SER B 214 -49.24 12.64 14.04
C SER B 214 -48.94 12.78 12.54
N THR B 215 -48.14 13.79 12.19
CA THR B 215 -47.79 14.08 10.81
C THR B 215 -46.38 13.61 10.52
N LYS B 216 -46.23 12.97 9.36
CA LYS B 216 -44.93 12.64 8.78
C LYS B 216 -44.90 13.20 7.36
N VAL B 217 -43.96 14.09 7.10
CA VAL B 217 -43.92 14.84 5.85
C VAL B 217 -42.55 14.65 5.21
N ASP B 218 -42.52 14.37 3.91
CA ASP B 218 -41.29 14.30 3.13
C ASP B 218 -41.30 15.42 2.09
N LYS B 219 -40.22 16.20 2.05
CA LYS B 219 -40.03 17.22 1.02
C LYS B 219 -38.76 16.90 0.23
N LYS B 220 -38.91 16.73 -1.08
CA LYS B 220 -37.77 16.58 -1.96
C LYS B 220 -37.13 17.93 -2.24
N ILE B 221 -35.81 17.97 -2.27
CA ILE B 221 -35.09 19.19 -2.63
C ILE B 221 -34.79 19.12 -4.12
N VAL B 222 -35.51 19.94 -4.89
CA VAL B 222 -35.36 19.99 -6.35
C VAL B 222 -34.69 21.32 -6.69
N PRO B 223 -33.88 21.39 -7.74
CA PRO B 223 -33.28 22.68 -8.09
C PRO B 223 -34.35 23.74 -8.33
N ARG B 224 -33.98 24.99 -8.10
CA ARG B 224 -34.97 26.06 -7.95
C ARG B 224 -35.55 26.47 -9.30
N ASP B 225 -36.81 26.91 -9.24
CA ASP B 225 -37.60 27.26 -10.42
C ASP B 225 -37.65 26.10 -11.41
N ASP C 1 -33.03 21.65 53.76
CA ASP C 1 -33.38 22.07 52.41
C ASP C 1 -32.11 22.64 51.78
N ILE C 2 -31.33 21.76 51.16
CA ILE C 2 -29.96 22.05 50.78
C ILE C 2 -29.89 22.68 49.39
N VAL C 3 -29.26 23.85 49.31
CA VAL C 3 -29.07 24.57 48.05
C VAL C 3 -27.69 24.28 47.52
N MET C 4 -27.59 24.03 46.21
CA MET C 4 -26.34 23.67 45.56
C MET C 4 -25.91 24.82 44.67
N THR C 5 -24.69 25.31 44.87
CA THR C 5 -24.15 26.40 44.05
C THR C 5 -22.92 25.92 43.32
N GLN C 6 -22.98 25.89 41.99
CA GLN C 6 -21.86 25.53 41.15
C GLN C 6 -21.12 26.77 40.69
N THR C 7 -19.79 26.67 40.61
CA THR C 7 -18.95 27.73 40.09
C THR C 7 -17.84 27.06 39.29
N PRO C 8 -17.47 27.63 38.13
CA PRO C 8 -18.16 28.76 37.52
C PRO C 8 -19.40 28.29 36.75
N PRO C 9 -20.27 29.21 36.34
CA PRO C 9 -21.38 28.80 35.47
C PRO C 9 -20.94 28.38 34.08
N SER C 10 -19.84 28.95 33.57
CA SER C 10 -19.31 28.61 32.25
C SER C 10 -17.79 28.50 32.35
N LEU C 11 -17.23 27.59 31.57
CA LEU C 11 -15.81 27.29 31.64
C LEU C 11 -15.32 26.86 30.27
N ALA C 12 -14.18 27.41 29.84
CA ALA C 12 -13.56 27.06 28.58
C ALA C 12 -12.15 26.51 28.84
N VAL C 13 -11.88 25.31 28.35
CA VAL C 13 -10.62 24.60 28.61
C VAL C 13 -10.08 24.05 27.31
N SER C 14 -8.75 24.11 27.14
CA SER C 14 -8.10 23.61 25.95
C SER C 14 -7.96 22.09 26.00
N LEU C 15 -7.82 21.47 24.83
CA LEU C 15 -7.61 20.04 24.79
C LEU C 15 -6.36 19.65 25.58
N GLY C 16 -6.46 18.56 26.33
CA GLY C 16 -5.35 18.09 27.11
C GLY C 16 -5.15 18.78 28.43
N GLN C 17 -5.89 19.85 28.72
CA GLN C 17 -5.69 20.55 29.98
C GLN C 17 -6.69 20.05 31.01
N ARG C 18 -6.67 20.67 32.19
CA ARG C 18 -7.50 20.25 33.31
C ARG C 18 -8.70 21.18 33.45
N ALA C 19 -9.87 20.58 33.67
CA ALA C 19 -11.07 21.33 34.00
C ALA C 19 -11.48 20.99 35.43
N THR C 20 -11.74 22.02 36.23
CA THR C 20 -12.19 21.85 37.62
C THR C 20 -13.50 22.58 37.80
N ILE C 21 -14.52 21.84 38.22
CA ILE C 21 -15.85 22.40 38.50
C ILE C 21 -16.15 22.16 39.97
N SER C 22 -16.63 23.18 40.65
CA SER C 22 -16.86 23.10 42.09
C SER C 22 -18.32 23.29 42.43
N CYS C 23 -18.75 22.59 43.48
CA CYS C 23 -20.10 22.64 44.03
C CYS C 23 -19.95 23.01 45.50
N LYS C 24 -20.70 24.01 45.95
CA LYS C 24 -20.66 24.45 47.34
C LYS C 24 -22.05 24.25 47.93
N ALA C 25 -22.12 23.49 49.03
CA ALA C 25 -23.39 23.16 49.66
C ALA C 25 -23.73 24.16 50.76
N SER C 26 -25.03 24.46 50.89
CA SER C 26 -25.47 25.38 51.94
C SER C 26 -25.34 24.76 53.33
N GLN C 27 -25.39 23.44 53.41
CA GLN C 27 -25.08 22.71 54.63
C GLN C 27 -24.44 21.39 54.24
N SER C 28 -23.87 20.71 55.24
CA SER C 28 -23.10 19.51 54.96
C SER C 28 -23.97 18.45 54.30
N VAL C 29 -23.43 17.81 53.28
CA VAL C 29 -24.09 16.68 52.63
C VAL C 29 -23.39 15.36 52.99
N ASP C 30 -22.55 15.38 54.01
CA ASP C 30 -21.84 14.21 54.48
C ASP C 30 -22.56 13.57 55.67
N TYR C 31 -22.32 12.27 55.83
CA TYR C 31 -22.80 11.48 56.97
C TYR C 31 -21.55 10.85 57.56
N ASP C 32 -21.00 11.51 58.58
CA ASP C 32 -19.68 11.17 59.12
C ASP C 32 -18.68 11.36 57.98
N ALA C 33 -17.87 10.37 57.65
CA ALA C 33 -16.91 10.49 56.55
C ALA C 33 -17.49 10.07 55.21
N ASP C 34 -18.74 9.62 55.17
CA ASP C 34 -19.35 9.15 53.94
C ASP C 34 -20.14 10.27 53.29
N SER C 35 -19.87 10.52 52.01
CA SER C 35 -20.45 11.64 51.29
C SER C 35 -21.63 11.19 50.44
N PHE C 36 -22.62 12.08 50.33
CA PHE C 36 -23.80 11.86 49.50
C PHE C 36 -23.87 12.89 48.36
N MET C 37 -22.74 13.14 47.74
CA MET C 37 -22.61 14.08 46.63
C MET C 37 -22.25 13.31 45.38
N HIS C 38 -22.95 13.60 44.28
CA HIS C 38 -22.75 12.89 43.03
C HIS C 38 -22.66 13.87 41.87
N TRP C 39 -22.01 13.44 40.78
CA TRP C 39 -21.77 14.27 39.62
C TRP C 39 -22.32 13.60 38.37
N TYR C 40 -22.96 14.39 37.51
CA TYR C 40 -23.54 13.90 36.26
C TYR C 40 -23.07 14.74 35.08
N GLN C 41 -22.98 14.10 33.93
CA GLN C 41 -22.69 14.74 32.66
C GLN C 41 -23.94 14.70 31.77
N GLN C 42 -24.25 15.81 31.12
CA GLN C 42 -25.38 15.85 30.19
C GLN C 42 -24.96 16.56 28.91
N LYS C 43 -24.86 15.79 27.82
CA LYS C 43 -24.66 16.38 26.50
C LYS C 43 -26.01 16.88 25.98
N PRO C 44 -25.99 17.89 25.11
CA PRO C 44 -27.25 18.52 24.69
C PRO C 44 -28.21 17.52 24.04
N GLY C 45 -29.44 17.50 24.54
CA GLY C 45 -30.47 16.62 24.02
C GLY C 45 -30.37 15.17 24.49
N GLN C 46 -29.40 14.83 25.31
CA GLN C 46 -29.20 13.46 25.76
C GLN C 46 -29.54 13.33 27.25
N PRO C 47 -29.79 12.10 27.72
CA PRO C 47 -30.02 11.92 29.15
C PRO C 47 -28.75 12.10 29.95
N PRO C 48 -28.85 12.51 31.21
CA PRO C 48 -27.66 12.63 32.04
C PRO C 48 -26.99 11.29 32.23
N LYS C 49 -25.67 11.35 32.46
CA LYS C 49 -24.87 10.16 32.70
C LYS C 49 -24.13 10.35 34.02
N LEU C 50 -24.26 9.37 34.90
CA LEU C 50 -23.63 9.42 36.20
C LEU C 50 -22.12 9.19 36.05
N LEU C 51 -21.35 10.13 36.60
CA LEU C 51 -19.89 10.07 36.54
C LEU C 51 -19.29 9.62 37.87
N ILE C 52 -19.70 10.24 38.96
CA ILE C 52 -19.10 10.02 40.27
C ILE C 52 -20.22 10.00 41.31
N TYR C 53 -20.17 8.99 42.19
CA TYR C 53 -21.11 8.90 43.31
C TYR C 53 -20.33 8.93 44.61
N ALA C 54 -20.96 9.47 45.65
CA ALA C 54 -20.36 9.63 46.97
C ALA C 54 -19.02 10.36 46.88
N ALA C 55 -19.05 11.49 46.16
CA ALA C 55 -17.95 12.45 46.08
C ALA C 55 -16.75 11.97 45.27
N SER C 56 -16.37 10.70 45.39
CA SER C 56 -15.10 10.28 44.83
C SER C 56 -15.09 8.91 44.15
N ASN C 57 -16.20 8.19 44.14
CA ASN C 57 -16.22 6.86 43.53
C ASN C 57 -16.55 7.00 42.05
N LEU C 58 -15.64 6.53 41.19
CA LEU C 58 -15.84 6.62 39.75
C LEU C 58 -16.78 5.50 39.32
N GLU C 59 -17.88 5.86 38.70
CA GLU C 59 -18.87 4.87 38.30
C GLU C 59 -18.29 3.98 37.19
N SER C 60 -18.70 2.72 37.19
CA SER C 60 -18.19 1.75 36.23
C SER C 60 -18.49 2.17 34.80
N GLY C 61 -17.50 2.01 33.93
CA GLY C 61 -17.60 2.41 32.55
C GLY C 61 -17.13 3.82 32.27
N ILE C 62 -16.94 4.64 33.30
CA ILE C 62 -16.52 6.02 33.11
C ILE C 62 -14.99 6.06 33.06
N PRO C 63 -14.40 6.77 32.11
CA PRO C 63 -12.93 6.80 32.02
C PRO C 63 -12.29 7.45 33.23
N ALA C 64 -11.04 7.08 33.49
CA ALA C 64 -10.30 7.60 34.62
C ALA C 64 -9.97 9.08 34.51
N ARG C 65 -10.27 9.70 33.36
CA ARG C 65 -10.03 11.14 33.23
C ARG C 65 -10.86 11.96 34.19
N PHE C 66 -11.97 11.40 34.68
CA PHE C 66 -12.83 12.05 35.66
C PHE C 66 -12.45 11.63 37.07
N SER C 67 -12.47 12.60 37.98
CA SER C 67 -12.24 12.33 39.39
C SER C 67 -12.95 13.39 40.24
N GLY C 68 -13.36 12.99 41.42
CA GLY C 68 -14.04 13.88 42.35
C GLY C 68 -13.43 13.84 43.73
N SER C 69 -13.55 14.97 44.43
CA SER C 69 -13.01 15.10 45.77
C SER C 69 -13.83 16.12 46.56
N GLY C 70 -13.53 16.22 47.84
CA GLY C 70 -14.19 17.15 48.74
C GLY C 70 -14.87 16.46 49.90
N SER C 71 -15.36 17.28 50.83
CA SER C 71 -16.03 16.80 52.02
C SER C 71 -16.86 17.94 52.61
N GLY C 72 -17.88 17.55 53.36
CA GLY C 72 -18.74 18.50 54.06
C GLY C 72 -19.60 19.35 53.15
N THR C 73 -19.11 20.54 52.80
CA THR C 73 -19.89 21.47 52.00
C THR C 73 -19.24 21.86 50.69
N ASP C 74 -17.97 21.48 50.46
CA ASP C 74 -17.24 21.92 49.27
C ASP C 74 -16.68 20.71 48.54
N PHE C 75 -17.02 20.59 47.26
CA PHE C 75 -16.63 19.46 46.43
C PHE C 75 -16.18 19.97 45.07
N THR C 76 -15.31 19.20 44.42
CA THR C 76 -14.86 19.53 43.07
C THR C 76 -14.88 18.28 42.19
N LEU C 77 -15.21 18.50 40.92
CA LEU C 77 -15.07 17.51 39.86
C LEU C 77 -13.92 17.92 38.96
N ASN C 78 -13.09 16.94 38.59
CA ASN C 78 -11.86 17.17 37.83
C ASN C 78 -11.88 16.35 36.54
N ILE C 79 -11.54 17.00 35.44
CA ILE C 79 -11.40 16.34 34.14
C ILE C 79 -9.99 16.63 33.65
N ARG C 80 -9.19 15.59 33.47
CA ARG C 80 -7.79 15.64 33.03
C ARG C 80 -7.46 14.36 32.31
N PRO C 81 -6.95 14.40 31.07
CA PRO C 81 -6.96 15.59 30.22
C PRO C 81 -8.34 15.76 29.59
N VAL C 82 -8.68 16.98 29.20
CA VAL C 82 -9.95 17.26 28.56
C VAL C 82 -9.92 16.79 27.11
N GLU C 83 -11.06 16.30 26.61
CA GLU C 83 -11.22 15.83 25.24
C GLU C 83 -12.43 16.48 24.60
N GLU C 84 -12.51 16.35 23.27
CA GLU C 84 -13.62 16.94 22.51
C GLU C 84 -14.97 16.46 23.04
N GLU C 85 -15.06 15.17 23.41
CA GLU C 85 -16.31 14.59 23.83
C GLU C 85 -16.81 15.14 25.17
N ASP C 86 -15.99 15.94 25.87
CA ASP C 86 -16.38 16.48 27.16
C ASP C 86 -17.27 17.72 27.07
N ALA C 87 -17.52 18.23 25.85
CA ALA C 87 -18.43 19.36 25.68
C ALA C 87 -19.82 19.00 26.16
N ALA C 88 -20.22 19.53 27.31
CA ALA C 88 -21.47 19.15 27.96
C ALA C 88 -21.70 20.07 29.15
N THR C 89 -22.82 19.87 29.81
CA THR C 89 -23.15 20.51 31.08
C THR C 89 -23.01 19.49 32.20
N TYR C 90 -22.43 19.93 33.33
CA TYR C 90 -22.15 19.06 34.47
C TYR C 90 -22.93 19.53 35.68
N TYR C 91 -23.56 18.59 36.38
CA TYR C 91 -24.42 18.85 37.53
C TYR C 91 -23.93 18.11 38.76
N CYS C 92 -23.92 18.80 39.90
CA CYS C 92 -23.83 18.11 41.18
C CYS C 92 -25.22 17.78 41.69
N GLN C 93 -25.29 16.74 42.52
CA GLN C 93 -26.53 16.37 43.17
C GLN C 93 -26.22 15.86 44.57
N GLN C 94 -27.07 16.19 45.53
CA GLN C 94 -26.95 15.70 46.89
C GLN C 94 -28.15 14.82 47.22
N SER C 95 -27.88 13.68 47.86
CA SER C 95 -28.93 12.81 48.36
C SER C 95 -28.78 12.59 49.87
N ASN C 96 -28.31 13.62 50.57
CA ASN C 96 -28.12 13.54 52.02
C ASN C 96 -29.38 13.88 52.79
N GLU C 97 -30.16 14.86 52.32
CA GLU C 97 -31.40 15.26 52.98
C GLU C 97 -32.51 15.41 51.96
N ASP C 98 -33.70 14.92 52.31
CA ASP C 98 -34.86 15.06 51.44
C ASP C 98 -35.29 16.52 51.41
N PRO C 99 -35.65 17.05 50.22
CA PRO C 99 -35.62 16.37 48.93
C PRO C 99 -34.25 16.46 48.26
N TRP C 100 -33.92 15.49 47.41
CA TRP C 100 -32.67 15.58 46.66
C TRP C 100 -32.69 16.83 45.80
N THR C 101 -31.55 17.51 45.71
CA THR C 101 -31.44 18.71 44.93
C THR C 101 -30.23 18.62 43.99
N PHE C 102 -30.29 19.39 42.92
CA PHE C 102 -29.24 19.48 41.91
C PHE C 102 -28.61 20.87 41.95
N GLY C 103 -27.37 20.95 41.53
CA GLY C 103 -26.77 22.24 41.25
C GLY C 103 -27.37 22.87 40.00
N GLY C 104 -27.00 24.12 39.77
CA GLY C 104 -27.51 24.85 38.62
C GLY C 104 -26.89 24.43 37.31
N GLY C 105 -25.78 23.71 37.34
CA GLY C 105 -25.13 23.23 36.14
C GLY C 105 -23.94 24.09 35.75
N THR C 106 -22.95 23.46 35.12
CA THR C 106 -21.79 24.16 34.61
C THR C 106 -21.56 23.72 33.17
N LYS C 107 -21.57 24.67 32.25
CA LYS C 107 -21.35 24.36 30.83
C LYS C 107 -19.86 24.44 30.51
N LEU C 108 -19.31 23.32 30.05
CA LEU C 108 -17.90 23.25 29.67
C LEU C 108 -17.79 23.37 28.15
N GLU C 109 -17.04 24.38 27.70
CA GLU C 109 -16.71 24.54 26.29
C GLU C 109 -15.28 24.09 26.05
N ILE C 110 -15.07 23.33 24.98
CA ILE C 110 -13.75 22.83 24.62
C ILE C 110 -13.15 23.79 23.59
N LYS C 111 -11.99 24.36 23.88
CA LYS C 111 -11.36 25.27 22.95
C LYS C 111 -10.80 24.52 21.76
N ARG C 112 -10.68 25.21 20.63
CA ARG C 112 -10.12 24.63 19.42
C ARG C 112 -9.48 25.75 18.64
N ALA C 113 -8.79 25.39 17.55
CA ALA C 113 -8.26 26.41 16.66
C ALA C 113 -9.41 27.18 16.01
N ASP C 114 -9.20 28.49 15.83
CA ASP C 114 -10.23 29.32 15.22
C ASP C 114 -10.55 28.82 13.81
N ALA C 115 -11.85 28.78 13.49
CA ALA C 115 -12.32 28.26 12.21
C ALA C 115 -13.38 29.18 11.64
N ALA C 116 -13.22 29.54 10.38
CA ALA C 116 -14.15 30.43 9.72
C ALA C 116 -15.41 29.67 9.29
N PRO C 117 -16.56 30.35 9.23
CA PRO C 117 -17.79 29.66 8.85
C PRO C 117 -17.89 29.40 7.35
N THR C 118 -18.63 28.35 7.01
CA THR C 118 -19.04 28.08 5.64
C THR C 118 -20.45 28.61 5.47
N VAL C 119 -20.63 29.57 4.55
CA VAL C 119 -21.85 30.34 4.44
C VAL C 119 -22.59 29.97 3.16
N SER C 120 -23.91 29.82 3.26
CA SER C 120 -24.75 29.58 2.10
C SER C 120 -26.10 30.25 2.33
N ILE C 121 -26.68 30.79 1.26
CA ILE C 121 -27.91 31.56 1.32
C ILE C 121 -28.98 30.89 0.45
N PHE C 122 -30.24 30.99 0.87
CA PHE C 122 -31.33 30.30 0.21
C PHE C 122 -32.52 31.24 0.04
N PRO C 123 -33.05 31.36 -1.18
CA PRO C 123 -34.20 32.22 -1.40
C PRO C 123 -35.47 31.58 -0.86
N PRO C 124 -36.55 32.35 -0.69
CA PRO C 124 -37.82 31.75 -0.29
C PRO C 124 -38.27 30.73 -1.34
N SER C 125 -38.76 29.59 -0.85
CA SER C 125 -39.34 28.60 -1.75
C SER C 125 -40.66 29.10 -2.32
N SER C 126 -41.00 28.62 -3.51
CA SER C 126 -42.26 29.01 -4.11
C SER C 126 -43.45 28.52 -3.29
N GLU C 127 -43.29 27.39 -2.59
CA GLU C 127 -44.38 26.86 -1.78
C GLU C 127 -44.76 27.81 -0.66
N GLN C 128 -43.77 28.47 -0.05
CA GLN C 128 -44.06 29.42 1.02
C GLN C 128 -44.59 30.73 0.49
N LEU C 129 -44.12 31.18 -0.68
CA LEU C 129 -44.60 32.43 -1.24
C LEU C 129 -46.10 32.39 -1.51
N THR C 130 -46.64 31.24 -1.93
CA THR C 130 -48.08 31.13 -2.19
C THR C 130 -48.91 31.46 -0.95
N SER C 131 -48.38 31.20 0.24
CA SER C 131 -49.11 31.46 1.47
C SER C 131 -48.95 32.89 1.97
N GLY C 132 -48.18 33.72 1.27
CA GLY C 132 -48.05 35.12 1.62
C GLY C 132 -46.79 35.48 2.38
N GLY C 133 -45.99 34.49 2.79
CA GLY C 133 -44.77 34.74 3.51
C GLY C 133 -43.52 34.50 2.67
N ALA C 134 -42.40 35.07 3.10
CA ALA C 134 -41.14 34.92 2.38
C ALA C 134 -40.01 34.88 3.39
N SER C 135 -39.35 33.73 3.49
CA SER C 135 -38.22 33.54 4.41
C SER C 135 -36.94 33.39 3.61
N VAL C 136 -35.95 34.23 3.89
CA VAL C 136 -34.61 34.09 3.34
C VAL C 136 -33.72 33.49 4.43
N VAL C 137 -33.03 32.40 4.11
CA VAL C 137 -32.29 31.62 5.09
C VAL C 137 -30.81 31.64 4.74
N CYS C 138 -29.98 31.89 5.74
CA CYS C 138 -28.52 31.92 5.61
C CYS C 138 -27.96 30.96 6.65
N PHE C 139 -27.21 29.96 6.20
CA PHE C 139 -26.57 29.01 7.11
C PHE C 139 -25.10 29.40 7.26
N LEU C 140 -24.61 29.34 8.50
CA LEU C 140 -23.21 29.64 8.81
C LEU C 140 -22.69 28.45 9.61
N ASN C 141 -21.93 27.57 8.96
CA ASN C 141 -21.67 26.23 9.48
C ASN C 141 -20.21 26.04 9.88
N ASN C 142 -20.01 25.36 11.01
CA ASN C 142 -18.73 24.80 11.43
C ASN C 142 -17.66 25.89 11.62
N PHE C 143 -17.96 26.83 12.51
CA PHE C 143 -17.03 27.90 12.86
C PHE C 143 -16.71 27.87 14.35
N TYR C 144 -15.65 28.60 14.72
CA TYR C 144 -15.24 28.77 16.11
C TYR C 144 -14.38 30.02 16.21
N PRO C 145 -14.53 30.84 17.26
CA PRO C 145 -15.44 30.69 18.40
C PRO C 145 -16.91 31.03 18.09
N LYS C 146 -17.77 30.92 19.11
CA LYS C 146 -19.22 31.06 18.91
C LYS C 146 -19.62 32.46 18.49
N ASP C 147 -18.83 33.48 18.85
CA ASP C 147 -19.17 34.86 18.57
C ASP C 147 -19.13 35.14 17.08
N ILE C 148 -20.24 35.64 16.53
CA ILE C 148 -20.34 35.91 15.10
C ILE C 148 -21.47 36.92 14.91
N ASN C 149 -21.36 37.72 13.85
CA ASN C 149 -22.34 38.75 13.54
C ASN C 149 -22.80 38.61 12.09
N VAL C 150 -24.11 38.64 11.89
CA VAL C 150 -24.71 38.51 10.56
C VAL C 150 -25.52 39.77 10.26
N LYS C 151 -25.29 40.35 9.09
CA LYS C 151 -26.06 41.49 8.61
C LYS C 151 -26.77 41.12 7.32
N TRP C 152 -28.00 41.58 7.17
CA TRP C 152 -28.77 41.39 5.96
C TRP C 152 -28.81 42.70 5.19
N LYS C 153 -28.63 42.62 3.87
CA LYS C 153 -28.68 43.81 3.03
C LYS C 153 -29.64 43.55 1.87
N ILE C 154 -30.65 44.39 1.76
CA ILE C 154 -31.67 44.29 0.70
C ILE C 154 -31.44 45.46 -0.25
N ASP C 155 -31.11 45.15 -1.50
CA ASP C 155 -30.76 46.15 -2.51
C ASP C 155 -29.69 47.10 -1.98
N GLY C 156 -28.78 46.57 -1.17
CA GLY C 156 -27.64 47.29 -0.67
C GLY C 156 -27.81 48.01 0.66
N SER C 157 -29.01 48.02 1.23
CA SER C 157 -29.25 48.70 2.49
C SER C 157 -29.55 47.71 3.60
N GLU C 158 -29.03 47.98 4.79
CA GLU C 158 -29.15 47.05 5.91
C GLU C 158 -30.58 46.98 6.43
N ARG C 159 -31.01 45.77 6.76
CA ARG C 159 -32.34 45.51 7.31
C ARG C 159 -32.17 44.90 8.70
N GLN C 160 -32.92 45.41 9.68
CA GLN C 160 -32.75 45.01 11.06
C GLN C 160 -33.94 44.26 11.64
N ASN C 161 -35.10 44.33 11.00
CA ASN C 161 -36.32 43.76 11.54
C ASN C 161 -36.68 42.47 10.80
N GLY C 162 -37.28 41.54 11.54
CA GLY C 162 -37.62 40.23 10.99
C GLY C 162 -36.46 39.25 10.90
N VAL C 163 -35.39 39.47 11.66
CA VAL C 163 -34.21 38.61 11.63
C VAL C 163 -34.20 37.77 12.90
N LEU C 164 -34.04 36.46 12.73
CA LEU C 164 -33.98 35.52 13.84
C LEU C 164 -32.75 34.61 13.69
N ASN C 165 -31.97 34.50 14.76
CA ASN C 165 -30.73 33.73 14.75
C ASN C 165 -30.83 32.60 15.75
N SER C 166 -30.23 31.46 15.40
CA SER C 166 -30.25 30.26 16.22
C SER C 166 -28.91 29.55 16.09
N TRP C 167 -28.28 29.29 17.23
CA TRP C 167 -27.01 28.60 17.33
C TRP C 167 -27.22 27.14 17.72
N THR C 168 -26.42 26.26 17.15
CA THR C 168 -26.32 24.91 17.66
C THR C 168 -25.44 24.89 18.90
N ASP C 169 -25.54 23.80 19.65
CA ASP C 169 -24.58 23.58 20.72
C ASP C 169 -23.25 23.12 20.13
N GLN C 170 -22.19 23.21 20.93
CA GLN C 170 -20.87 22.86 20.45
C GLN C 170 -20.84 21.40 20.03
N ASP C 171 -20.25 21.15 18.86
CA ASP C 171 -20.21 19.79 18.35
C ASP C 171 -19.27 18.93 19.17
N SER C 172 -19.72 17.71 19.47
CA SER C 172 -18.92 16.78 20.28
C SER C 172 -17.68 16.27 19.54
N LYS C 173 -17.68 16.29 18.21
CA LYS C 173 -16.59 15.70 17.43
C LYS C 173 -15.55 16.73 16.99
N ASP C 174 -15.98 17.87 16.44
CA ASP C 174 -15.03 18.86 15.92
C ASP C 174 -15.01 20.16 16.71
N SER C 175 -15.82 20.29 17.76
CA SER C 175 -15.81 21.43 18.68
C SER C 175 -16.21 22.74 18.02
N THR C 176 -16.91 22.70 16.89
CA THR C 176 -17.33 23.91 16.21
C THR C 176 -18.78 24.24 16.55
N TYR C 177 -19.21 25.42 16.12
CA TYR C 177 -20.59 25.84 16.22
C TYR C 177 -21.14 26.06 14.82
N SER C 178 -22.47 26.03 14.71
CA SER C 178 -23.15 26.47 13.52
C SER C 178 -24.32 27.36 13.92
N MET C 179 -24.79 28.16 12.97
CA MET C 179 -25.87 29.09 13.24
C MET C 179 -26.69 29.30 11.97
N SER C 180 -27.98 29.56 12.17
CA SER C 180 -28.90 29.86 11.08
C SER C 180 -29.50 31.23 11.30
N SER C 181 -29.58 32.01 10.24
CA SER C 181 -30.17 33.34 10.30
C SER C 181 -31.29 33.39 9.27
N THR C 182 -32.49 33.71 9.74
CA THR C 182 -33.69 33.71 8.89
C THR C 182 -34.29 35.10 8.89
N LEU C 183 -34.40 35.69 7.70
CA LEU C 183 -35.07 36.97 7.51
C LEU C 183 -36.39 36.70 6.80
N THR C 184 -37.51 36.97 7.49
CA THR C 184 -38.84 36.72 6.95
C THR C 184 -39.53 38.03 6.64
N LEU C 185 -39.99 38.17 5.40
CA LEU C 185 -40.70 39.33 4.90
C LEU C 185 -42.04 38.85 4.38
N THR C 186 -42.91 39.80 4.04
CA THR C 186 -44.10 39.45 3.29
C THR C 186 -43.71 39.14 1.84
N LYS C 187 -44.56 38.37 1.16
CA LYS C 187 -44.33 38.14 -0.26
C LYS C 187 -44.30 39.45 -1.02
N ASP C 188 -45.16 40.40 -0.66
CA ASP C 188 -45.19 41.70 -1.33
C ASP C 188 -43.89 42.46 -1.13
N GLU C 189 -43.40 42.48 0.11
CA GLU C 189 -42.15 43.19 0.39
C GLU C 189 -40.97 42.52 -0.28
N TYR C 190 -40.98 41.17 -0.34
CA TYR C 190 -39.89 40.43 -0.97
C TYR C 190 -39.81 40.73 -2.46
N GLU C 191 -40.94 40.74 -3.16
CA GLU C 191 -40.95 40.94 -4.61
C GLU C 191 -40.72 42.39 -5.02
N ARG C 192 -40.67 43.32 -4.06
CA ARG C 192 -40.36 44.71 -4.37
C ARG C 192 -38.86 44.93 -4.61
N HIS C 193 -38.01 44.05 -4.10
CA HIS C 193 -36.56 44.18 -4.22
C HIS C 193 -35.96 43.01 -4.97
N ASN C 194 -34.71 43.17 -5.39
CA ASN C 194 -34.03 42.18 -6.22
C ASN C 194 -32.89 41.46 -5.51
N SER C 195 -31.95 42.20 -4.90
CA SER C 195 -30.72 41.63 -4.38
C SER C 195 -30.83 41.41 -2.89
N TYR C 196 -30.47 40.20 -2.44
CA TYR C 196 -30.48 39.83 -1.03
C TYR C 196 -29.13 39.25 -0.65
N THR C 197 -28.53 39.76 0.43
CA THR C 197 -27.21 39.33 0.87
C THR C 197 -27.20 39.17 2.39
N CYS C 198 -26.57 38.09 2.86
CA CYS C 198 -26.17 37.98 4.26
C CYS C 198 -24.65 38.11 4.35
N GLU C 199 -24.20 38.88 5.33
CA GLU C 199 -22.78 39.16 5.53
C GLU C 199 -22.38 38.70 6.93
N ALA C 200 -21.36 37.84 6.99
CA ALA C 200 -20.89 37.27 8.24
C ALA C 200 -19.52 37.85 8.57
N THR C 201 -19.41 38.48 9.74
CA THR C 201 -18.14 39.00 10.26
C THR C 201 -17.74 38.13 11.44
N HIS C 202 -16.56 37.52 11.35
CA HIS C 202 -16.08 36.57 12.33
C HIS C 202 -14.62 36.86 12.59
N LYS C 203 -14.16 36.49 13.78
CA LYS C 203 -12.81 36.83 14.23
C LYS C 203 -11.73 36.33 13.26
N THR C 204 -12.04 35.33 12.43
CA THR C 204 -11.03 34.77 11.54
C THR C 204 -10.67 35.68 10.38
N SER C 205 -11.44 36.75 10.13
CA SER C 205 -11.12 37.63 9.01
C SER C 205 -11.70 39.01 9.26
N THR C 206 -10.94 40.04 8.88
CA THR C 206 -11.43 41.40 8.98
C THR C 206 -12.44 41.73 7.88
N SER C 207 -12.40 41.02 6.76
CA SER C 207 -13.47 41.32 5.82
C SER C 207 -14.57 40.26 5.89
N PRO C 208 -15.82 40.68 5.77
CA PRO C 208 -16.94 39.74 5.93
C PRO C 208 -17.02 38.74 4.78
N ILE C 209 -17.58 37.57 5.10
CA ILE C 209 -17.97 36.60 4.08
C ILE C 209 -19.35 36.97 3.59
N VAL C 210 -19.50 37.16 2.28
CA VAL C 210 -20.72 37.67 1.69
C VAL C 210 -21.28 36.64 0.72
N LYS C 211 -22.54 36.29 0.90
CA LYS C 211 -23.26 35.44 -0.03
C LYS C 211 -24.57 36.11 -0.40
N SER C 212 -24.96 35.98 -1.67
CA SER C 212 -26.11 36.73 -2.15
C SER C 212 -26.77 36.02 -3.31
N PHE C 213 -27.97 36.48 -3.63
CA PHE C 213 -28.70 36.05 -4.82
C PHE C 213 -29.59 37.20 -5.26
N ASN C 214 -29.97 37.16 -6.53
CA ASN C 214 -30.92 38.10 -7.09
C ASN C 214 -32.24 37.37 -7.32
N ARG C 215 -33.35 38.02 -6.96
CA ARG C 215 -34.62 37.33 -6.99
C ARG C 215 -35.05 36.99 -8.40
N ASN C 216 -34.83 37.88 -9.36
CA ASN C 216 -35.03 37.50 -10.76
C ASN C 216 -33.75 36.87 -11.27
N GLU C 217 -33.47 35.71 -10.71
CA GLU C 217 -32.68 34.77 -11.45
C GLU C 217 -31.15 35.06 -11.46
N ASN D 18 0.85 -61.91 11.76
CA ASN D 18 1.50 -60.66 12.15
C ASN D 18 2.07 -60.75 13.56
N LEU D 19 3.11 -61.56 13.74
CA LEU D 19 3.83 -61.56 15.03
C LEU D 19 4.53 -60.23 15.25
N ALA D 20 4.93 -59.54 14.17
CA ALA D 20 5.67 -58.30 14.29
C ALA D 20 4.78 -57.13 14.74
N ASP D 21 3.46 -57.26 14.60
CA ASP D 21 2.55 -56.18 14.98
C ASP D 21 2.00 -56.33 16.39
N VAL D 22 2.16 -57.48 17.03
CA VAL D 22 1.75 -57.69 18.41
C VAL D 22 2.95 -57.72 19.35
N ALA D 23 3.98 -58.50 19.01
CA ALA D 23 5.10 -58.71 19.91
C ALA D 23 6.02 -57.50 19.97
N GLY D 24 6.15 -56.76 18.89
CA GLY D 24 7.04 -55.61 18.85
C GLY D 24 6.57 -54.45 19.69
N ILE D 25 5.37 -53.94 19.42
CA ILE D 25 4.85 -52.79 20.15
C ILE D 25 4.56 -53.13 21.60
N ALA D 26 4.34 -54.40 21.92
CA ALA D 26 4.06 -54.78 23.30
C ALA D 26 5.29 -54.58 24.17
N LEU D 27 6.41 -55.21 23.79
CA LEU D 27 7.66 -54.97 24.49
C LEU D 27 8.02 -53.48 24.48
N ALA D 28 7.72 -52.78 23.38
CA ALA D 28 8.04 -51.36 23.29
C ALA D 28 7.27 -50.55 24.33
N LYS D 29 5.96 -50.77 24.43
CA LYS D 29 5.17 -50.06 25.42
C LYS D 29 5.50 -50.50 26.84
N ILE D 30 5.83 -51.78 27.04
CA ILE D 30 5.98 -52.31 28.39
C ILE D 30 7.20 -51.70 29.07
N ASN D 31 8.33 -51.66 28.38
CA ASN D 31 9.51 -51.04 28.98
C ASN D 31 9.48 -49.52 28.89
N ASN D 32 8.55 -48.94 28.14
CA ASN D 32 8.32 -47.50 28.24
C ASN D 32 7.61 -47.17 29.55
N LEU D 33 6.62 -47.98 29.92
CA LEU D 33 5.99 -47.83 31.23
C LEU D 33 7.00 -48.08 32.35
N ILE D 34 7.87 -49.08 32.17
CA ILE D 34 8.88 -49.38 33.18
C ILE D 34 9.83 -48.19 33.35
N LYS D 35 10.23 -47.57 32.23
CA LYS D 35 11.03 -46.36 32.33
C LYS D 35 10.21 -45.19 32.86
N GLN D 36 8.90 -45.23 32.69
CA GLN D 36 8.04 -44.18 33.23
C GLN D 36 7.97 -44.25 34.75
N VAL D 37 7.80 -45.46 35.31
CA VAL D 37 7.72 -45.60 36.76
C VAL D 37 9.07 -45.27 37.41
N SER D 38 10.16 -45.68 36.79
CA SER D 38 11.48 -45.40 37.37
C SER D 38 11.80 -43.92 37.32
N ALA D 39 11.34 -43.22 36.27
CA ALA D 39 11.54 -41.79 36.19
C ALA D 39 10.75 -41.05 37.26
N ALA D 40 9.49 -41.43 37.44
CA ALA D 40 8.65 -40.74 38.42
C ALA D 40 9.08 -41.05 39.84
N THR D 41 9.46 -42.30 40.14
CA THR D 41 9.88 -42.62 41.49
C THR D 41 11.20 -41.94 41.84
N GLU D 42 12.10 -41.80 40.87
CA GLU D 42 13.32 -41.04 41.10
C GLU D 42 12.98 -39.58 41.39
N ALA D 43 11.97 -39.05 40.72
CA ALA D 43 11.50 -37.69 41.02
C ALA D 43 11.09 -37.57 42.48
N GLU D 44 10.19 -38.47 42.93
CA GLU D 44 9.76 -38.46 44.33
C GLU D 44 10.94 -38.55 45.28
N ALA D 45 11.87 -39.47 45.02
CA ALA D 45 13.04 -39.62 45.87
C ALA D 45 13.73 -38.29 46.10
N ARG D 46 13.95 -37.53 45.03
CA ARG D 46 14.58 -36.22 45.16
C ARG D 46 13.65 -35.20 45.80
N MET D 47 12.33 -35.39 45.64
CA MET D 47 11.38 -34.45 46.23
C MET D 47 11.30 -34.62 47.75
N THR D 48 11.17 -35.86 48.22
CA THR D 48 11.20 -36.09 49.66
C THR D 48 12.53 -35.64 50.26
N LEU D 49 13.64 -35.97 49.59
CA LEU D 49 14.95 -35.59 50.10
C LEU D 49 15.10 -34.08 50.21
N ALA D 50 14.55 -33.34 49.25
CA ALA D 50 14.61 -31.88 49.31
C ALA D 50 13.55 -31.32 50.26
N ALA D 51 12.40 -31.98 50.39
CA ALA D 51 11.38 -31.56 51.34
C ALA D 51 11.64 -32.08 52.74
N ALA D 52 12.58 -33.00 52.92
CA ALA D 52 13.03 -33.40 54.25
C ALA D 52 14.08 -32.46 54.80
N SER D 53 14.96 -31.92 53.95
CA SER D 53 15.82 -30.83 54.36
C SER D 53 14.98 -29.73 55.00
N THR D 54 15.59 -28.99 55.93
CA THR D 54 14.82 -27.99 56.69
C THR D 54 14.28 -26.93 55.73
N ASP D 55 12.95 -26.81 55.69
CA ASP D 55 12.26 -25.96 54.74
C ASP D 55 11.55 -24.81 55.44
N HIS D 56 11.21 -23.81 54.65
CA HIS D 56 10.23 -22.82 55.05
C HIS D 56 8.83 -23.35 54.77
N SER D 57 7.84 -22.77 55.46
CA SER D 57 6.48 -23.28 55.37
C SER D 57 5.93 -23.21 53.95
N ASN D 58 6.39 -22.22 53.17
CA ASN D 58 5.86 -22.01 51.83
C ASN D 58 6.17 -23.18 50.91
N ILE D 59 7.47 -23.46 50.71
CA ILE D 59 7.89 -24.46 49.74
C ILE D 59 7.33 -25.84 50.06
N SER D 60 7.13 -26.13 51.34
CA SER D 60 6.63 -27.45 51.73
C SER D 60 5.28 -27.77 51.12
N ALA D 61 4.41 -26.76 51.01
CA ALA D 61 3.05 -27.00 50.51
C ALA D 61 3.06 -27.40 49.04
N LEU D 62 3.99 -26.87 48.25
CA LEU D 62 4.10 -27.26 46.85
C LEU D 62 4.72 -28.64 46.70
N TYR D 63 5.79 -28.92 47.43
CA TYR D 63 6.36 -30.26 47.48
C TYR D 63 5.29 -31.29 47.84
N ALA D 64 4.36 -30.91 48.72
CA ALA D 64 3.27 -31.80 49.08
C ALA D 64 2.33 -32.03 47.90
N ALA D 65 1.82 -30.95 47.30
CA ALA D 65 0.89 -31.09 46.18
C ALA D 65 1.55 -31.74 44.98
N ALA D 66 2.86 -31.52 44.80
CA ALA D 66 3.58 -32.17 43.72
C ALA D 66 3.89 -33.63 44.03
N SER D 67 4.07 -33.96 45.32
CA SER D 67 4.26 -35.36 45.70
C SER D 67 3.05 -36.20 45.33
N ASN D 68 1.84 -35.68 45.54
CA ASN D 68 0.64 -36.42 45.13
C ASN D 68 0.57 -36.56 43.62
N ILE D 69 1.07 -35.56 42.88
CA ILE D 69 1.09 -35.67 41.42
C ILE D 69 1.98 -36.83 40.99
N VAL D 70 3.19 -36.91 41.56
CA VAL D 70 4.14 -37.89 41.07
C VAL D 70 3.79 -39.30 41.53
N THR D 71 3.30 -39.47 42.77
CA THR D 71 2.89 -40.81 43.21
C THR D 71 1.69 -41.30 42.41
N ARG D 72 0.78 -40.38 42.07
CA ARG D 72 -0.34 -40.75 41.20
C ARG D 72 0.16 -41.27 39.85
N CYS D 73 1.24 -40.69 39.34
CA CYS D 73 1.83 -41.16 38.09
C CYS D 73 2.32 -42.61 38.22
N VAL D 74 3.08 -42.90 39.28
CA VAL D 74 3.68 -44.22 39.43
C VAL D 74 2.61 -45.30 39.51
N LEU D 75 1.59 -45.07 40.34
CA LEU D 75 0.54 -46.06 40.51
C LEU D 75 -0.30 -46.22 39.25
N ASN D 76 -0.42 -45.15 38.44
CA ASN D 76 -1.17 -45.25 37.19
C ASN D 76 -0.42 -46.09 36.16
N ALA D 77 0.91 -45.93 36.09
CA ALA D 77 1.68 -46.63 35.07
C ALA D 77 1.78 -48.12 35.37
N VAL D 78 1.96 -48.49 36.65
CA VAL D 78 1.97 -49.91 37.00
C VAL D 78 0.57 -50.50 36.88
N HIS D 79 -0.46 -49.67 37.06
CA HIS D 79 -1.83 -50.14 36.81
C HIS D 79 -2.02 -50.54 35.36
N ALA D 80 -1.45 -49.76 34.43
CA ALA D 80 -1.49 -50.12 33.02
C ALA D 80 -0.59 -51.29 32.69
N LEU D 81 0.44 -51.55 33.52
CA LEU D 81 1.32 -52.68 33.28
C LEU D 81 0.63 -54.00 33.65
N THR D 82 0.13 -54.10 34.88
CA THR D 82 -0.63 -55.28 35.28
C THR D 82 -1.97 -55.38 34.56
N SER D 83 -2.40 -54.32 33.86
CA SER D 83 -3.63 -54.38 33.09
C SER D 83 -3.50 -55.32 31.90
N LEU D 84 -2.38 -55.26 31.20
CA LEU D 84 -2.17 -56.06 30.00
C LEU D 84 -1.07 -57.10 30.10
N ALA D 85 -0.33 -57.14 31.21
CA ALA D 85 0.68 -58.18 31.38
C ALA D 85 0.11 -59.59 31.36
N PRO D 86 -1.01 -59.91 32.01
CA PRO D 86 -1.55 -61.27 31.92
C PRO D 86 -2.08 -61.64 30.54
N ILE D 87 -2.21 -60.67 29.62
CA ILE D 87 -2.70 -60.99 28.28
C ILE D 87 -1.63 -61.69 27.43
N ALA D 88 -0.36 -61.60 27.83
CA ALA D 88 0.71 -62.31 27.13
C ALA D 88 1.03 -63.63 27.83
N ARG D 135 -5.11 -58.05 16.95
CA ARG D 135 -5.31 -56.61 17.02
C ARG D 135 -6.23 -56.22 18.17
N GLN D 136 -6.77 -57.22 18.88
CA GLN D 136 -7.61 -56.90 20.03
C GLN D 136 -6.87 -56.02 21.02
N LEU D 137 -5.60 -56.34 21.27
CA LEU D 137 -4.82 -55.59 22.25
C LEU D 137 -4.61 -54.14 21.84
N TYR D 138 -4.63 -53.84 20.53
CA TYR D 138 -4.45 -52.46 20.10
C TYR D 138 -5.66 -51.60 20.42
N ASN D 139 -6.87 -52.18 20.38
CA ASN D 139 -8.04 -51.46 20.89
C ASN D 139 -7.76 -50.94 22.29
N LYS D 140 -7.09 -51.75 23.11
CA LYS D 140 -6.72 -51.30 24.45
C LYS D 140 -5.57 -50.30 24.41
N ILE D 141 -4.59 -50.52 23.54
CA ILE D 141 -3.49 -49.56 23.45
C ILE D 141 -3.96 -48.27 22.80
N GLY D 142 -4.93 -48.36 21.88
CA GLY D 142 -5.57 -47.15 21.38
C GLY D 142 -6.32 -46.43 22.49
N ASP D 143 -7.05 -47.18 23.31
CA ASP D 143 -7.67 -46.60 24.50
C ASP D 143 -6.61 -46.02 25.43
N LEU D 144 -5.45 -46.67 25.52
CA LEU D 144 -4.39 -46.14 26.37
C LEU D 144 -3.93 -44.77 25.88
N GLU D 145 -3.87 -44.58 24.55
CA GLU D 145 -3.48 -43.28 24.01
C GLU D 145 -4.44 -42.17 24.44
N LYS D 146 -5.73 -42.51 24.60
CA LYS D 146 -6.70 -41.50 25.03
C LYS D 146 -6.45 -41.05 26.47
N GLN D 147 -6.07 -41.97 27.34
CA GLN D 147 -5.71 -41.65 28.72
C GLN D 147 -4.20 -41.49 28.91
N THR D 148 -3.42 -41.56 27.82
CA THR D 148 -2.00 -41.28 27.88
C THR D 148 -1.72 -39.83 28.29
N THR D 149 -2.73 -38.96 28.25
CA THR D 149 -2.54 -37.60 28.74
C THR D 149 -2.01 -37.59 30.17
N ASN D 150 -2.52 -38.48 31.03
CA ASN D 150 -2.00 -38.59 32.38
C ASN D 150 -0.54 -39.00 32.39
N ASN D 151 -0.16 -39.87 31.43
CA ASN D 151 1.22 -40.34 31.38
C ASN D 151 2.19 -39.17 31.41
N CYS D 152 3.13 -39.25 32.33
CA CYS D 152 4.14 -38.22 32.50
C CYS D 152 5.46 -38.72 31.92
N GLY D 153 6.55 -38.03 32.24
CA GLY D 153 7.77 -38.19 31.47
C GLY D 153 8.40 -39.56 31.62
N THR D 154 9.28 -39.86 30.66
CA THR D 154 10.22 -40.97 30.73
C THR D 154 11.56 -40.55 31.31
N SER D 155 11.82 -39.24 31.41
CA SER D 155 12.95 -38.70 32.12
C SER D 155 12.46 -38.00 33.38
N VAL D 156 13.39 -37.73 34.31
CA VAL D 156 12.99 -37.00 35.51
C VAL D 156 12.74 -35.53 35.18
N THR D 157 13.42 -35.00 34.16
CA THR D 157 13.13 -33.64 33.70
C THR D 157 11.81 -33.60 32.94
N GLU D 158 11.51 -34.65 32.18
CA GLU D 158 10.22 -34.76 31.51
C GLU D 158 9.08 -34.85 32.50
N VAL D 159 9.27 -35.65 33.55
CA VAL D 159 8.27 -35.71 34.62
C VAL D 159 8.06 -34.31 35.20
N LEU D 160 9.16 -33.62 35.57
CA LEU D 160 9.07 -32.26 36.14
C LEU D 160 8.21 -31.33 35.28
N GLU D 161 8.31 -31.42 33.96
CA GLU D 161 7.43 -30.63 33.11
C GLU D 161 5.97 -31.01 33.32
N HIS D 162 5.68 -32.31 33.34
CA HIS D 162 4.33 -32.77 33.63
C HIS D 162 3.87 -32.33 35.00
N ILE D 163 4.75 -32.41 36.00
CA ILE D 163 4.34 -31.87 37.30
C ILE D 163 3.84 -30.44 37.12
N LEU D 164 4.70 -29.54 36.59
CA LEU D 164 4.42 -28.10 36.57
C LEU D 164 3.18 -27.69 35.78
N LYS D 165 2.70 -28.52 34.84
CA LYS D 165 1.55 -28.16 34.03
C LYS D 165 0.22 -28.38 34.74
N GLN D 166 0.17 -29.31 35.68
CA GLN D 166 -1.10 -29.71 36.28
C GLN D 166 -1.76 -28.52 36.97
N GLU D 167 -3.08 -28.39 36.80
CA GLU D 167 -3.80 -27.42 37.60
C GLU D 167 -3.53 -27.66 39.08
N ALA D 168 -3.23 -28.90 39.47
CA ALA D 168 -2.93 -29.29 40.83
C ALA D 168 -1.49 -29.02 41.24
N LEU D 169 -0.77 -28.10 40.58
CA LEU D 169 0.35 -27.44 41.24
C LEU D 169 0.48 -25.96 40.92
N LYS D 170 -0.34 -25.41 40.02
CA LYS D 170 -0.57 -23.97 40.04
C LYS D 170 -1.56 -23.58 41.14
N GLU D 171 -2.43 -24.51 41.54
CA GLU D 171 -3.39 -24.30 42.63
C GLU D 171 -2.72 -23.64 43.85
N ALA D 172 -1.55 -24.15 44.25
CA ALA D 172 -0.92 -23.80 45.52
C ALA D 172 0.11 -22.70 45.36
N LEU D 173 0.88 -22.73 44.27
CA LEU D 173 1.74 -21.60 43.96
C LEU D 173 0.97 -20.29 44.11
N LEU D 174 -0.17 -20.20 43.41
CA LEU D 174 -1.02 -19.02 43.52
C LEU D 174 -1.42 -18.73 44.96
N SER D 175 -1.78 -19.77 45.72
CA SER D 175 -2.21 -19.56 47.10
C SER D 175 -1.06 -19.06 47.98
N ILE D 176 0.17 -19.46 47.66
CA ILE D 176 1.32 -19.04 48.46
C ILE D 176 1.79 -17.64 48.04
N VAL D 177 1.88 -17.39 46.74
CA VAL D 177 2.30 -16.06 46.28
C VAL D 177 1.28 -15.01 46.64
N LYS D 178 0.03 -15.42 46.89
CA LYS D 178 -1.05 -14.45 47.04
C LYS D 178 -0.87 -13.60 48.28
N LYS D 179 -0.87 -12.28 48.09
CA LYS D 179 -0.96 -11.33 49.17
C LYS D 179 -2.36 -10.74 49.21
N PRO D 180 -2.95 -10.57 50.39
CA PRO D 180 -4.35 -10.10 50.46
C PRO D 180 -4.50 -8.63 50.12
N LYS D 181 -3.65 -7.77 50.71
CA LYS D 181 -3.78 -6.34 50.47
C LYS D 181 -3.44 -5.98 49.03
N GLY D 182 -2.22 -6.31 48.60
CA GLY D 182 -1.76 -5.97 47.26
C GLY D 182 -1.75 -7.17 46.33
N ALA D 183 -1.42 -6.88 45.07
CA ALA D 183 -1.30 -7.92 44.05
C ALA D 183 -0.24 -8.95 44.47
N PRO D 184 -0.28 -10.14 43.88
CA PRO D 184 0.73 -11.15 44.24
C PRO D 184 2.13 -10.71 43.81
N ASP D 185 3.13 -11.32 44.46
CA ASP D 185 4.52 -10.98 44.24
C ASP D 185 5.06 -11.77 43.05
N LYS D 186 5.45 -11.05 41.99
CA LYS D 186 6.02 -11.71 40.82
C LYS D 186 7.37 -12.35 41.15
N THR D 187 8.14 -11.75 42.07
CA THR D 187 9.48 -12.26 42.36
C THR D 187 9.40 -13.54 43.19
N ALA D 188 8.56 -13.56 44.22
CA ALA D 188 8.44 -14.75 45.05
C ALA D 188 7.95 -15.94 44.22
N ALA D 189 7.06 -15.70 43.25
CA ALA D 189 6.66 -16.75 42.33
C ALA D 189 7.87 -17.29 41.59
N ASP D 190 8.80 -16.42 41.21
CA ASP D 190 10.03 -16.87 40.57
C ASP D 190 10.89 -17.67 41.54
N GLU D 191 11.03 -17.17 42.78
CA GLU D 191 11.88 -17.84 43.75
C GLU D 191 11.35 -19.23 44.09
N LEU D 192 10.04 -19.42 44.06
CA LEU D 192 9.47 -20.71 44.44
C LEU D 192 9.70 -21.76 43.38
N VAL D 193 9.48 -21.44 42.10
CA VAL D 193 9.63 -22.45 41.08
C VAL D 193 11.10 -22.78 40.84
N THR D 194 12.01 -21.82 41.10
CA THR D 194 13.43 -22.15 41.08
C THR D 194 13.76 -23.21 42.12
N ALA D 195 13.25 -23.03 43.34
CA ALA D 195 13.50 -23.99 44.40
C ALA D 195 12.90 -25.35 44.06
N LEU D 196 11.66 -25.36 43.56
CA LEU D 196 11.02 -26.61 43.20
C LEU D 196 11.74 -27.29 42.05
N ILE D 197 12.13 -26.53 41.02
CA ILE D 197 12.83 -27.11 39.88
C ILE D 197 14.21 -27.61 40.31
N ASN D 198 14.93 -26.81 41.10
CA ASN D 198 16.26 -27.22 41.55
C ASN D 198 16.18 -28.46 42.41
N GLY D 199 15.12 -28.59 43.21
CA GLY D 199 14.97 -29.78 44.03
C GLY D 199 14.81 -31.04 43.21
N VAL D 200 13.99 -30.97 42.16
CA VAL D 200 13.81 -32.12 41.27
C VAL D 200 15.03 -32.31 40.38
N VAL D 201 15.64 -31.23 39.91
CA VAL D 201 16.81 -31.32 39.03
C VAL D 201 17.94 -30.47 39.61
N PRO D 202 19.05 -31.09 40.04
CA PRO D 202 20.15 -30.29 40.61
C PRO D 202 20.83 -29.33 39.64
N ASN D 203 21.13 -29.74 38.41
CA ASN D 203 21.89 -28.88 37.50
C ASN D 203 20.97 -28.30 36.43
N SER D 204 20.84 -26.98 36.43
CA SER D 204 19.91 -26.29 35.55
C SER D 204 20.39 -26.30 34.10
N THR D 205 19.46 -26.41 33.17
CA THR D 205 19.78 -26.45 31.75
C THR D 205 19.03 -25.31 31.07
N ALA D 206 19.25 -25.15 29.77
CA ALA D 206 18.40 -24.25 28.99
C ALA D 206 16.99 -24.80 28.91
N GLN D 207 16.85 -26.11 28.72
CA GLN D 207 15.59 -26.80 28.87
C GLN D 207 14.83 -26.39 30.14
N THR D 208 15.54 -26.35 31.28
CA THR D 208 14.91 -26.04 32.56
C THR D 208 14.42 -24.60 32.60
N GLN D 209 15.25 -23.67 32.14
CA GLN D 209 14.92 -22.26 32.17
C GLN D 209 13.70 -21.95 31.29
N LYS D 210 13.69 -22.49 30.08
CA LYS D 210 12.56 -22.23 29.19
C LYS D 210 11.31 -22.94 29.69
N LEU D 211 11.47 -24.03 30.43
CA LEU D 211 10.35 -24.63 31.13
C LEU D 211 9.85 -23.71 32.24
N LYS D 212 10.72 -23.39 33.19
CA LYS D 212 10.46 -22.46 34.29
C LYS D 212 9.75 -21.21 33.79
N GLU D 213 10.19 -20.67 32.66
CA GLU D 213 9.57 -19.47 32.11
C GLU D 213 8.21 -19.79 31.48
N LYS D 214 8.09 -20.95 30.82
CA LYS D 214 6.83 -21.29 30.17
C LYS D 214 5.69 -21.39 31.17
N ILE D 215 5.95 -21.96 32.34
CA ILE D 215 4.90 -22.11 33.34
C ILE D 215 4.62 -20.78 34.04
N LEU D 216 5.67 -20.01 34.31
CA LEU D 216 5.47 -18.69 34.91
C LEU D 216 4.70 -17.77 33.96
N ASN D 217 4.96 -17.88 32.66
CA ASN D 217 4.18 -17.11 31.69
C ASN D 217 2.73 -17.54 31.68
N THR D 218 2.47 -18.83 31.91
CA THR D 218 1.10 -19.35 31.93
C THR D 218 0.28 -18.71 33.06
N LEU D 219 0.94 -18.26 34.11
CA LEU D 219 0.25 -17.73 35.28
C LEU D 219 -0.04 -16.24 35.20
N VAL D 220 0.70 -15.51 34.37
CA VAL D 220 0.68 -14.03 34.30
C VAL D 220 -0.73 -13.44 34.37
N PRO D 221 -1.74 -14.01 33.68
CA PRO D 221 -3.09 -13.46 33.86
C PRO D 221 -3.60 -13.53 35.30
N LYS D 222 -3.35 -14.62 36.00
CA LYS D 222 -3.87 -14.75 37.37
C LYS D 222 -3.12 -13.86 38.36
N LEU D 223 -1.89 -13.47 38.05
CA LEU D 223 -1.13 -12.51 38.86
C LEU D 223 -1.61 -11.10 38.50
N VAL D 224 -2.76 -10.73 39.08
CA VAL D 224 -3.31 -9.39 38.90
C VAL D 224 -2.36 -8.36 39.51
N GLU E 4 5.65 6.94 36.60
CA GLU E 4 5.61 7.03 35.14
C GLU E 4 6.79 6.37 34.45
N VAL E 5 6.51 5.27 33.76
CA VAL E 5 7.54 4.57 33.01
C VAL E 5 7.91 5.39 31.78
N LYS E 6 9.22 5.51 31.54
CA LYS E 6 9.73 6.25 30.41
C LYS E 6 10.79 5.38 29.74
N LEU E 7 10.70 5.25 28.41
CA LEU E 7 11.73 4.58 27.64
C LEU E 7 12.08 5.47 26.48
N GLU E 8 13.36 5.78 26.35
CA GLU E 8 13.85 6.56 25.22
C GLU E 8 14.99 5.81 24.59
N GLU E 9 15.01 5.79 23.28
CA GLU E 9 16.06 5.15 22.52
C GLU E 9 16.94 6.26 21.96
N SER E 10 18.24 5.99 21.85
CA SER E 10 19.15 6.96 21.28
C SER E 10 20.31 6.22 20.64
N GLY E 11 21.05 6.94 19.80
CA GLY E 11 22.20 6.39 19.13
C GLY E 11 21.96 6.05 17.67
N GLY E 12 20.75 6.22 17.17
CA GLY E 12 20.49 5.92 15.77
C GLY E 12 21.13 6.95 14.84
N GLY E 13 21.42 6.51 13.63
CA GLY E 13 22.03 7.39 12.66
C GLY E 13 22.36 6.65 11.39
N LEU E 14 23.25 7.26 10.60
CA LEU E 14 23.66 6.71 9.32
C LEU E 14 24.95 5.92 9.48
N VAL E 15 24.96 4.69 8.96
CA VAL E 15 26.10 3.78 9.04
C VAL E 15 26.36 3.23 7.65
N GLN E 16 27.65 3.05 7.32
CA GLN E 16 28.01 2.42 6.06
C GLN E 16 27.87 0.90 6.17
N PRO E 17 27.58 0.22 5.06
CA PRO E 17 27.47 -1.25 5.10
C PRO E 17 28.73 -1.88 5.67
N GLY E 18 28.54 -2.90 6.50
CA GLY E 18 29.62 -3.55 7.20
C GLY E 18 30.03 -2.90 8.50
N GLY E 19 29.58 -1.68 8.77
CA GLY E 19 29.96 -0.97 9.99
C GLY E 19 29.20 -1.48 11.20
N SER E 20 29.46 -0.82 12.33
CA SER E 20 28.85 -1.18 13.59
C SER E 20 28.24 0.05 14.24
N LEU E 21 27.27 -0.20 15.14
CA LEU E 21 26.55 0.86 15.82
C LEU E 21 25.97 0.32 17.12
N ARG E 22 25.92 1.17 18.13
CA ARG E 22 25.30 0.82 19.41
C ARG E 22 24.18 1.82 19.71
N VAL E 23 22.97 1.31 19.86
CA VAL E 23 21.84 2.13 20.30
C VAL E 23 21.55 1.75 21.74
N SER E 24 20.97 2.68 22.49
CA SER E 24 20.75 2.47 23.92
C SER E 24 19.37 2.95 24.31
N CYS E 25 18.89 2.42 25.42
CA CYS E 25 17.56 2.73 25.94
C CYS E 25 17.69 3.10 27.40
N ALA E 26 17.44 4.37 27.72
CA ALA E 26 17.48 4.85 29.10
C ALA E 26 16.08 4.74 29.69
N THR E 27 15.97 4.14 30.86
CA THR E 27 14.67 3.85 31.47
C THR E 27 14.50 4.61 32.77
N SER E 28 13.23 4.88 33.09
CA SER E 28 12.86 5.47 34.36
C SER E 28 11.41 5.10 34.63
N GLY E 29 11.00 5.25 35.89
CA GLY E 29 9.62 5.03 36.27
C GLY E 29 9.27 3.63 36.70
N PHE E 30 10.25 2.73 36.78
CA PHE E 30 9.99 1.39 37.29
C PHE E 30 11.33 0.77 37.65
N THR E 31 11.27 -0.28 38.46
CA THR E 31 12.50 -0.93 38.91
C THR E 31 13.00 -1.79 37.76
N PHE E 32 13.89 -1.18 36.98
CA PHE E 32 14.48 -1.80 35.80
C PHE E 32 14.93 -3.23 36.04
N THR E 33 15.50 -3.46 37.22
CA THR E 33 16.17 -4.71 37.57
C THR E 33 15.25 -5.94 37.54
N ASP E 34 13.95 -5.76 37.74
CA ASP E 34 13.02 -6.87 37.85
C ASP E 34 12.43 -7.34 36.53
N TYR E 35 12.75 -6.68 35.41
CA TYR E 35 12.05 -6.92 34.15
C TYR E 35 12.98 -7.48 33.08
N TYR E 36 12.44 -8.41 32.29
CA TYR E 36 13.02 -8.73 30.99
C TYR E 36 12.79 -7.56 30.03
N MET E 37 13.72 -7.37 29.10
CA MET E 37 13.65 -6.27 28.15
C MET E 37 13.84 -6.81 26.74
N ASN E 38 13.10 -6.24 25.79
CA ASN E 38 13.15 -6.67 24.40
C ASN E 38 13.67 -5.57 23.49
N TRP E 39 14.14 -5.98 22.32
CA TRP E 39 14.39 -5.09 21.20
C TRP E 39 13.56 -5.56 20.02
N VAL E 40 12.91 -4.62 19.35
CA VAL E 40 12.09 -4.88 18.17
C VAL E 40 12.46 -3.79 17.16
N ARG E 41 12.44 -4.15 15.88
CA ARG E 41 12.72 -3.18 14.83
C ARG E 41 11.61 -3.21 13.80
N GLN E 42 11.54 -2.13 13.03
CA GLN E 42 10.53 -2.06 11.98
C GLN E 42 11.10 -1.31 10.78
N PRO E 43 11.42 -1.99 9.68
CA PRO E 43 11.89 -1.30 8.49
C PRO E 43 10.79 -0.38 7.95
N PRO E 44 11.18 0.69 7.28
CA PRO E 44 10.17 1.64 6.77
C PRO E 44 9.15 0.93 5.87
N GLY E 45 7.89 1.03 6.26
CA GLY E 45 6.77 0.46 5.51
C GLY E 45 6.57 -1.03 5.64
N LYS E 46 7.22 -1.69 6.61
CA LYS E 46 7.13 -3.14 6.76
C LYS E 46 6.67 -3.52 8.17
N ALA E 47 6.56 -4.82 8.41
CA ALA E 47 5.98 -5.33 9.63
C ALA E 47 7.01 -5.34 10.75
N LEU E 48 6.51 -5.43 11.98
CA LEU E 48 7.38 -5.54 13.15
C LEU E 48 8.18 -6.84 13.10
N GLU E 49 9.39 -6.78 13.65
CA GLU E 49 10.27 -7.93 13.71
C GLU E 49 10.93 -7.95 15.08
N TRP E 50 10.69 -9.04 15.83
CA TRP E 50 11.33 -9.22 17.12
C TRP E 50 12.80 -9.56 16.95
N LEU E 51 13.66 -8.90 17.71
CA LEU E 51 15.11 -9.12 17.60
C LEU E 51 15.67 -9.97 18.72
N GLY E 52 15.22 -9.75 19.95
CA GLY E 52 15.74 -10.53 21.06
C GLY E 52 15.31 -9.94 22.37
N PHE E 53 15.60 -10.69 23.44
CA PHE E 53 15.40 -10.18 24.80
C PHE E 53 16.57 -10.61 25.67
N ILE E 54 16.71 -9.92 26.80
CA ILE E 54 17.73 -10.21 27.80
C ILE E 54 17.03 -10.45 29.13
N ARG E 55 17.47 -11.50 29.84
CA ARG E 55 16.89 -11.86 31.11
C ARG E 55 17.40 -10.93 32.22
N ASN E 56 16.70 -10.93 33.35
CA ASN E 56 17.09 -10.12 34.49
C ASN E 56 18.15 -10.85 35.32
N LYS E 57 18.52 -10.23 36.45
CA LYS E 57 19.57 -10.78 37.30
C LYS E 57 19.16 -12.13 37.88
N ALA E 58 17.90 -12.27 38.29
CA ALA E 58 17.43 -13.52 38.88
C ALA E 58 17.48 -14.69 37.91
N ASN E 59 17.57 -14.43 36.60
CA ASN E 59 17.55 -15.49 35.61
C ASN E 59 18.83 -15.54 34.79
N GLY E 60 19.90 -14.89 35.26
CA GLY E 60 21.23 -15.12 34.74
C GLY E 60 21.71 -14.17 33.67
N TYR E 61 20.97 -13.10 33.37
CA TYR E 61 21.38 -12.07 32.40
C TYR E 61 21.57 -12.62 30.99
N THR E 62 21.07 -13.82 30.69
CA THR E 62 21.26 -14.42 29.37
C THR E 62 20.26 -13.85 28.36
N THR E 63 20.52 -14.16 27.08
CA THR E 63 19.82 -13.53 25.97
C THR E 63 19.30 -14.59 25.00
N GLU E 64 18.25 -14.20 24.25
CA GLU E 64 17.75 -14.94 23.10
C GLU E 64 17.69 -14.00 21.91
N TYR E 65 17.86 -14.57 20.71
CA TYR E 65 17.89 -13.78 19.49
C TYR E 65 17.16 -14.48 18.36
N SER E 66 16.61 -13.70 17.44
CA SER E 66 16.12 -14.23 16.18
C SER E 66 17.29 -14.54 15.26
N ALA E 67 17.04 -15.45 14.31
CA ALA E 67 18.13 -15.97 13.49
C ALA E 67 18.71 -14.92 12.55
N SER E 68 17.90 -14.00 12.04
CA SER E 68 18.40 -12.98 11.12
C SER E 68 19.44 -12.09 11.77
N VAL E 69 19.58 -12.17 13.09
CA VAL E 69 20.38 -11.22 13.87
C VAL E 69 21.33 -11.89 14.84
N LYS E 70 21.09 -13.16 15.19
CA LYS E 70 21.98 -13.93 16.06
C LYS E 70 23.41 -13.90 15.54
N GLY E 71 24.36 -13.61 16.44
CA GLY E 71 25.76 -13.56 16.11
C GLY E 71 26.28 -12.20 15.68
N ARG E 72 25.41 -11.34 15.15
CA ARG E 72 25.81 -9.99 14.79
C ARG E 72 25.43 -8.95 15.84
N PHE E 73 24.30 -9.12 16.50
CA PHE E 73 23.83 -8.16 17.49
C PHE E 73 24.02 -8.74 18.89
N THR E 74 24.26 -7.85 19.85
CA THR E 74 24.45 -8.23 21.24
C THR E 74 23.60 -7.32 22.12
N ILE E 75 22.71 -7.91 22.91
CA ILE E 75 21.92 -7.17 23.89
C ILE E 75 22.64 -7.25 25.23
N SER E 76 22.77 -6.11 25.90
CA SER E 76 23.33 -6.05 27.24
C SER E 76 22.54 -5.03 28.04
N ARG E 77 22.72 -5.06 29.36
CA ARG E 77 22.05 -4.11 30.24
C ARG E 77 23.00 -3.68 31.33
N ASP E 78 22.77 -2.47 31.84
CA ASP E 78 23.52 -1.93 32.96
C ASP E 78 22.49 -1.64 34.05
N ASP E 79 22.36 -2.56 35.01
CA ASP E 79 21.35 -2.38 36.06
C ASP E 79 21.69 -1.20 36.95
N SER E 80 22.98 -0.85 37.06
CA SER E 80 23.39 0.27 37.89
C SER E 80 22.85 1.59 37.37
N GLN E 81 22.84 1.77 36.05
CA GLN E 81 22.36 3.00 35.45
C GLN E 81 20.98 2.86 34.83
N SER E 82 20.39 1.66 34.86
CA SER E 82 19.08 1.42 34.28
C SER E 82 19.07 1.74 32.79
N ILE E 83 20.07 1.21 32.09
CA ILE E 83 20.19 1.40 30.64
C ILE E 83 20.26 0.04 29.96
N LEU E 84 19.56 -0.08 28.84
CA LEU E 84 19.61 -1.27 28.00
C LEU E 84 20.31 -0.91 26.70
N TYR E 85 21.18 -1.81 26.23
CA TYR E 85 22.02 -1.59 25.07
C TYR E 85 21.71 -2.62 23.99
N LEU E 86 21.91 -2.21 22.73
CA LEU E 86 21.92 -3.14 21.61
C LEU E 86 23.13 -2.81 20.74
N GLN E 87 24.06 -3.75 20.64
CA GLN E 87 25.28 -3.56 19.88
C GLN E 87 25.15 -4.27 18.55
N MET E 88 25.20 -3.51 17.46
CA MET E 88 25.00 -4.04 16.13
C MET E 88 26.33 -4.02 15.38
N ASN E 89 26.70 -5.16 14.81
CA ASN E 89 27.92 -5.28 14.03
C ASN E 89 27.58 -5.83 12.65
N THR E 90 28.48 -5.58 11.69
CA THR E 90 28.33 -6.07 10.32
C THR E 90 26.96 -5.72 9.75
N LEU E 91 26.62 -4.44 9.82
CA LEU E 91 25.30 -4.00 9.39
C LEU E 91 25.16 -4.08 7.88
N ARG E 92 23.96 -4.44 7.43
CA ARG E 92 23.64 -4.47 6.02
C ARG E 92 22.39 -3.65 5.80
N ALA E 93 22.05 -3.46 4.53
CA ALA E 93 20.86 -2.69 4.22
C ALA E 93 19.61 -3.29 4.87
N GLU E 94 19.52 -4.61 5.03
CA GLU E 94 18.23 -5.02 5.61
C GLU E 94 18.14 -4.68 7.12
N ASP E 95 19.18 -4.09 7.72
CA ASP E 95 19.10 -3.60 9.09
C ASP E 95 18.54 -2.18 9.22
N SER E 96 18.29 -1.46 8.12
CA SER E 96 17.69 -0.14 8.21
C SER E 96 16.26 -0.24 8.73
N ALA E 97 15.98 0.42 9.85
CA ALA E 97 14.70 0.30 10.52
C ALA E 97 14.61 1.31 11.66
N SER E 98 13.40 1.48 12.18
CA SER E 98 13.23 2.09 13.50
C SER E 98 13.41 1.02 14.56
N TYR E 99 14.25 1.29 15.54
CA TYR E 99 14.59 0.31 16.57
C TYR E 99 13.89 0.68 17.87
N TYR E 100 13.06 -0.22 18.37
CA TYR E 100 12.23 0.01 19.54
C TYR E 100 12.73 -0.81 20.73
N CYS E 101 12.79 -0.15 21.88
CA CYS E 101 13.07 -0.78 23.15
C CYS E 101 11.74 -1.03 23.86
N ALA E 102 11.54 -2.25 24.35
CA ALA E 102 10.23 -2.63 24.88
C ALA E 102 10.38 -3.46 26.13
N ARG E 103 9.60 -3.12 27.16
CA ARG E 103 9.63 -3.84 28.42
C ARG E 103 8.71 -5.06 28.36
N ASP E 104 9.19 -6.18 28.89
CA ASP E 104 8.44 -7.42 28.86
C ASP E 104 7.46 -7.49 30.02
N LYS E 105 6.25 -7.99 29.73
CA LYS E 105 5.23 -8.18 30.76
C LYS E 105 5.47 -9.40 31.63
N GLY E 106 6.23 -10.38 31.13
CA GLY E 106 6.50 -11.59 31.90
C GLY E 106 7.92 -12.10 31.77
N TRP E 107 8.08 -13.37 31.45
CA TRP E 107 9.39 -14.01 31.31
C TRP E 107 9.61 -14.39 29.86
N GLY E 108 9.74 -13.36 29.01
CA GLY E 108 9.74 -13.59 27.57
C GLY E 108 8.32 -13.77 27.09
N TYR E 109 7.51 -12.75 27.34
CA TYR E 109 6.08 -12.81 27.09
C TYR E 109 5.68 -11.76 26.06
N ALA E 110 4.66 -10.97 26.39
CA ALA E 110 4.27 -9.85 25.55
C ALA E 110 4.96 -8.58 26.03
N MET E 111 5.01 -7.59 25.14
CA MET E 111 5.69 -6.32 25.40
C MET E 111 4.64 -5.25 25.70
N ASP E 112 4.66 -4.73 26.94
CA ASP E 112 3.60 -3.83 27.40
C ASP E 112 3.97 -2.36 27.39
N TYR E 113 5.24 -2.01 27.29
CA TYR E 113 5.64 -0.61 27.22
C TYR E 113 6.76 -0.44 26.20
N TRP E 114 6.65 0.58 25.36
CA TRP E 114 7.57 0.80 24.24
C TRP E 114 8.12 2.21 24.24
N GLY E 115 9.36 2.37 23.72
CA GLY E 115 9.95 3.67 23.49
C GLY E 115 9.45 4.31 22.21
N GLN E 116 9.88 5.55 21.96
CA GLN E 116 9.44 6.25 20.74
C GLN E 116 10.04 5.56 19.52
N GLY E 117 11.22 5.00 19.69
CA GLY E 117 12.05 4.39 18.68
C GLY E 117 13.18 5.30 18.21
N THR E 118 14.25 4.67 17.70
CA THR E 118 15.38 5.41 17.11
C THR E 118 15.66 4.87 15.71
N SER E 119 15.99 5.78 14.79
CA SER E 119 16.10 5.45 13.38
C SER E 119 17.54 5.12 13.00
N VAL E 120 17.73 4.01 12.30
CA VAL E 120 19.03 3.60 11.79
C VAL E 120 18.92 3.39 10.29
N THR E 121 19.83 4.01 9.54
CA THR E 121 19.94 3.82 8.10
C THR E 121 21.31 3.25 7.79
N VAL E 122 21.35 2.12 7.11
CA VAL E 122 22.59 1.49 6.66
C VAL E 122 22.70 1.74 5.17
N SER E 123 23.69 2.53 4.78
CA SER E 123 23.81 2.94 3.38
C SER E 123 25.18 3.57 3.17
N SER E 124 25.66 3.48 1.93
CA SER E 124 26.92 4.10 1.55
C SER E 124 26.75 5.51 1.03
N ALA E 125 25.50 5.97 0.88
CA ALA E 125 25.24 7.36 0.52
C ALA E 125 25.63 8.29 1.66
N LYS E 126 26.03 9.51 1.31
CA LYS E 126 26.51 10.48 2.29
C LYS E 126 25.39 11.39 2.77
N THR E 127 25.58 11.93 3.97
CA THR E 127 24.62 12.84 4.57
C THR E 127 24.50 14.11 3.75
N THR E 128 23.27 14.53 3.48
CA THR E 128 22.98 15.75 2.73
C THR E 128 21.98 16.58 3.52
N PRO E 129 22.28 17.84 3.82
CA PRO E 129 21.32 18.67 4.54
C PRO E 129 20.18 19.08 3.63
N PRO E 130 19.00 19.37 4.19
CA PRO E 130 17.85 19.74 3.34
C PRO E 130 17.88 21.21 2.94
N SER E 131 17.27 21.48 1.79
CA SER E 131 16.90 22.84 1.40
C SER E 131 15.47 23.10 1.85
N VAL E 132 15.25 24.26 2.49
CA VAL E 132 13.96 24.61 3.08
C VAL E 132 13.43 25.84 2.36
N TYR E 133 12.30 25.70 1.68
CA TYR E 133 11.74 26.79 0.92
C TYR E 133 10.34 27.13 1.43
N PRO E 134 10.03 28.40 1.61
CA PRO E 134 8.69 28.78 2.05
C PRO E 134 7.70 28.67 0.90
N LEU E 135 6.48 28.26 1.24
CA LEU E 135 5.38 28.22 0.27
C LEU E 135 4.34 29.25 0.68
N ALA E 136 4.29 30.36 -0.04
CA ALA E 136 3.29 31.39 0.17
C ALA E 136 2.37 31.48 -1.04
N PRO E 137 1.10 31.82 -0.84
CA PRO E 137 0.17 31.91 -1.98
C PRO E 137 0.56 33.03 -2.94
N GLY E 138 0.14 32.87 -4.19
CA GLY E 138 0.39 33.90 -5.18
C GLY E 138 -0.20 35.23 -4.76
N SER E 139 0.46 36.32 -5.16
CA SER E 139 0.02 37.64 -4.70
C SER E 139 -1.28 38.07 -5.35
N ALA E 140 -1.57 37.59 -6.55
CA ALA E 140 -2.85 37.84 -7.20
C ALA E 140 -3.90 36.78 -6.84
N ALA E 141 -3.66 36.02 -5.79
CA ALA E 141 -4.55 34.92 -5.45
C ALA E 141 -5.66 35.37 -4.50
N GLN E 142 -6.88 34.95 -4.86
CA GLN E 142 -8.06 35.01 -4.03
C GLN E 142 -7.72 34.79 -2.56
N THR E 143 -8.03 35.75 -1.71
CA THR E 143 -7.84 35.56 -0.27
C THR E 143 -9.17 35.16 0.37
N ASN E 144 -9.08 34.21 1.32
CA ASN E 144 -10.20 33.61 2.03
C ASN E 144 -10.00 33.79 3.53
N SER E 145 -11.04 33.46 4.30
CA SER E 145 -10.95 33.63 5.74
C SER E 145 -9.89 32.71 6.33
N MET E 146 -9.70 31.55 5.70
CA MET E 146 -8.61 30.63 6.04
C MET E 146 -7.59 30.66 4.92
N VAL E 147 -6.32 30.80 5.27
CA VAL E 147 -5.22 30.78 4.31
C VAL E 147 -4.33 29.59 4.60
N THR E 148 -3.87 28.92 3.55
CA THR E 148 -3.00 27.76 3.67
C THR E 148 -1.58 28.16 3.32
N LEU E 149 -0.65 27.86 4.22
CA LEU E 149 0.77 28.06 3.99
C LEU E 149 1.48 26.73 4.05
N GLY E 150 2.69 26.70 3.53
CA GLY E 150 3.45 25.46 3.50
C GLY E 150 4.93 25.71 3.53
N CYS E 151 5.71 24.64 3.63
CA CYS E 151 7.13 24.82 3.46
C CYS E 151 7.68 23.50 2.96
N LEU E 152 8.64 23.59 2.04
CA LEU E 152 9.09 22.45 1.25
C LEU E 152 10.51 22.07 1.65
N VAL E 153 10.70 20.83 2.05
CA VAL E 153 11.97 20.33 2.57
C VAL E 153 12.52 19.35 1.53
N LYS E 154 13.49 19.79 0.73
CA LYS E 154 13.89 19.07 -0.47
C LYS E 154 15.35 18.64 -0.41
N GLY E 155 15.61 17.42 -0.88
CA GLY E 155 16.96 16.95 -1.14
C GLY E 155 17.87 16.71 0.05
N TYR E 156 17.42 15.91 1.01
CA TYR E 156 18.22 15.57 2.18
C TYR E 156 18.40 14.06 2.28
N PHE E 157 19.40 13.66 3.07
CA PHE E 157 19.64 12.25 3.35
C PHE E 157 20.44 12.15 4.64
N PRO E 158 20.12 11.22 5.54
CA PRO E 158 19.01 10.27 5.47
C PRO E 158 17.77 10.80 6.17
N GLU E 159 16.72 9.98 6.27
CA GLU E 159 15.62 10.26 7.15
C GLU E 159 16.08 10.07 8.60
N PRO E 160 15.43 10.76 9.56
CA PRO E 160 14.28 11.66 9.40
C PRO E 160 14.59 13.15 9.51
N VAL E 161 13.59 13.96 9.14
CA VAL E 161 13.54 15.37 9.52
C VAL E 161 12.28 15.59 10.33
N THR E 162 12.31 16.60 11.19
CA THR E 162 11.15 17.00 11.96
C THR E 162 10.73 18.41 11.53
N VAL E 163 9.42 18.61 11.40
CA VAL E 163 8.85 19.90 11.04
C VAL E 163 7.84 20.31 12.12
N THR E 164 8.00 21.53 12.64
CA THR E 164 7.02 22.14 13.52
C THR E 164 6.71 23.54 13.00
N TRP E 165 5.60 24.11 13.47
CA TRP E 165 5.18 25.44 13.06
C TRP E 165 5.09 26.35 14.28
N ASN E 166 5.74 27.51 14.20
CA ASN E 166 5.86 28.45 15.32
C ASN E 166 6.29 27.73 16.60
N SER E 167 7.31 26.88 16.47
CA SER E 167 7.90 26.16 17.60
C SER E 167 6.85 25.33 18.34
N GLY E 168 5.93 24.74 17.58
CA GLY E 168 4.90 23.91 18.16
C GLY E 168 3.64 24.64 18.58
N SER E 169 3.68 25.98 18.64
CA SER E 169 2.50 26.74 19.00
C SER E 169 1.39 26.62 17.95
N LEU E 170 1.74 26.25 16.72
CA LEU E 170 0.78 25.94 15.67
C LEU E 170 0.80 24.43 15.48
N SER E 171 -0.17 23.74 16.08
CA SER E 171 -0.25 22.29 15.97
C SER E 171 -1.53 21.79 15.31
N SER E 172 -2.64 22.49 15.49
CA SER E 172 -3.86 22.14 14.79
C SER E 172 -3.80 22.66 13.36
N GLY E 173 -4.45 21.93 12.45
CA GLY E 173 -4.45 22.33 11.05
C GLY E 173 -3.13 22.14 10.34
N VAL E 174 -2.31 21.20 10.79
CA VAL E 174 -0.99 20.92 10.21
C VAL E 174 -1.03 19.54 9.56
N HIS E 175 -0.54 19.45 8.33
CA HIS E 175 -0.32 18.18 7.64
C HIS E 175 1.15 18.12 7.24
N THR E 176 1.88 17.16 7.79
CA THR E 176 3.24 16.90 7.35
C THR E 176 3.24 15.59 6.58
N PHE E 177 3.65 15.64 5.36
CA PHE E 177 3.49 14.50 4.46
C PHE E 177 4.71 13.59 4.51
N PRO E 178 4.51 12.28 4.37
CA PRO E 178 5.63 11.35 4.44
C PRO E 178 6.67 11.65 3.35
N ALA E 179 7.94 11.47 3.70
CA ALA E 179 9.02 11.70 2.75
C ALA E 179 8.99 10.68 1.63
N VAL E 180 9.45 11.08 0.45
CA VAL E 180 9.57 10.20 -0.70
C VAL E 180 11.01 10.25 -1.21
N LEU E 181 11.55 9.08 -1.52
CA LEU E 181 12.93 8.96 -1.97
C LEU E 181 12.99 9.03 -3.50
N GLN E 182 13.80 9.95 -4.02
CA GLN E 182 14.07 10.02 -5.45
C GLN E 182 15.55 10.32 -5.62
N SER E 183 16.25 9.48 -6.40
CA SER E 183 17.67 9.69 -6.72
C SER E 183 18.53 9.78 -5.46
N ASP E 184 18.26 8.91 -4.49
CA ASP E 184 18.99 8.83 -3.23
C ASP E 184 18.89 10.12 -2.41
N LEU E 185 17.82 10.88 -2.59
CA LEU E 185 17.54 12.01 -1.72
C LEU E 185 16.07 12.07 -1.39
N TYR E 186 15.78 12.47 -0.16
CA TYR E 186 14.41 12.56 0.34
C TYR E 186 13.87 13.97 0.16
N THR E 187 12.56 14.04 -0.05
CA THR E 187 11.83 15.30 -0.11
C THR E 187 10.53 15.14 0.64
N LEU E 188 10.17 16.13 1.45
CA LEU E 188 8.84 16.18 2.05
C LEU E 188 8.34 17.61 2.07
N SER E 189 7.07 17.75 2.41
CA SER E 189 6.44 19.05 2.54
C SER E 189 5.53 19.06 3.76
N SER E 190 5.16 20.26 4.18
CA SER E 190 4.25 20.44 5.31
C SER E 190 3.35 21.63 5.03
N SER E 191 2.07 21.47 5.31
CA SER E 191 1.11 22.55 5.15
C SER E 191 0.50 22.91 6.48
N VAL E 192 0.11 24.17 6.62
CA VAL E 192 -0.63 24.64 7.78
C VAL E 192 -1.65 25.66 7.30
N THR E 193 -2.84 25.63 7.88
CA THR E 193 -3.90 26.56 7.54
C THR E 193 -4.22 27.40 8.76
N VAL E 194 -4.27 28.71 8.57
CA VAL E 194 -4.49 29.66 9.66
C VAL E 194 -5.53 30.68 9.21
N PRO E 195 -6.15 31.39 10.15
CA PRO E 195 -7.08 32.46 9.76
C PRO E 195 -6.33 33.59 9.07
N SER E 196 -6.99 34.19 8.08
CA SER E 196 -6.40 35.32 7.37
C SER E 196 -6.19 36.53 8.29
N SER E 197 -6.92 36.60 9.40
CA SER E 197 -6.70 37.66 10.36
C SER E 197 -5.39 37.51 11.13
N THR E 198 -4.77 36.33 11.09
CA THR E 198 -3.54 36.08 11.83
C THR E 198 -2.29 36.01 10.97
N TRP E 199 -2.43 36.02 9.64
CA TRP E 199 -1.29 36.05 8.74
C TRP E 199 -1.72 36.87 7.53
N PRO E 200 -0.88 37.82 7.07
CA PRO E 200 0.49 38.05 7.52
C PRO E 200 0.67 38.99 8.72
N SER E 201 -0.40 39.35 9.43
CA SER E 201 -0.25 40.30 10.53
C SER E 201 0.65 39.73 11.62
N GLU E 202 0.57 38.42 11.87
CA GLU E 202 1.49 37.78 12.77
C GLU E 202 2.32 36.80 11.96
N THR E 203 3.49 36.47 12.47
CA THR E 203 4.43 35.65 11.70
C THR E 203 4.10 34.16 11.82
N VAL E 204 4.39 33.44 10.74
CA VAL E 204 4.26 31.99 10.67
C VAL E 204 5.62 31.47 10.22
N THR E 205 6.20 30.59 11.01
CA THR E 205 7.54 30.09 10.76
C THR E 205 7.50 28.58 10.84
N CYS E 206 8.07 27.90 9.85
CA CYS E 206 8.19 26.45 9.94
C CYS E 206 9.60 26.14 10.42
N ASN E 207 9.70 25.23 11.39
CA ASN E 207 10.97 24.88 12.00
C ASN E 207 11.34 23.49 11.52
N VAL E 208 12.47 23.38 10.85
CA VAL E 208 12.92 22.15 10.22
C VAL E 208 14.22 21.72 10.88
N ALA E 209 14.25 20.48 11.37
CA ALA E 209 15.44 19.90 11.99
C ALA E 209 15.83 18.64 11.24
N HIS E 210 17.12 18.50 10.94
CA HIS E 210 17.68 17.30 10.32
C HIS E 210 18.89 16.88 11.15
N PRO E 211 18.68 16.04 12.16
CA PRO E 211 19.78 15.73 13.09
C PRO E 211 21.03 15.16 12.44
N ALA E 212 20.90 14.32 11.41
CA ALA E 212 22.06 13.67 10.81
C ALA E 212 23.05 14.68 10.21
N SER E 213 22.56 15.84 9.78
CA SER E 213 23.42 16.90 9.26
C SER E 213 23.57 18.07 10.23
N SER E 214 23.06 17.92 11.45
CA SER E 214 23.11 18.98 12.47
C SER E 214 22.54 20.29 11.95
N THR E 215 21.49 20.20 11.14
CA THR E 215 20.88 21.39 10.56
C THR E 215 19.61 21.72 11.34
N LYS E 216 19.49 22.99 11.73
CA LYS E 216 18.27 23.54 12.30
C LYS E 216 17.93 24.80 11.54
N VAL E 217 16.78 24.82 10.88
CA VAL E 217 16.41 25.93 10.01
C VAL E 217 15.02 26.39 10.38
N ASP E 218 14.85 27.70 10.55
CA ASP E 218 13.54 28.30 10.71
C ASP E 218 13.33 29.18 9.49
N LYS E 219 12.25 28.93 8.76
CA LYS E 219 11.93 29.71 7.57
C LYS E 219 10.63 30.45 7.83
N LYS E 220 10.71 31.77 7.73
CA LYS E 220 9.52 32.60 7.84
C LYS E 220 8.76 32.56 6.53
N ILE E 221 7.44 32.52 6.61
CA ILE E 221 6.58 32.57 5.44
C ILE E 221 6.20 34.03 5.22
N VAL E 222 6.73 34.62 4.16
CA VAL E 222 6.50 36.04 3.86
C VAL E 222 5.54 36.15 2.69
N PRO E 223 4.59 37.09 2.71
CA PRO E 223 3.72 37.28 1.54
C PRO E 223 4.55 37.65 0.32
N ARG E 224 4.04 37.30 -0.85
CA ARG E 224 4.86 37.33 -2.05
C ARG E 224 5.03 38.78 -2.56
N ASP E 225 5.52 38.91 -3.79
CA ASP E 225 5.90 40.20 -4.37
C ASP E 225 6.74 41.04 -3.40
N ASP F 1 9.83 -22.24 14.16
CA ASP F 1 9.58 -21.08 13.31
C ASP F 1 8.15 -21.01 12.80
N ILE F 2 7.34 -20.31 13.57
CA ILE F 2 5.90 -20.25 13.37
C ILE F 2 5.61 -19.09 12.43
N VAL F 3 4.89 -19.38 11.35
CA VAL F 3 4.50 -18.37 10.39
C VAL F 3 3.09 -17.90 10.73
N MET F 4 2.88 -16.59 10.74
CA MET F 4 1.61 -16.00 11.10
C MET F 4 1.03 -15.31 9.88
N THR F 5 -0.20 -15.66 9.53
CA THR F 5 -0.88 -15.09 8.39
C THR F 5 -2.13 -14.35 8.86
N GLN F 6 -2.15 -13.04 8.66
CA GLN F 6 -3.30 -12.23 9.00
C GLN F 6 -4.18 -12.04 7.78
N THR F 7 -5.50 -12.04 7.99
CA THR F 7 -6.43 -11.77 6.90
C THR F 7 -7.57 -10.93 7.47
N PRO F 8 -8.05 -9.92 6.71
CA PRO F 8 -7.42 -9.51 5.46
C PRO F 8 -6.25 -8.54 5.75
N PRO F 9 -5.42 -8.23 4.74
CA PRO F 9 -4.38 -7.22 4.97
C PRO F 9 -4.95 -5.83 5.17
N SER F 10 -6.12 -5.54 4.58
CA SER F 10 -6.79 -4.24 4.70
C SER F 10 -8.28 -4.46 4.93
N LEU F 11 -8.88 -3.56 5.71
CA LEU F 11 -10.27 -3.69 6.09
C LEU F 11 -10.87 -2.31 6.32
N ALA F 12 -12.06 -2.08 5.76
CA ALA F 12 -12.79 -0.83 5.93
C ALA F 12 -14.14 -1.15 6.58
N VAL F 13 -14.42 -0.52 7.71
CA VAL F 13 -15.63 -0.75 8.48
C VAL F 13 -16.21 0.59 8.90
N SER F 14 -17.54 0.66 8.93
CA SER F 14 -18.26 1.88 9.27
C SER F 14 -18.26 2.11 10.78
N LEU F 15 -18.44 3.37 11.17
CA LEU F 15 -18.55 3.68 12.60
C LEU F 15 -19.72 2.93 13.21
N GLY F 16 -19.50 2.44 14.43
CA GLY F 16 -20.50 1.70 15.15
C GLY F 16 -20.63 0.24 14.78
N GLN F 17 -19.95 -0.22 13.73
CA GLN F 17 -20.02 -1.61 13.33
C GLN F 17 -18.84 -2.39 13.91
N ARG F 18 -18.76 -3.68 13.58
CA ARG F 18 -17.74 -4.55 14.13
C ARG F 18 -16.65 -4.82 13.10
N ALA F 19 -15.41 -4.78 13.56
CA ALA F 19 -14.26 -5.17 12.78
C ALA F 19 -13.66 -6.42 13.40
N THR F 20 -13.43 -7.44 12.58
CA THR F 20 -12.82 -8.68 13.04
C THR F 20 -11.59 -8.94 12.19
N ILE F 21 -10.44 -9.09 12.85
CA ILE F 21 -9.16 -9.37 12.21
C ILE F 21 -8.70 -10.73 12.70
N SER F 22 -8.29 -11.61 11.79
CA SER F 22 -7.96 -12.97 12.16
C SER F 22 -6.51 -13.29 11.85
N CYS F 23 -5.92 -14.15 12.69
CA CYS F 23 -4.54 -14.61 12.59
C CYS F 23 -4.56 -16.13 12.54
N LYS F 24 -3.85 -16.71 11.56
CA LYS F 24 -3.73 -18.16 11.45
C LYS F 24 -2.26 -18.56 11.56
N ALA F 25 -1.96 -19.42 12.52
CA ALA F 25 -0.59 -19.84 12.78
C ALA F 25 -0.27 -21.13 12.02
N SER F 26 0.98 -21.24 11.56
CA SER F 26 1.39 -22.42 10.81
C SER F 26 1.44 -23.67 11.67
N GLN F 27 1.64 -23.51 12.98
CA GLN F 27 1.52 -24.59 13.93
C GLN F 27 0.94 -24.02 15.22
N SER F 28 0.58 -24.90 16.14
CA SER F 28 -0.10 -24.48 17.35
C SER F 28 0.76 -23.50 18.15
N VAL F 29 0.14 -22.42 18.60
CA VAL F 29 0.77 -21.48 19.51
C VAL F 29 0.18 -21.60 20.91
N ASP F 30 -0.57 -22.66 21.18
CA ASP F 30 -1.15 -22.92 22.48
C ASP F 30 -0.29 -23.92 23.25
N TYR F 31 -0.35 -23.82 24.58
CA TYR F 31 0.32 -24.77 25.46
C TYR F 31 -0.70 -25.27 26.48
N ASP F 32 -1.43 -26.32 26.12
CA ASP F 32 -2.49 -26.88 26.96
C ASP F 32 -3.55 -25.82 27.30
N ALA F 33 -4.34 -25.48 26.28
CA ALA F 33 -5.43 -24.53 26.36
C ALA F 33 -4.95 -23.13 26.73
N ASP F 34 -3.67 -22.97 27.04
CA ASP F 34 -3.09 -21.67 27.35
C ASP F 34 -2.41 -21.13 26.10
N SER F 35 -2.78 -19.92 25.70
CA SER F 35 -2.30 -19.35 24.45
C SER F 35 -1.15 -18.38 24.70
N PHE F 36 -0.21 -18.36 23.75
CA PHE F 36 0.89 -17.42 23.74
C PHE F 36 0.76 -16.50 22.53
N MET F 37 -0.47 -16.05 22.28
CA MET F 37 -0.81 -15.18 21.17
C MET F 37 -1.21 -13.82 21.72
N HIS F 38 -0.68 -12.76 21.12
CA HIS F 38 -0.93 -11.40 21.60
C HIS F 38 -1.25 -10.49 20.42
N TRP F 39 -1.94 -9.40 20.71
CA TRP F 39 -2.38 -8.44 19.70
C TRP F 39 -1.88 -7.05 20.04
N TYR F 40 -1.42 -6.32 19.01
CA TYR F 40 -0.90 -4.97 19.15
C TYR F 40 -1.58 -4.03 18.15
N GLN F 41 -1.71 -2.78 18.57
CA GLN F 41 -2.19 -1.68 17.74
C GLN F 41 -1.04 -0.72 17.49
N GLN F 42 -0.90 -0.27 16.24
CA GLN F 42 0.14 0.69 15.89
C GLN F 42 -0.46 1.78 15.01
N LYS F 43 -0.54 2.99 15.55
CA LYS F 43 -0.89 4.16 14.77
C LYS F 43 0.35 4.68 14.04
N PRO F 44 0.16 5.33 12.90
CA PRO F 44 1.31 5.72 12.06
C PRO F 44 2.28 6.62 12.80
N GLY F 45 3.56 6.25 12.77
CA GLY F 45 4.61 6.99 13.42
C GLY F 45 4.72 6.80 14.92
N GLN F 46 3.85 5.99 15.51
CA GLN F 46 3.82 5.77 16.94
C GLN F 46 4.30 4.36 17.29
N PRO F 47 4.74 4.14 18.53
CA PRO F 47 5.11 2.79 18.93
C PRO F 47 3.88 1.91 19.07
N PRO F 48 4.02 0.60 18.92
CA PRO F 48 2.87 -0.30 19.10
C PRO F 48 2.33 -0.22 20.53
N LYS F 49 1.04 -0.53 20.66
CA LYS F 49 0.34 -0.58 21.92
C LYS F 49 -0.24 -1.98 22.10
N LEU F 50 0.06 -2.61 23.24
CA LEU F 50 -0.44 -3.95 23.50
C LEU F 50 -1.94 -3.90 23.83
N LEU F 51 -2.74 -4.68 23.10
CA LEU F 51 -4.18 -4.74 23.32
C LEU F 51 -4.62 -6.00 24.04
N ILE F 52 -4.15 -7.16 23.60
CA ILE F 52 -4.62 -8.44 24.10
C ILE F 52 -3.41 -9.34 24.25
N TYR F 53 -3.29 -10.02 25.39
CA TYR F 53 -2.26 -11.02 25.59
C TYR F 53 -2.89 -12.36 25.94
N ALA F 54 -2.21 -13.44 25.55
CA ALA F 54 -2.71 -14.81 25.75
C ALA F 54 -4.11 -14.96 25.17
N ALA F 55 -4.25 -14.54 23.92
CA ALA F 55 -5.44 -14.74 23.09
C ALA F 55 -6.65 -13.93 23.52
N SER F 56 -6.90 -13.79 24.81
CA SER F 56 -8.18 -13.24 25.25
C SER F 56 -8.10 -12.30 26.44
N ASN F 57 -6.94 -12.08 27.03
CA ASN F 57 -6.83 -11.22 28.21
C ASN F 57 -6.60 -9.79 27.74
N LEU F 58 -7.48 -8.88 28.16
CA LEU F 58 -7.41 -7.48 27.77
C LEU F 58 -6.41 -6.75 28.67
N GLU F 59 -5.41 -6.12 28.05
CA GLU F 59 -4.39 -5.40 28.79
C GLU F 59 -4.99 -4.20 29.53
N SER F 60 -4.40 -3.89 30.67
CA SER F 60 -4.92 -2.81 31.51
C SER F 60 -4.85 -1.48 30.76
N GLY F 61 -5.93 -0.70 30.89
CA GLY F 61 -6.04 0.58 30.21
C GLY F 61 -6.70 0.54 28.85
N ILE F 62 -6.90 -0.64 28.28
CA ILE F 62 -7.49 -0.80 26.94
C ILE F 62 -9.00 -0.86 27.06
N PRO F 63 -9.75 -0.10 26.25
CA PRO F 63 -11.21 -0.14 26.35
C PRO F 63 -11.76 -1.52 26.00
N ALA F 64 -12.92 -1.82 26.56
CA ALA F 64 -13.56 -3.12 26.37
C ALA F 64 -14.06 -3.36 24.95
N ARG F 65 -14.00 -2.37 24.06
CA ARG F 65 -14.42 -2.64 22.69
C ARG F 65 -13.52 -3.66 22.02
N PHE F 66 -12.31 -3.85 22.53
CA PHE F 66 -11.39 -4.85 22.00
C PHE F 66 -11.58 -6.15 22.76
N SER F 67 -11.56 -7.26 22.03
CA SER F 67 -11.59 -8.59 22.62
C SER F 67 -10.94 -9.58 21.66
N GLY F 68 -10.38 -10.64 22.22
CA GLY F 68 -9.74 -11.66 21.41
C GLY F 68 -10.27 -13.04 21.76
N SER F 69 -10.23 -13.91 20.76
CA SER F 69 -10.71 -15.28 20.93
C SER F 69 -9.94 -16.18 19.99
N GLY F 70 -10.13 -17.49 20.16
CA GLY F 70 -9.46 -18.49 19.35
C GLY F 70 -8.58 -19.40 20.18
N SER F 71 -8.05 -20.42 19.50
CA SER F 71 -7.19 -21.40 20.13
C SER F 71 -6.41 -22.15 19.05
N GLY F 72 -5.28 -22.71 19.47
CA GLY F 72 -4.45 -23.52 18.59
C GLY F 72 -3.80 -22.76 17.46
N THR F 73 -4.45 -22.70 16.30
CA THR F 73 -3.90 -22.05 15.13
C THR F 73 -4.73 -20.90 14.60
N ASP F 74 -5.95 -20.70 15.09
CA ASP F 74 -6.84 -19.70 14.52
C ASP F 74 -7.31 -18.77 15.64
N PHE F 75 -7.08 -17.48 15.46
CA PHE F 75 -7.42 -16.47 16.45
C PHE F 75 -8.06 -15.29 15.75
N THR F 76 -8.90 -14.57 16.48
CA THR F 76 -9.50 -13.36 15.96
C THR F 76 -9.38 -12.26 17.00
N LEU F 77 -9.18 -11.05 16.51
CA LEU F 77 -9.29 -9.85 17.32
C LEU F 77 -10.56 -9.13 16.87
N ASN F 78 -11.35 -8.67 17.83
CA ASN F 78 -12.61 -8.03 17.55
C ASN F 78 -12.63 -6.63 18.13
N ILE F 79 -13.08 -5.69 17.32
CA ILE F 79 -13.27 -4.32 17.75
C ILE F 79 -14.74 -4.04 17.57
N ARG F 80 -15.44 -3.86 18.69
CA ARG F 80 -16.80 -3.43 18.54
C ARG F 80 -17.24 -2.53 19.68
N PRO F 81 -17.85 -1.35 19.37
CA PRO F 81 -17.97 -0.80 18.01
C PRO F 81 -16.70 -0.08 17.62
N VAL F 82 -16.40 0.05 16.33
CA VAL F 82 -15.20 0.79 15.95
C VAL F 82 -15.46 2.27 16.10
N GLU F 83 -14.39 3.03 16.39
CA GLU F 83 -14.42 4.46 16.55
C GLU F 83 -13.34 5.05 15.64
N GLU F 84 -13.41 6.38 15.45
CA GLU F 84 -12.46 7.05 14.55
C GLU F 84 -11.02 6.76 14.96
N GLU F 85 -10.76 6.72 16.27
CA GLU F 85 -9.40 6.54 16.75
C GLU F 85 -8.86 5.14 16.49
N ASP F 86 -9.67 4.20 16.03
CA ASP F 86 -9.19 2.85 15.74
C ASP F 86 -8.49 2.73 14.39
N ALA F 87 -8.44 3.80 13.60
CA ALA F 87 -7.70 3.77 12.34
C ALA F 87 -6.22 3.54 12.63
N ALA F 88 -5.74 2.33 12.32
CA ALA F 88 -4.38 1.92 12.67
C ALA F 88 -4.11 0.59 12.00
N THR F 89 -2.90 0.09 12.22
CA THR F 89 -2.49 -1.24 11.79
C THR F 89 -2.43 -2.17 12.99
N TYR F 90 -2.90 -3.40 12.83
CA TYR F 90 -2.98 -4.36 13.93
C TYR F 90 -2.13 -5.59 13.61
N TYR F 91 -1.35 -6.03 14.59
CA TYR F 91 -0.42 -7.15 14.45
C TYR F 91 -0.73 -8.21 15.49
N CYS F 92 -0.71 -9.48 15.07
CA CYS F 92 -0.63 -10.59 16.02
C CYS F 92 0.83 -10.95 16.28
N GLN F 93 1.08 -11.54 17.44
CA GLN F 93 2.41 -12.02 17.80
C GLN F 93 2.30 -13.31 18.62
N GLN F 94 3.21 -14.25 18.38
CA GLN F 94 3.30 -15.48 19.12
C GLN F 94 4.62 -15.53 19.88
N SER F 95 4.56 -15.96 21.14
CA SER F 95 5.74 -16.21 21.94
C SER F 95 5.80 -17.66 22.46
N ASN F 96 5.30 -18.62 21.67
CA ASN F 96 5.27 -20.03 22.02
C ASN F 96 6.56 -20.78 21.65
N GLU F 97 7.16 -20.48 20.46
CA GLU F 97 8.47 -20.95 19.98
C GLU F 97 9.43 -19.80 19.67
N ASP F 98 10.66 -20.04 20.05
CA ASP F 98 11.73 -19.18 19.59
C ASP F 98 11.94 -19.42 18.08
N PRO F 99 12.13 -18.34 17.30
CA PRO F 99 12.05 -16.95 17.74
C PRO F 99 10.61 -16.43 17.68
N TRP F 100 10.29 -15.44 18.52
CA TRP F 100 8.98 -14.81 18.43
C TRP F 100 8.77 -14.23 17.04
N THR F 101 7.55 -14.36 16.52
CA THR F 101 7.23 -13.85 15.20
C THR F 101 5.96 -13.01 15.26
N PHE F 102 5.84 -12.13 14.28
CA PHE F 102 4.68 -11.27 14.11
C PHE F 102 3.92 -11.63 12.85
N GLY F 103 2.63 -11.32 12.84
CA GLY F 103 1.88 -11.33 11.60
C GLY F 103 2.28 -10.18 10.70
N GLY F 104 1.76 -10.22 9.46
CA GLY F 104 2.11 -9.19 8.50
C GLY F 104 1.43 -7.86 8.73
N GLY F 105 0.39 -7.83 9.54
CA GLY F 105 -0.33 -6.61 9.83
C GLY F 105 -1.62 -6.52 9.04
N THR F 106 -2.61 -5.86 9.63
CA THR F 106 -3.88 -5.58 8.98
C THR F 106 -4.20 -4.11 9.18
N LYS F 107 -4.37 -3.38 8.08
CA LYS F 107 -4.68 -1.95 8.15
C LYS F 107 -6.18 -1.77 8.20
N LEU F 108 -6.66 -1.12 9.25
CA LEU F 108 -8.09 -0.86 9.43
C LEU F 108 -8.38 0.57 9.01
N GLU F 109 -9.27 0.73 8.04
CA GLU F 109 -9.76 2.04 7.64
C GLU F 109 -11.15 2.25 8.22
N ILE F 110 -11.38 3.43 8.78
CA ILE F 110 -12.68 3.78 9.35
C ILE F 110 -13.44 4.56 8.30
N LYS F 111 -14.62 4.07 7.93
CA LYS F 111 -15.39 4.74 6.89
C LYS F 111 -16.00 6.05 7.39
N ARG F 112 -16.19 6.98 6.45
CA ARG F 112 -16.83 8.25 6.72
C ARG F 112 -17.51 8.73 5.45
N ALA F 113 -18.28 9.81 5.57
CA ALA F 113 -18.92 10.39 4.40
C ALA F 113 -17.88 10.95 3.44
N ASP F 114 -18.20 10.86 2.15
CA ASP F 114 -17.32 11.40 1.12
C ASP F 114 -17.11 12.89 1.32
N ALA F 115 -15.87 13.33 1.16
CA ALA F 115 -15.49 14.72 1.37
C ALA F 115 -14.57 15.18 0.26
N ALA F 116 -14.87 16.33 -0.31
CA ALA F 116 -14.05 16.88 -1.37
C ALA F 116 -12.77 17.50 -0.81
N PRO F 117 -11.69 17.51 -1.59
CA PRO F 117 -10.45 18.11 -1.10
C PRO F 117 -10.48 19.62 -1.11
N THR F 118 -9.70 20.21 -0.22
CA THR F 118 -9.40 21.64 -0.26
C THR F 118 -8.07 21.79 -0.95
N VAL F 119 -8.05 22.49 -2.08
CA VAL F 119 -6.90 22.53 -2.98
C VAL F 119 -6.30 23.93 -2.94
N SER F 120 -4.97 23.98 -2.88
CA SER F 120 -4.25 25.23 -2.95
C SER F 120 -2.92 25.00 -3.66
N ILE F 121 -2.50 26.01 -4.43
CA ILE F 121 -1.31 25.92 -5.27
C ILE F 121 -0.32 27.00 -4.87
N PHE F 122 0.97 26.69 -5.03
CA PHE F 122 2.04 27.56 -4.57
C PHE F 122 3.13 27.69 -5.64
N PRO F 123 3.49 28.90 -6.03
CA PRO F 123 4.55 29.09 -7.02
C PRO F 123 5.91 28.83 -6.40
N PRO F 124 6.95 28.67 -7.21
CA PRO F 124 8.30 28.52 -6.65
C PRO F 124 8.70 29.74 -5.82
N SER F 125 9.37 29.47 -4.70
CA SER F 125 9.92 30.55 -3.90
C SER F 125 11.09 31.21 -4.63
N SER F 126 11.32 32.49 -4.31
CA SER F 126 12.45 33.19 -4.90
C SER F 126 13.77 32.60 -4.43
N GLU F 127 13.80 32.04 -3.21
CA GLU F 127 15.03 31.43 -2.71
C GLU F 127 15.44 30.22 -3.55
N GLN F 128 14.47 29.42 -3.99
CA GLN F 128 14.79 28.25 -4.80
C GLN F 128 15.11 28.64 -6.24
N LEU F 129 14.42 29.65 -6.78
CA LEU F 129 14.72 30.09 -8.14
C LEU F 129 16.16 30.58 -8.23
N THR F 130 16.66 31.23 -7.17
CA THR F 130 18.04 31.68 -7.13
C THR F 130 19.01 30.51 -7.28
N SER F 131 18.62 29.32 -6.82
CA SER F 131 19.47 28.14 -6.93
C SER F 131 19.31 27.40 -8.25
N GLY F 132 18.42 27.86 -9.13
CA GLY F 132 18.26 27.26 -10.44
C GLY F 132 17.10 26.31 -10.57
N GLY F 133 16.41 25.98 -9.49
CA GLY F 133 15.28 25.05 -9.53
C GLY F 133 13.94 25.73 -9.38
N ALA F 134 12.88 25.03 -9.78
CA ALA F 134 11.54 25.60 -9.68
C ALA F 134 10.56 24.47 -9.39
N SER F 135 9.98 24.49 -8.19
CA SER F 135 8.97 23.52 -7.78
C SER F 135 7.63 24.22 -7.57
N VAL F 136 6.59 23.69 -8.20
CA VAL F 136 5.21 24.12 -7.96
C VAL F 136 4.55 23.08 -7.07
N VAL F 137 3.90 23.53 -6.00
CA VAL F 137 3.36 22.63 -4.99
C VAL F 137 1.84 22.79 -4.94
N CYS F 138 1.15 21.65 -4.87
CA CYS F 138 -0.31 21.59 -4.80
C CYS F 138 -0.67 20.73 -3.60
N PHE F 139 -1.40 21.31 -2.64
CA PHE F 139 -1.89 20.60 -1.47
C PHE F 139 -3.37 20.25 -1.65
N LEU F 140 -3.72 19.03 -1.27
CA LEU F 140 -5.10 18.53 -1.33
C LEU F 140 -5.43 17.95 0.04
N ASN F 141 -6.19 18.70 0.83
CA ASN F 141 -6.32 18.43 2.25
C ASN F 141 -7.73 17.94 2.60
N ASN F 142 -7.79 16.94 3.47
CA ASN F 142 -9.02 16.54 4.17
C ASN F 142 -10.11 16.08 3.20
N PHE F 143 -9.82 15.04 2.43
CA PHE F 143 -10.80 14.45 1.54
C PHE F 143 -11.02 12.99 1.90
N TYR F 144 -12.09 12.42 1.36
CA TYR F 144 -12.39 11.00 1.52
C TYR F 144 -13.30 10.59 0.37
N PRO F 145 -13.10 9.41 -0.23
CA PRO F 145 -12.08 8.39 0.12
C PRO F 145 -10.67 8.74 -0.34
N LYS F 146 -9.72 7.85 -0.06
CA LYS F 146 -8.31 8.14 -0.32
C LYS F 146 -7.99 8.23 -1.81
N ASP F 147 -8.80 7.58 -2.64
CA ASP F 147 -8.53 7.54 -4.07
C ASP F 147 -8.74 8.92 -4.70
N ILE F 148 -7.71 9.41 -5.37
CA ILE F 148 -7.73 10.73 -5.98
C ILE F 148 -6.71 10.72 -7.11
N ASN F 149 -6.97 11.51 -8.14
CA ASN F 149 -6.09 11.58 -9.29
C ASN F 149 -5.78 13.05 -9.56
N VAL F 150 -4.50 13.39 -9.58
CA VAL F 150 -4.06 14.77 -9.73
C VAL F 150 -3.18 14.88 -10.98
N LYS F 151 -3.52 15.84 -11.84
CA LYS F 151 -2.82 16.07 -13.09
C LYS F 151 -2.29 17.50 -13.12
N TRP F 152 -1.11 17.68 -13.68
CA TRP F 152 -0.50 19.00 -13.87
C TRP F 152 -0.60 19.44 -15.31
N LYS F 153 -0.92 20.72 -15.53
CA LYS F 153 -1.00 21.30 -16.86
C LYS F 153 -0.18 22.58 -16.91
N ILE F 154 0.77 22.63 -17.85
CA ILE F 154 1.60 23.80 -18.08
C ILE F 154 1.16 24.40 -19.41
N ASP F 155 0.68 25.63 -19.38
CA ASP F 155 0.15 26.31 -20.58
C ASP F 155 -0.91 25.46 -21.27
N GLY F 156 -1.67 24.69 -20.50
CA GLY F 156 -2.75 23.89 -21.04
C GLY F 156 -2.40 22.48 -21.45
N SER F 157 -1.12 22.10 -21.39
CA SER F 157 -0.69 20.77 -21.78
C SER F 157 -0.27 19.99 -20.55
N GLU F 158 -0.68 18.72 -20.50
CA GLU F 158 -0.40 17.91 -19.32
C GLU F 158 1.08 17.57 -19.23
N ARG F 159 1.62 17.69 -18.03
CA ARG F 159 3.01 17.35 -17.74
C ARG F 159 3.00 16.29 -16.64
N GLN F 160 3.70 15.17 -16.87
CA GLN F 160 3.64 14.10 -15.88
C GLN F 160 4.97 13.67 -15.28
N ASN F 161 6.10 14.13 -15.81
CA ASN F 161 7.40 13.75 -15.27
C ASN F 161 7.94 14.87 -14.39
N GLY F 162 8.72 14.49 -13.38
CA GLY F 162 9.14 15.45 -12.38
C GLY F 162 8.11 15.71 -11.31
N VAL F 163 7.16 14.79 -11.14
CA VAL F 163 6.06 14.92 -10.17
C VAL F 163 6.33 13.96 -9.01
N LEU F 164 6.16 14.48 -7.79
CA LEU F 164 6.33 13.67 -6.59
C LEU F 164 5.08 13.84 -5.73
N ASN F 165 4.45 12.72 -5.37
CA ASN F 165 3.21 12.70 -4.62
C ASN F 165 3.39 11.98 -3.29
N SER F 166 2.68 12.46 -2.28
CA SER F 166 2.76 11.84 -0.96
C SER F 166 1.41 11.97 -0.27
N TRP F 167 0.89 10.85 0.23
CA TRP F 167 -0.37 10.80 0.96
C TRP F 167 -0.10 10.72 2.45
N THR F 168 -0.93 11.40 3.23
CA THR F 168 -0.92 11.13 4.65
C THR F 168 -1.69 9.85 4.94
N ASP F 169 -1.46 9.30 6.12
CA ASP F 169 -2.32 8.23 6.61
C ASP F 169 -3.64 8.81 7.10
N GLN F 170 -4.62 7.94 7.28
CA GLN F 170 -5.95 8.40 7.70
C GLN F 170 -5.87 9.10 9.05
N ASP F 171 -6.54 10.24 9.13
CA ASP F 171 -6.53 11.06 10.33
C ASP F 171 -7.32 10.38 11.46
N SER F 172 -6.74 10.37 12.65
CA SER F 172 -7.37 9.73 13.80
C SER F 172 -8.64 10.44 14.26
N LYS F 173 -8.78 11.73 13.97
CA LYS F 173 -9.89 12.53 14.47
C LYS F 173 -11.04 12.64 13.48
N ASP F 174 -10.77 12.99 12.22
CA ASP F 174 -11.84 13.21 11.24
C ASP F 174 -11.87 12.18 10.13
N SER F 175 -10.97 11.19 10.15
CA SER F 175 -10.97 10.06 9.22
C SER F 175 -10.72 10.46 7.77
N THR F 176 -10.14 11.63 7.52
CA THR F 176 -9.85 12.06 6.17
C THR F 176 -8.40 11.78 5.81
N TYR F 177 -8.09 11.97 4.53
CA TYR F 177 -6.75 11.89 3.97
C TYR F 177 -6.35 13.25 3.41
N SER F 178 -5.04 13.46 3.29
CA SER F 178 -4.50 14.61 2.58
C SER F 178 -3.39 14.17 1.65
N MET F 179 -3.06 15.02 0.69
CA MET F 179 -2.07 14.64 -0.30
C MET F 179 -1.33 15.88 -0.78
N SER F 180 -0.06 15.69 -1.11
CA SER F 180 0.81 16.74 -1.63
C SER F 180 1.36 16.32 -2.98
N SER F 181 1.33 17.23 -3.96
CA SER F 181 1.86 16.97 -5.29
C SER F 181 2.83 18.08 -5.66
N THR F 182 4.08 17.70 -5.99
CA THR F 182 5.12 18.67 -6.29
C THR F 182 5.66 18.43 -7.69
N LEU F 183 5.58 19.46 -8.53
CA LEU F 183 6.12 19.45 -9.89
C LEU F 183 7.38 20.29 -9.93
N THR F 184 8.52 19.66 -10.21
CA THR F 184 9.80 20.33 -10.19
C THR F 184 10.35 20.50 -11.61
N LEU F 185 10.69 21.74 -11.94
CA LEU F 185 11.30 22.11 -13.21
C LEU F 185 12.61 22.86 -12.95
N THR F 186 13.38 23.05 -14.00
CA THR F 186 14.49 23.98 -13.93
C THR F 186 13.98 25.41 -13.94
N LYS F 187 14.80 26.32 -13.40
CA LYS F 187 14.46 27.75 -13.46
C LYS F 187 14.23 28.20 -14.89
N ASP F 188 15.07 27.73 -15.81
CA ASP F 188 14.97 28.14 -17.20
C ASP F 188 13.69 27.63 -17.84
N GLU F 189 13.34 26.36 -17.60
CA GLU F 189 12.11 25.81 -18.16
C GLU F 189 10.88 26.47 -17.55
N TYR F 190 10.94 26.80 -16.26
CA TYR F 190 9.82 27.44 -15.59
C TYR F 190 9.52 28.81 -16.20
N GLU F 191 10.57 29.58 -16.49
CA GLU F 191 10.40 30.93 -17.00
C GLU F 191 9.95 30.99 -18.46
N ARG F 192 9.97 29.87 -19.18
CA ARG F 192 9.45 29.84 -20.54
C ARG F 192 7.93 29.75 -20.63
N HIS F 193 7.24 29.38 -19.55
CA HIS F 193 5.80 29.24 -19.58
C HIS F 193 5.13 30.19 -18.59
N ASN F 194 3.82 30.37 -18.76
CA ASN F 194 3.06 31.33 -17.97
C ASN F 194 2.07 30.67 -17.01
N SER F 195 1.24 29.75 -17.50
CA SER F 195 0.13 29.21 -16.73
C SER F 195 0.49 27.86 -16.11
N TYR F 196 0.25 27.71 -14.81
CA TYR F 196 0.50 26.46 -14.09
C TYR F 196 -0.76 26.09 -13.31
N THR F 197 -1.24 24.86 -13.50
CA THR F 197 -2.48 24.41 -12.87
C THR F 197 -2.34 22.98 -12.41
N CYS F 198 -2.87 22.69 -11.21
CA CYS F 198 -3.09 21.32 -10.78
C CYS F 198 -4.60 21.04 -10.79
N GLU F 199 -4.97 19.87 -11.32
CA GLU F 199 -6.37 19.49 -11.47
C GLU F 199 -6.61 18.20 -10.71
N ALA F 200 -7.57 18.20 -9.80
CA ALA F 200 -7.87 17.07 -8.94
C ALA F 200 -9.18 16.44 -9.37
N THR F 201 -9.15 15.14 -9.68
CA THR F 201 -10.35 14.39 -10.01
C THR F 201 -10.67 13.48 -8.84
N HIS F 202 -11.83 13.69 -8.24
CA HIS F 202 -12.22 12.96 -7.03
C HIS F 202 -13.69 12.61 -7.13
N LYS F 203 -14.06 11.51 -6.46
CA LYS F 203 -15.39 10.96 -6.56
C LYS F 203 -16.48 11.97 -6.20
N THR F 204 -16.16 13.00 -5.42
CA THR F 204 -17.16 13.95 -4.94
C THR F 204 -17.65 14.89 -6.03
N SER F 205 -17.01 14.91 -7.19
CA SER F 205 -17.41 15.82 -8.26
C SER F 205 -17.02 15.24 -9.60
N THR F 206 -17.92 15.39 -10.59
CA THR F 206 -17.62 14.91 -11.93
C THR F 206 -16.67 15.83 -12.68
N SER F 207 -16.62 17.11 -12.32
CA SER F 207 -15.61 17.96 -12.95
C SER F 207 -14.43 18.16 -12.01
N PRO F 208 -13.21 18.25 -12.53
CA PRO F 208 -12.05 18.38 -11.64
C PRO F 208 -12.04 19.70 -10.89
N ILE F 209 -11.42 19.67 -9.71
CA ILE F 209 -11.13 20.88 -8.96
C ILE F 209 -9.82 21.45 -9.49
N VAL F 210 -9.85 22.71 -9.92
CA VAL F 210 -8.73 23.32 -10.60
C VAL F 210 -8.25 24.52 -9.78
N LYS F 211 -6.95 24.56 -9.52
CA LYS F 211 -6.30 25.72 -8.94
C LYS F 211 -5.10 26.06 -9.81
N SER F 212 -4.86 27.36 -9.99
CA SER F 212 -3.84 27.77 -10.94
C SER F 212 -3.29 29.14 -10.56
N PHE F 213 -2.17 29.49 -11.20
CA PHE F 213 -1.60 30.81 -11.13
C PHE F 213 -0.86 31.07 -12.44
N ASN F 214 -0.69 32.35 -12.74
CA ASN F 214 0.08 32.77 -13.90
C ASN F 214 1.40 33.36 -13.39
N ARG F 215 2.49 32.99 -14.05
CA ARG F 215 3.79 33.38 -13.53
C ARG F 215 4.00 34.90 -13.61
N ASN F 216 3.46 35.54 -14.66
CA ASN F 216 3.50 37.01 -14.72
C ASN F 216 2.32 37.65 -13.96
N GLU F 217 2.32 37.45 -12.64
CA GLU F 217 1.33 38.07 -11.75
C GLU F 217 1.89 38.09 -10.34
N ASN G 18 -44.34 2.34 6.46
CA ASN G 18 -45.49 1.61 6.95
C ASN G 18 -45.24 0.10 6.88
N LEU G 19 -46.19 -0.68 7.40
CA LEU G 19 -46.13 -2.14 7.39
C LEU G 19 -46.46 -2.73 6.00
N ALA G 20 -47.21 -2.00 5.16
CA ALA G 20 -47.49 -2.44 3.79
C ALA G 20 -46.26 -2.35 2.88
N ASP G 21 -45.30 -1.46 3.17
CA ASP G 21 -44.07 -1.44 2.38
C ASP G 21 -43.20 -2.65 2.68
N VAL G 22 -43.00 -2.98 3.96
CA VAL G 22 -42.12 -4.12 4.25
C VAL G 22 -42.75 -5.43 3.80
N ALA G 23 -44.08 -5.53 3.83
CA ALA G 23 -44.75 -6.74 3.36
C ALA G 23 -44.62 -6.91 1.85
N GLY G 24 -44.79 -5.83 1.09
CA GLY G 24 -44.68 -5.93 -0.35
C GLY G 24 -43.30 -6.36 -0.81
N ILE G 25 -42.26 -5.85 -0.15
CA ILE G 25 -40.89 -6.18 -0.53
C ILE G 25 -40.56 -7.63 -0.16
N ALA G 26 -41.10 -8.10 0.98
CA ALA G 26 -40.85 -9.49 1.41
C ALA G 26 -41.51 -10.51 0.50
N LEU G 27 -42.77 -10.28 0.11
CA LEU G 27 -43.44 -11.27 -0.75
C LEU G 27 -42.83 -11.25 -2.15
N ALA G 28 -42.48 -10.06 -2.64
CA ALA G 28 -41.80 -9.97 -3.92
C ALA G 28 -40.47 -10.69 -3.83
N LYS G 29 -39.90 -10.70 -2.63
CA LYS G 29 -38.68 -11.45 -2.41
C LYS G 29 -38.94 -12.94 -2.49
N ILE G 30 -40.03 -13.40 -1.88
CA ILE G 30 -40.37 -14.82 -1.88
C ILE G 30 -40.67 -15.30 -3.30
N ASN G 31 -41.45 -14.53 -4.06
CA ASN G 31 -41.78 -14.95 -5.42
C ASN G 31 -40.55 -15.02 -6.30
N ASN G 32 -39.55 -14.16 -6.05
CA ASN G 32 -38.34 -14.21 -6.86
C ASN G 32 -37.49 -15.40 -6.47
N LEU G 33 -37.48 -15.75 -5.18
CA LEU G 33 -36.77 -16.95 -4.73
C LEU G 33 -37.42 -18.22 -5.27
N ILE G 34 -38.75 -18.22 -5.43
CA ILE G 34 -39.42 -19.41 -5.97
C ILE G 34 -39.01 -19.67 -7.41
N LYS G 35 -38.88 -18.62 -8.21
CA LYS G 35 -38.52 -18.80 -9.61
C LYS G 35 -37.05 -19.17 -9.77
N GLN G 36 -36.19 -18.86 -8.79
CA GLN G 36 -34.80 -19.33 -8.84
C GLN G 36 -34.74 -20.85 -8.73
N VAL G 37 -35.50 -21.43 -7.80
CA VAL G 37 -35.52 -22.87 -7.64
C VAL G 37 -36.23 -23.53 -8.81
N SER G 38 -37.24 -22.85 -9.36
CA SER G 38 -37.95 -23.38 -10.52
C SER G 38 -37.04 -23.41 -11.75
N ALA G 39 -36.36 -22.30 -12.04
CA ALA G 39 -35.50 -22.22 -13.21
C ALA G 39 -34.30 -23.15 -13.07
N ALA G 40 -33.65 -23.16 -11.91
CA ALA G 40 -32.45 -23.97 -11.73
C ALA G 40 -32.78 -25.46 -11.82
N THR G 41 -33.89 -25.88 -11.20
CA THR G 41 -34.29 -27.28 -11.29
C THR G 41 -34.64 -27.67 -12.72
N GLU G 42 -35.16 -26.71 -13.50
CA GLU G 42 -35.41 -27.00 -14.91
C GLU G 42 -34.11 -27.10 -15.69
N ALA G 43 -33.12 -26.28 -15.34
CA ALA G 43 -31.79 -26.40 -15.94
C ALA G 43 -31.20 -27.77 -15.63
N GLU G 44 -31.28 -28.20 -14.37
CA GLU G 44 -30.74 -29.50 -13.98
C GLU G 44 -31.42 -30.62 -14.75
N ALA G 45 -32.73 -30.48 -14.99
CA ALA G 45 -33.49 -31.54 -15.64
C ALA G 45 -33.05 -31.76 -17.08
N ARG G 46 -32.87 -30.67 -17.83
CA ARG G 46 -32.42 -30.78 -19.22
C ARG G 46 -30.97 -31.20 -19.32
N MET G 47 -30.15 -30.87 -18.32
CA MET G 47 -28.74 -31.27 -18.37
C MET G 47 -28.56 -32.76 -18.14
N THR G 48 -29.28 -33.33 -17.16
CA THR G 48 -29.19 -34.77 -16.93
C THR G 48 -29.76 -35.54 -18.13
N LEU G 49 -30.82 -35.00 -18.75
CA LEU G 49 -31.32 -35.63 -19.97
C LEU G 49 -30.33 -35.46 -21.11
N ALA G 50 -29.64 -34.33 -21.16
CA ALA G 50 -28.65 -34.14 -22.22
C ALA G 50 -27.39 -34.95 -21.97
N ALA G 51 -26.99 -35.09 -20.72
CA ALA G 51 -25.84 -35.93 -20.40
C ALA G 51 -26.17 -37.40 -20.65
N ALA G 52 -27.41 -37.80 -20.37
CA ALA G 52 -27.82 -39.19 -20.56
C ALA G 52 -28.14 -39.49 -22.03
N SER G 53 -28.59 -38.49 -22.79
CA SER G 53 -28.90 -38.73 -24.19
C SER G 53 -27.66 -39.12 -24.98
N THR G 54 -26.61 -38.31 -24.92
CA THR G 54 -25.34 -38.62 -25.54
C THR G 54 -24.26 -38.60 -24.46
N ASP G 55 -23.40 -39.62 -24.46
CA ASP G 55 -22.38 -39.76 -23.43
C ASP G 55 -21.00 -39.77 -24.10
N HIS G 56 -20.36 -38.61 -24.14
CA HIS G 56 -18.98 -38.49 -24.62
C HIS G 56 -18.09 -38.17 -23.43
N SER G 57 -16.87 -38.71 -23.46
CA SER G 57 -15.97 -38.60 -22.31
C SER G 57 -15.75 -37.15 -21.90
N ASN G 58 -15.54 -36.27 -22.88
CA ASN G 58 -15.25 -34.87 -22.56
C ASN G 58 -16.46 -34.16 -21.99
N ILE G 59 -17.55 -34.09 -22.76
CA ILE G 59 -18.68 -33.23 -22.41
C ILE G 59 -19.38 -33.71 -21.14
N SER G 60 -19.30 -35.01 -20.82
CA SER G 60 -19.95 -35.50 -19.61
C SER G 60 -19.31 -34.92 -18.36
N ALA G 61 -17.99 -34.71 -18.38
CA ALA G 61 -17.35 -34.07 -17.24
C ALA G 61 -17.78 -32.63 -17.09
N LEU G 62 -18.13 -31.96 -18.20
CA LEU G 62 -18.68 -30.61 -18.12
C LEU G 62 -20.04 -30.62 -17.46
N TYR G 63 -20.92 -31.55 -17.88
CA TYR G 63 -22.24 -31.65 -17.27
C TYR G 63 -22.15 -31.98 -15.79
N ALA G 64 -21.13 -32.74 -15.39
CA ALA G 64 -20.95 -33.04 -13.97
C ALA G 64 -20.65 -31.77 -13.18
N ALA G 65 -19.68 -30.98 -13.64
CA ALA G 65 -19.36 -29.72 -12.96
C ALA G 65 -20.54 -28.76 -13.02
N ALA G 66 -21.26 -28.75 -14.15
CA ALA G 66 -22.42 -27.87 -14.27
C ALA G 66 -23.55 -28.34 -13.37
N SER G 67 -23.78 -29.66 -13.29
CA SER G 67 -24.85 -30.18 -12.44
C SER G 67 -24.63 -29.83 -10.98
N ASN G 68 -23.36 -29.87 -10.53
CA ASN G 68 -23.06 -29.49 -9.16
C ASN G 68 -23.46 -28.06 -8.89
N ILE G 69 -23.21 -27.17 -9.84
CA ILE G 69 -23.50 -25.76 -9.62
C ILE G 69 -25.00 -25.53 -9.52
N VAL G 70 -25.77 -26.15 -10.42
CA VAL G 70 -27.20 -25.87 -10.45
C VAL G 70 -27.92 -26.51 -9.26
N THR G 71 -27.48 -27.69 -8.83
CA THR G 71 -28.12 -28.34 -7.67
C THR G 71 -27.95 -27.51 -6.40
N ARG G 72 -26.78 -26.90 -6.21
CA ARG G 72 -26.56 -26.11 -5.01
C ARG G 72 -27.26 -24.76 -5.11
N CYS G 73 -27.53 -24.30 -6.33
CA CYS G 73 -28.44 -23.18 -6.50
C CYS G 73 -29.79 -23.50 -5.93
N VAL G 74 -30.29 -24.67 -6.26
CA VAL G 74 -31.62 -25.08 -5.85
C VAL G 74 -31.70 -25.20 -4.33
N LEU G 75 -30.74 -25.91 -3.74
CA LEU G 75 -30.77 -26.13 -2.30
C LEU G 75 -30.51 -24.85 -1.52
N ASN G 76 -29.61 -23.99 -2.02
CA ASN G 76 -29.35 -22.75 -1.30
C ASN G 76 -30.56 -21.83 -1.34
N ALA G 77 -31.26 -21.78 -2.47
CA ALA G 77 -32.40 -20.88 -2.58
C ALA G 77 -33.55 -21.32 -1.68
N VAL G 78 -33.77 -22.62 -1.53
CA VAL G 78 -34.76 -23.10 -0.57
C VAL G 78 -34.27 -22.85 0.86
N HIS G 79 -32.97 -23.02 1.11
CA HIS G 79 -32.42 -22.72 2.42
C HIS G 79 -32.69 -21.27 2.81
N ALA G 80 -32.54 -20.35 1.84
CA ALA G 80 -32.87 -18.96 2.09
C ALA G 80 -34.37 -18.79 2.32
N LEU G 81 -35.18 -19.55 1.60
CA LEU G 81 -36.63 -19.51 1.77
C LEU G 81 -37.02 -19.92 3.18
N THR G 82 -36.58 -21.09 3.63
CA THR G 82 -36.89 -21.55 4.97
C THR G 82 -36.26 -20.65 6.04
N SER G 83 -35.23 -19.90 5.69
CA SER G 83 -34.67 -18.93 6.62
C SER G 83 -35.48 -17.65 6.62
N LEU G 84 -35.96 -17.23 5.47
CA LEU G 84 -36.71 -15.99 5.41
C LEU G 84 -38.19 -16.15 5.82
N ALA G 85 -38.79 -17.34 5.63
CA ALA G 85 -40.20 -17.52 5.98
C ALA G 85 -40.52 -17.22 7.45
N PRO G 86 -39.78 -17.72 8.46
CA PRO G 86 -40.16 -17.40 9.85
C PRO G 86 -40.08 -15.91 10.18
N ILE G 87 -39.10 -15.21 9.61
CA ILE G 87 -38.95 -13.79 9.92
C ILE G 87 -40.04 -12.95 9.26
N ALA G 88 -40.50 -13.33 8.06
CA ALA G 88 -41.63 -12.60 7.47
C ALA G 88 -42.89 -12.79 8.30
N LEU G 89 -43.10 -13.99 8.80
CA LEU G 89 -44.24 -14.27 9.68
C LEU G 89 -44.11 -13.57 11.03
N THR G 90 -42.91 -13.59 11.62
CA THR G 90 -42.70 -13.06 12.96
C THR G 90 -43.03 -11.57 13.06
N ALA G 91 -42.81 -10.81 11.99
CA ALA G 91 -43.06 -9.37 12.04
C ALA G 91 -44.51 -9.06 12.40
N ALA G 92 -45.45 -9.81 11.83
CA ALA G 92 -46.86 -9.59 12.13
C ALA G 92 -47.17 -9.79 13.61
N THR G 93 -47.00 -11.02 14.11
CA THR G 93 -47.31 -11.28 15.51
C THR G 93 -46.57 -12.53 15.98
N ASN G 94 -46.15 -12.54 17.25
CA ASN G 94 -45.99 -13.79 18.02
C ASN G 94 -47.30 -14.58 18.17
N ILE G 134 -39.28 -6.00 12.79
CA ILE G 134 -39.47 -5.43 11.46
C ILE G 134 -38.15 -4.86 10.97
N ARG G 135 -37.46 -4.18 11.87
CA ARG G 135 -36.15 -3.65 11.55
C ARG G 135 -35.18 -4.74 11.10
N GLN G 136 -35.12 -5.85 11.83
CA GLN G 136 -34.04 -6.76 11.47
C GLN G 136 -34.44 -7.61 10.26
N LEU G 137 -35.75 -7.82 10.06
CA LEU G 137 -36.19 -8.43 8.79
C LEU G 137 -35.79 -7.54 7.63
N TYR G 138 -35.96 -6.22 7.77
CA TYR G 138 -35.38 -5.30 6.80
C TYR G 138 -33.91 -5.64 6.61
N ASN G 139 -33.22 -5.91 7.71
CA ASN G 139 -31.82 -6.32 7.58
C ASN G 139 -31.68 -7.70 6.95
N LYS G 140 -32.56 -8.65 7.29
CA LYS G 140 -32.27 -10.01 6.79
C LYS G 140 -32.55 -10.17 5.29
N ILE G 141 -33.64 -9.62 4.75
CA ILE G 141 -33.68 -9.54 3.29
C ILE G 141 -32.62 -8.56 2.83
N GLY G 142 -32.32 -7.55 3.63
CA GLY G 142 -31.17 -6.72 3.34
C GLY G 142 -29.89 -7.51 3.43
N ASP G 143 -29.85 -8.50 4.34
CA ASP G 143 -28.69 -9.38 4.45
C ASP G 143 -28.59 -10.22 3.18
N LEU G 144 -29.74 -10.70 2.73
CA LEU G 144 -29.82 -11.53 1.53
C LEU G 144 -29.17 -10.89 0.31
N GLU G 145 -29.44 -9.59 0.06
CA GLU G 145 -29.02 -9.00 -1.20
C GLU G 145 -27.50 -8.84 -1.32
N LYS G 146 -26.81 -8.57 -0.19
CA LYS G 146 -25.36 -8.35 -0.23
C LYS G 146 -24.61 -9.54 -0.81
N GLN G 147 -24.95 -10.76 -0.40
CA GLN G 147 -24.31 -11.91 -1.02
C GLN G 147 -24.98 -12.13 -2.37
N THR G 148 -24.18 -12.17 -3.43
CA THR G 148 -24.75 -12.42 -4.75
C THR G 148 -24.24 -13.69 -5.42
N THR G 149 -23.40 -14.50 -4.78
CA THR G 149 -23.11 -15.80 -5.38
C THR G 149 -24.27 -16.79 -5.28
N ASN G 150 -25.21 -16.64 -4.34
CA ASN G 150 -26.38 -17.52 -4.36
C ASN G 150 -27.56 -16.98 -5.16
N ASN G 151 -27.36 -15.97 -5.99
CA ASN G 151 -28.44 -15.50 -6.83
C ASN G 151 -28.14 -15.91 -8.26
N CYS G 152 -28.35 -17.19 -8.57
CA CYS G 152 -28.33 -17.61 -9.96
C CYS G 152 -29.61 -17.12 -10.64
N GLY G 153 -29.81 -17.55 -11.88
CA GLY G 153 -30.87 -17.00 -12.67
C GLY G 153 -32.26 -17.23 -12.11
N THR G 154 -33.21 -16.46 -12.67
CA THR G 154 -34.64 -16.64 -12.44
C THR G 154 -35.35 -17.28 -13.63
N SER G 155 -34.69 -17.38 -14.78
CA SER G 155 -35.15 -18.20 -15.88
C SER G 155 -34.00 -19.13 -16.28
N VAL G 156 -34.28 -20.07 -17.17
CA VAL G 156 -33.27 -21.06 -17.54
C VAL G 156 -32.12 -20.40 -18.29
N THR G 157 -32.42 -19.40 -19.13
CA THR G 157 -31.38 -18.65 -19.82
C THR G 157 -30.51 -17.89 -18.82
N GLU G 158 -31.15 -17.27 -17.83
CA GLU G 158 -30.41 -16.56 -16.79
C GLU G 158 -29.54 -17.52 -15.97
N VAL G 159 -30.09 -18.70 -15.63
CA VAL G 159 -29.33 -19.67 -14.86
C VAL G 159 -28.13 -20.16 -15.67
N LEU G 160 -28.31 -20.38 -16.97
CA LEU G 160 -27.21 -20.80 -17.83
C LEU G 160 -26.05 -19.82 -17.77
N GLU G 161 -26.33 -18.51 -17.81
CA GLU G 161 -25.26 -17.52 -17.73
C GLU G 161 -24.48 -17.66 -16.42
N HIS G 162 -25.18 -17.85 -15.31
CA HIS G 162 -24.49 -18.02 -14.04
C HIS G 162 -23.62 -19.27 -14.04
N ILE G 163 -24.08 -20.32 -14.70
CA ILE G 163 -23.31 -21.58 -14.76
C ILE G 163 -21.97 -21.33 -15.44
N LEU G 164 -21.99 -20.66 -16.59
CA LEU G 164 -20.78 -20.45 -17.38
C LEU G 164 -19.85 -19.42 -16.75
N LYS G 165 -20.38 -18.51 -15.93
CA LYS G 165 -19.54 -17.55 -15.22
C LYS G 165 -18.66 -18.20 -14.16
N GLN G 166 -19.03 -19.38 -13.68
CA GLN G 166 -18.37 -19.96 -12.52
C GLN G 166 -16.97 -20.45 -12.83
N GLU G 167 -16.03 -20.12 -11.95
CA GLU G 167 -14.66 -20.64 -12.04
C GLU G 167 -14.64 -22.16 -12.14
N ALA G 168 -15.50 -22.84 -11.38
CA ALA G 168 -15.50 -24.29 -11.40
C ALA G 168 -15.76 -24.84 -12.80
N LEU G 169 -16.73 -24.26 -13.52
CA LEU G 169 -17.00 -24.72 -14.89
C LEU G 169 -15.86 -24.32 -15.82
N LYS G 170 -15.37 -23.08 -15.69
CA LYS G 170 -14.29 -22.62 -16.56
C LYS G 170 -13.06 -23.50 -16.42
N GLU G 171 -12.66 -23.78 -15.18
CA GLU G 171 -11.51 -24.65 -14.95
C GLU G 171 -11.80 -26.07 -15.41
N ALA G 172 -13.04 -26.55 -15.20
CA ALA G 172 -13.41 -27.86 -15.73
C ALA G 172 -13.29 -27.87 -17.24
N LEU G 173 -13.69 -26.78 -17.90
CA LEU G 173 -13.61 -26.70 -19.35
C LEU G 173 -12.15 -26.68 -19.81
N LEU G 174 -11.29 -25.97 -19.08
CA LEU G 174 -9.90 -25.84 -19.50
C LEU G 174 -9.13 -27.13 -19.27
N SER G 175 -9.47 -27.87 -18.21
CA SER G 175 -8.83 -29.17 -17.98
C SER G 175 -9.15 -30.14 -19.12
N ILE G 176 -10.33 -30.03 -19.70
CA ILE G 176 -10.71 -30.91 -20.80
C ILE G 176 -10.02 -30.47 -22.10
N VAL G 177 -10.02 -29.16 -22.39
CA VAL G 177 -9.54 -28.73 -23.69
C VAL G 177 -8.01 -28.63 -23.77
N LYS G 178 -7.31 -28.50 -22.65
CA LYS G 178 -5.86 -28.38 -22.73
C LYS G 178 -5.31 -29.78 -22.93
N LYS G 179 -4.34 -29.91 -23.83
CA LYS G 179 -3.70 -31.17 -24.08
C LYS G 179 -2.23 -31.05 -23.69
N PRO G 180 -1.62 -32.11 -23.17
CA PRO G 180 -0.22 -32.01 -22.72
C PRO G 180 0.73 -31.62 -23.82
N LYS G 181 0.40 -32.02 -25.05
CA LYS G 181 1.35 -31.93 -26.17
C LYS G 181 1.41 -30.53 -26.77
N GLY G 182 0.26 -29.89 -26.95
CA GLY G 182 0.22 -28.57 -27.54
C GLY G 182 -0.71 -27.64 -26.79
N ALA G 183 -0.72 -26.38 -27.26
CA ALA G 183 -1.51 -25.31 -26.70
C ALA G 183 -2.95 -25.77 -26.82
N PRO G 184 -3.83 -25.37 -25.91
CA PRO G 184 -5.19 -25.89 -25.93
C PRO G 184 -5.91 -25.50 -27.21
N ASP G 185 -6.82 -26.37 -27.63
CA ASP G 185 -7.56 -26.16 -28.87
C ASP G 185 -8.70 -25.20 -28.63
N LYS G 186 -8.68 -24.09 -29.37
CA LYS G 186 -9.76 -23.12 -29.27
C LYS G 186 -11.04 -23.69 -29.89
N THR G 187 -10.90 -24.53 -30.92
CA THR G 187 -12.07 -25.11 -31.57
C THR G 187 -12.81 -26.07 -30.64
N ALA G 188 -12.08 -26.85 -29.84
CA ALA G 188 -12.74 -27.77 -28.93
C ALA G 188 -13.46 -27.03 -27.82
N ALA G 189 -12.86 -25.95 -27.32
CA ALA G 189 -13.55 -25.14 -26.32
C ALA G 189 -14.85 -24.57 -26.88
N ASP G 190 -14.82 -24.13 -28.14
CA ASP G 190 -16.05 -23.68 -28.80
C ASP G 190 -17.09 -24.81 -28.86
N GLU G 191 -16.68 -25.99 -29.31
CA GLU G 191 -17.64 -27.07 -29.54
C GLU G 191 -18.29 -27.53 -28.25
N LEU G 192 -17.50 -27.64 -27.17
CA LEU G 192 -18.03 -28.09 -25.89
C LEU G 192 -19.00 -27.08 -25.30
N VAL G 193 -18.69 -25.79 -25.41
CA VAL G 193 -19.58 -24.77 -24.87
C VAL G 193 -20.90 -24.72 -25.64
N THR G 194 -20.83 -24.95 -26.96
CA THR G 194 -22.07 -25.00 -27.74
C THR G 194 -22.93 -26.18 -27.33
N ALA G 195 -22.30 -27.36 -27.17
CA ALA G 195 -23.06 -28.55 -26.77
C ALA G 195 -23.68 -28.37 -25.39
N LEU G 196 -22.92 -27.83 -24.44
CA LEU G 196 -23.45 -27.57 -23.12
C LEU G 196 -24.60 -26.57 -23.18
N ILE G 197 -24.45 -25.52 -24.01
CA ILE G 197 -25.47 -24.47 -24.06
C ILE G 197 -26.73 -24.95 -24.75
N ASN G 198 -26.61 -25.79 -25.78
CA ASN G 198 -27.81 -26.27 -26.45
C ASN G 198 -28.48 -27.41 -25.71
N GLY G 199 -27.79 -28.02 -24.75
CA GLY G 199 -28.47 -28.93 -23.85
C GLY G 199 -29.41 -28.19 -22.92
N VAL G 200 -28.97 -27.03 -22.42
CA VAL G 200 -29.76 -26.27 -21.46
C VAL G 200 -30.82 -25.43 -22.18
N VAL G 201 -30.45 -24.79 -23.27
CA VAL G 201 -31.36 -24.00 -24.08
C VAL G 201 -31.30 -24.52 -25.51
N PRO G 202 -32.22 -25.42 -25.88
CA PRO G 202 -32.13 -26.06 -27.20
C PRO G 202 -32.37 -25.14 -28.38
N ASN G 203 -33.22 -24.13 -28.26
CA ASN G 203 -33.51 -23.23 -29.37
C ASN G 203 -32.58 -22.04 -29.20
N SER G 204 -31.62 -21.88 -30.10
CA SER G 204 -30.61 -20.86 -29.90
C SER G 204 -31.11 -19.50 -30.35
N THR G 205 -30.68 -18.46 -29.65
CA THR G 205 -31.12 -17.09 -29.84
C THR G 205 -29.91 -16.18 -30.03
N ALA G 206 -30.18 -14.94 -30.42
CA ALA G 206 -29.10 -13.95 -30.51
C ALA G 206 -28.43 -13.74 -29.15
N GLN G 207 -29.20 -13.77 -28.07
CA GLN G 207 -28.62 -13.65 -26.74
C GLN G 207 -27.80 -14.88 -26.37
N THR G 208 -28.24 -16.06 -26.81
CA THR G 208 -27.45 -17.27 -26.56
C THR G 208 -26.10 -17.20 -27.28
N GLN G 209 -26.08 -16.72 -28.52
CA GLN G 209 -24.83 -16.61 -29.27
C GLN G 209 -23.90 -15.61 -28.62
N LYS G 210 -24.42 -14.44 -28.25
CA LYS G 210 -23.59 -13.45 -27.57
C LYS G 210 -23.13 -13.96 -26.21
N LEU G 211 -23.95 -14.77 -25.55
CA LEU G 211 -23.52 -15.35 -24.28
C LEU G 211 -22.39 -16.34 -24.46
N LYS G 212 -22.46 -17.17 -25.50
CA LYS G 212 -21.37 -18.09 -25.79
C LYS G 212 -20.08 -17.33 -26.11
N GLU G 213 -20.18 -16.26 -26.89
CA GLU G 213 -18.99 -15.50 -27.26
C GLU G 213 -18.40 -14.75 -26.07
N LYS G 214 -19.26 -14.20 -25.21
CA LYS G 214 -18.78 -13.44 -24.07
C LYS G 214 -17.99 -14.34 -23.11
N ILE G 215 -18.50 -15.55 -22.86
CA ILE G 215 -17.82 -16.45 -21.95
C ILE G 215 -16.51 -16.94 -22.56
N LEU G 216 -16.54 -17.35 -23.83
CA LEU G 216 -15.32 -17.78 -24.50
C LEU G 216 -14.29 -16.65 -24.59
N ASN G 217 -14.75 -15.40 -24.75
CA ASN G 217 -13.81 -14.27 -24.81
C ASN G 217 -13.06 -14.12 -23.50
N THR G 218 -13.75 -14.31 -22.37
CA THR G 218 -13.08 -14.21 -21.09
C THR G 218 -12.03 -15.30 -20.89
N LEU G 219 -12.02 -16.33 -21.73
CA LEU G 219 -11.02 -17.39 -21.60
C LEU G 219 -9.85 -17.23 -22.55
N VAL G 220 -9.90 -16.24 -23.43
CA VAL G 220 -8.84 -15.99 -24.40
C VAL G 220 -7.47 -15.88 -23.73
N PRO G 221 -7.33 -15.22 -22.57
CA PRO G 221 -6.00 -15.18 -21.94
C PRO G 221 -5.41 -16.54 -21.58
N LYS G 222 -6.23 -17.45 -21.05
CA LYS G 222 -5.74 -18.76 -20.64
C LYS G 222 -5.72 -19.79 -21.77
N LEU G 223 -6.24 -19.46 -22.95
CA LEU G 223 -6.12 -20.36 -24.10
C LEU G 223 -4.84 -20.14 -24.88
N VAL G 224 -3.86 -19.48 -24.27
CA VAL G 224 -2.55 -19.30 -24.87
C VAL G 224 -1.47 -19.85 -23.94
N GLU H 4 4.10 -16.41 -42.45
CA GLU H 4 3.79 -15.22 -41.65
C GLU H 4 2.34 -14.82 -41.92
N VAL H 5 1.68 -14.25 -40.90
CA VAL H 5 0.31 -13.78 -41.08
C VAL H 5 0.31 -12.57 -42.00
N LYS H 6 -0.53 -12.61 -43.02
CA LYS H 6 -0.65 -11.50 -43.95
C LYS H 6 -2.09 -11.23 -44.30
N LEU H 7 -2.45 -9.95 -44.30
CA LEU H 7 -3.74 -9.45 -44.74
C LEU H 7 -3.43 -8.33 -45.72
N GLU H 8 -3.97 -8.41 -46.93
CA GLU H 8 -3.81 -7.32 -47.88
C GLU H 8 -5.15 -6.87 -48.45
N GLU H 9 -5.37 -5.55 -48.45
CA GLU H 9 -6.60 -4.93 -48.87
C GLU H 9 -6.37 -4.34 -50.25
N SER H 10 -7.44 -4.35 -51.05
CA SER H 10 -7.38 -3.80 -52.39
C SER H 10 -8.79 -3.38 -52.79
N GLY H 11 -8.87 -2.59 -53.86
CA GLY H 11 -10.14 -2.12 -54.40
C GLY H 11 -10.48 -0.68 -54.08
N GLY H 12 -9.66 0.02 -53.31
CA GLY H 12 -9.96 1.39 -52.98
C GLY H 12 -9.76 2.32 -54.16
N GLY H 13 -10.47 3.44 -54.12
CA GLY H 13 -10.37 4.41 -55.19
C GLY H 13 -11.34 5.54 -54.98
N LEU H 14 -11.61 6.27 -56.06
CA LEU H 14 -12.51 7.42 -56.04
C LEU H 14 -13.91 6.96 -56.46
N VAL H 15 -14.91 7.36 -55.68
CA VAL H 15 -16.30 6.99 -55.93
C VAL H 15 -17.15 8.25 -55.87
N GLN H 16 -18.17 8.32 -56.71
CA GLN H 16 -19.10 9.43 -56.62
C GLN H 16 -20.08 9.18 -55.48
N PRO H 17 -20.54 10.24 -54.81
CA PRO H 17 -21.50 10.06 -53.71
C PRO H 17 -22.72 9.27 -54.17
N GLY H 18 -23.18 8.36 -53.31
CA GLY H 18 -24.26 7.46 -53.66
C GLY H 18 -23.84 6.24 -54.43
N GLY H 19 -22.61 6.18 -54.93
CA GLY H 19 -22.13 5.05 -55.69
C GLY H 19 -21.79 3.86 -54.81
N SER H 20 -21.24 2.84 -55.46
CA SER H 20 -20.88 1.60 -54.78
C SER H 20 -19.42 1.25 -55.04
N LEU H 21 -18.87 0.47 -54.11
CA LEU H 21 -17.49 0.03 -54.15
C LEU H 21 -17.37 -1.22 -53.29
N ARG H 22 -16.51 -2.15 -53.73
CA ARG H 22 -16.21 -3.35 -52.97
C ARG H 22 -14.71 -3.43 -52.74
N VAL H 23 -14.32 -3.51 -51.47
CA VAL H 23 -12.93 -3.75 -51.12
C VAL H 23 -12.80 -5.19 -50.66
N SER H 24 -11.60 -5.73 -50.79
CA SER H 24 -11.35 -7.12 -50.45
C SER H 24 -10.05 -7.22 -49.67
N CYS H 25 -9.93 -8.30 -48.92
CA CYS H 25 -8.77 -8.56 -48.08
C CYS H 25 -8.31 -9.99 -48.34
N ALA H 26 -7.16 -10.13 -48.99
CA ALA H 26 -6.59 -11.43 -49.26
C ALA H 26 -5.68 -11.80 -48.10
N THR H 27 -5.92 -12.97 -47.52
CA THR H 27 -5.22 -13.41 -46.32
C THR H 27 -4.40 -14.66 -46.61
N SER H 28 -3.30 -14.81 -45.87
CA SER H 28 -2.46 -16.00 -45.93
C SER H 28 -1.72 -16.14 -44.61
N GLY H 29 -1.17 -17.32 -44.38
CA GLY H 29 -0.37 -17.57 -43.20
C GLY H 29 -1.13 -18.08 -42.00
N PHE H 30 -2.41 -18.37 -42.13
CA PHE H 30 -3.20 -18.92 -41.04
C PHE H 30 -4.48 -19.50 -41.61
N THR H 31 -5.14 -20.34 -40.81
CA THR H 31 -6.38 -21.00 -41.24
C THR H 31 -7.52 -19.99 -41.12
N PHE H 32 -7.79 -19.31 -42.24
CA PHE H 32 -8.82 -18.29 -42.30
C PHE H 32 -10.15 -18.78 -41.72
N THR H 33 -10.51 -20.03 -42.00
CA THR H 33 -11.83 -20.54 -41.61
C THR H 33 -12.06 -20.50 -40.10
N ASP H 34 -10.99 -20.51 -39.30
CA ASP H 34 -11.15 -20.56 -37.85
C ASP H 34 -11.29 -19.20 -37.18
N TYR H 35 -11.20 -18.08 -37.91
CA TYR H 35 -11.12 -16.78 -37.27
C TYR H 35 -12.30 -15.88 -37.63
N TYR H 36 -12.79 -15.13 -36.65
CA TYR H 36 -13.64 -13.97 -36.92
C TYR H 36 -12.79 -12.89 -37.58
N MET H 37 -13.42 -12.08 -38.42
CA MET H 37 -12.71 -11.02 -39.12
C MET H 37 -13.45 -9.70 -38.98
N ASN H 38 -12.69 -8.61 -38.83
CA ASN H 38 -13.24 -7.26 -38.65
C ASN H 38 -12.86 -6.35 -39.82
N TRP H 39 -13.65 -5.28 -39.96
CA TRP H 39 -13.30 -4.15 -40.80
C TRP H 39 -13.28 -2.89 -39.95
N VAL H 40 -12.25 -2.06 -40.16
CA VAL H 40 -12.09 -0.79 -39.47
C VAL H 40 -11.70 0.28 -40.48
N ARG H 41 -12.17 1.50 -40.24
CA ARG H 41 -11.83 2.61 -41.11
C ARG H 41 -11.29 3.76 -40.29
N GLN H 42 -10.56 4.63 -40.96
CA GLN H 42 -9.98 5.80 -40.32
C GLN H 42 -10.00 6.97 -41.30
N PRO H 43 -10.89 7.94 -41.09
CA PRO H 43 -10.89 9.11 -41.95
C PRO H 43 -9.58 9.89 -41.78
N PRO H 44 -9.16 10.62 -42.80
CA PRO H 44 -7.90 11.36 -42.70
C PRO H 44 -7.89 12.30 -41.51
N GLY H 45 -6.91 12.12 -40.63
CA GLY H 45 -6.75 12.96 -39.47
C GLY H 45 -7.70 12.70 -38.31
N LYS H 46 -8.43 11.59 -38.34
CA LYS H 46 -9.41 11.28 -37.29
C LYS H 46 -9.12 9.91 -36.68
N ALA H 47 -9.99 9.51 -35.75
CA ALA H 47 -9.78 8.30 -34.96
C ALA H 47 -10.26 7.05 -35.69
N LEU H 48 -9.77 5.91 -35.23
CA LEU H 48 -10.23 4.62 -35.72
C LEU H 48 -11.70 4.43 -35.40
N GLU H 49 -12.41 3.74 -36.29
CA GLU H 49 -13.83 3.46 -36.09
C GLU H 49 -14.12 2.03 -36.49
N TRP H 50 -14.63 1.24 -35.55
CA TRP H 50 -15.03 -0.13 -35.85
C TRP H 50 -16.30 -0.14 -36.68
N LEU H 51 -16.30 -0.94 -37.75
CA LEU H 51 -17.42 -1.03 -38.68
C LEU H 51 -18.25 -2.30 -38.52
N GLY H 52 -17.60 -3.44 -38.28
CA GLY H 52 -18.32 -4.68 -38.11
C GLY H 52 -17.38 -5.86 -38.13
N PHE H 53 -17.94 -7.03 -37.83
CA PHE H 53 -17.20 -8.26 -37.96
C PHE H 53 -18.10 -9.35 -38.54
N ILE H 54 -17.48 -10.41 -39.03
CA ILE H 54 -18.20 -11.56 -39.56
C ILE H 54 -17.72 -12.79 -38.79
N ARG H 55 -18.67 -13.63 -38.37
CA ARG H 55 -18.30 -14.82 -37.61
C ARG H 55 -17.80 -15.91 -38.54
N ASN H 56 -17.13 -16.90 -37.96
CA ASN H 56 -16.62 -18.00 -38.77
C ASN H 56 -17.73 -19.00 -39.06
N LYS H 57 -17.36 -20.07 -39.77
CA LYS H 57 -18.35 -21.07 -40.18
C LYS H 57 -18.97 -21.77 -38.97
N ALA H 58 -18.17 -22.04 -37.94
CA ALA H 58 -18.69 -22.72 -36.76
C ALA H 58 -19.75 -21.89 -36.03
N ASN H 59 -19.82 -20.59 -36.30
CA ASN H 59 -20.77 -19.71 -35.61
C ASN H 59 -21.76 -19.08 -36.57
N GLY H 60 -21.90 -19.62 -37.78
CA GLY H 60 -23.01 -19.30 -38.63
C GLY H 60 -22.81 -18.23 -39.68
N TYR H 61 -21.58 -17.74 -39.88
CA TYR H 61 -21.25 -16.75 -40.89
C TYR H 61 -22.04 -15.45 -40.70
N THR H 62 -22.65 -15.26 -39.53
CA THR H 62 -23.48 -14.10 -39.29
C THR H 62 -22.61 -12.88 -38.93
N THR H 63 -23.24 -11.70 -38.92
CA THR H 63 -22.51 -10.44 -38.88
C THR H 63 -23.02 -9.50 -37.81
N GLU H 64 -22.15 -8.57 -37.41
CA GLU H 64 -22.51 -7.41 -36.61
C GLU H 64 -22.01 -6.16 -37.32
N TYR H 65 -22.72 -5.04 -37.13
CA TYR H 65 -22.35 -3.80 -37.79
C TYR H 65 -22.53 -2.63 -36.85
N SER H 66 -21.72 -1.60 -37.07
CA SER H 66 -21.94 -0.31 -36.44
C SER H 66 -23.10 0.39 -37.13
N ALA H 67 -23.77 1.28 -36.37
CA ALA H 67 -24.98 1.90 -36.87
C ALA H 67 -24.71 2.84 -38.05
N SER H 68 -23.53 3.46 -38.08
CA SER H 68 -23.18 4.38 -39.16
C SER H 68 -23.14 3.71 -40.53
N VAL H 69 -23.09 2.39 -40.58
CA VAL H 69 -22.92 1.66 -41.84
C VAL H 69 -23.94 0.55 -42.01
N LYS H 70 -24.64 0.14 -40.95
CA LYS H 70 -25.69 -0.88 -41.03
C LYS H 70 -26.68 -0.57 -42.15
N GLY H 71 -26.95 -1.57 -42.98
CA GLY H 71 -27.88 -1.40 -44.08
C GLY H 71 -27.24 -0.90 -45.36
N ARG H 72 -26.11 -0.21 -45.26
CA ARG H 72 -25.37 0.29 -46.40
C ARG H 72 -24.18 -0.58 -46.78
N PHE H 73 -23.49 -1.14 -45.78
CA PHE H 73 -22.31 -1.96 -45.98
C PHE H 73 -22.61 -3.42 -45.66
N THR H 74 -21.94 -4.32 -46.36
CA THR H 74 -22.11 -5.76 -46.15
C THR H 74 -20.75 -6.44 -46.10
N ILE H 75 -20.49 -7.15 -45.00
CA ILE H 75 -19.30 -7.97 -44.88
C ILE H 75 -19.63 -9.39 -45.31
N SER H 76 -18.78 -9.97 -46.14
CA SER H 76 -18.93 -11.36 -46.55
C SER H 76 -17.55 -11.98 -46.60
N ARG H 77 -17.51 -13.30 -46.64
CA ARG H 77 -16.24 -14.00 -46.65
C ARG H 77 -16.30 -15.20 -47.59
N ASP H 78 -15.15 -15.53 -48.16
CA ASP H 78 -14.98 -16.68 -49.04
C ASP H 78 -13.93 -17.55 -48.38
N ASP H 79 -14.38 -18.54 -47.60
CA ASP H 79 -13.45 -19.39 -46.87
C ASP H 79 -12.63 -20.27 -47.80
N SER H 80 -13.15 -20.56 -49.00
CA SER H 80 -12.41 -21.42 -49.93
C SER H 80 -11.10 -20.78 -50.38
N GLN H 81 -11.10 -19.48 -50.62
CA GLN H 81 -9.92 -18.76 -51.07
C GLN H 81 -9.31 -17.82 -50.02
N SER H 82 -9.85 -17.79 -48.81
CA SER H 82 -9.31 -16.98 -47.72
C SER H 82 -9.31 -15.50 -48.05
N ILE H 83 -10.44 -15.02 -48.58
CA ILE H 83 -10.60 -13.62 -48.94
C ILE H 83 -11.78 -13.06 -48.14
N LEU H 84 -11.61 -11.86 -47.62
CA LEU H 84 -12.64 -11.16 -46.87
C LEU H 84 -13.13 -9.98 -47.71
N TYR H 85 -14.44 -9.76 -47.72
CA TYR H 85 -15.04 -8.73 -48.55
C TYR H 85 -15.78 -7.71 -47.69
N LEU H 86 -15.82 -6.47 -48.16
CA LEU H 86 -16.69 -5.44 -47.61
C LEU H 86 -17.34 -4.72 -48.78
N GLN H 87 -18.67 -4.83 -48.86
CA GLN H 87 -19.42 -4.25 -49.98
C GLN H 87 -20.05 -2.94 -49.50
N MET H 88 -19.68 -1.84 -50.13
CA MET H 88 -20.11 -0.52 -49.72
C MET H 88 -21.11 0.00 -50.74
N ASN H 89 -22.31 0.36 -50.25
CA ASN H 89 -23.36 0.93 -51.08
C ASN H 89 -23.82 2.25 -50.46
N THR H 90 -24.44 3.09 -51.30
CA THR H 90 -24.96 4.38 -50.85
C THR H 90 -23.89 5.17 -50.12
N LEU H 91 -22.74 5.33 -50.78
CA LEU H 91 -21.61 5.99 -50.14
C LEU H 91 -21.86 7.48 -49.97
N ARG H 92 -21.32 8.02 -48.88
CA ARG H 92 -21.36 9.44 -48.57
C ARG H 92 -19.95 9.97 -48.38
N ALA H 93 -19.83 11.30 -48.36
CA ALA H 93 -18.51 11.93 -48.25
C ALA H 93 -17.81 11.53 -46.97
N GLU H 94 -18.56 11.39 -45.88
CA GLU H 94 -18.00 10.97 -44.60
C GLU H 94 -17.50 9.53 -44.61
N ASP H 95 -17.75 8.77 -45.68
CA ASP H 95 -17.18 7.43 -45.81
C ASP H 95 -15.76 7.43 -46.35
N SER H 96 -15.23 8.59 -46.74
CA SER H 96 -13.85 8.67 -47.21
C SER H 96 -12.90 8.35 -46.06
N ALA H 97 -12.09 7.32 -46.23
CA ALA H 97 -11.22 6.87 -45.15
C ALA H 97 -10.25 5.81 -45.69
N SER H 98 -9.26 5.49 -44.88
CA SER H 98 -8.49 4.27 -45.07
C SER H 98 -9.24 3.11 -44.42
N TYR H 99 -9.42 2.03 -45.17
CA TYR H 99 -10.21 0.89 -44.70
C TYR H 99 -9.27 -0.26 -44.37
N TYR H 100 -9.32 -0.70 -43.11
CA TYR H 100 -8.42 -1.72 -42.61
C TYR H 100 -9.18 -3.02 -42.37
N CYS H 101 -8.56 -4.11 -42.80
CA CYS H 101 -9.02 -5.46 -42.54
C CYS H 101 -8.25 -5.99 -41.35
N ALA H 102 -8.96 -6.57 -40.38
CA ALA H 102 -8.32 -6.96 -39.13
C ALA H 102 -8.86 -8.30 -38.64
N ARG H 103 -7.95 -9.18 -38.25
CA ARG H 103 -8.29 -10.50 -37.74
C ARG H 103 -8.59 -10.43 -36.25
N ASP H 104 -9.64 -11.12 -35.84
CA ASP H 104 -10.05 -11.11 -34.44
C ASP H 104 -9.25 -12.13 -33.64
N LYS H 105 -8.85 -11.74 -32.43
CA LYS H 105 -8.14 -12.64 -31.55
C LYS H 105 -9.05 -13.66 -30.89
N GLY H 106 -10.35 -13.37 -30.80
CA GLY H 106 -11.29 -14.27 -30.18
C GLY H 106 -12.62 -14.37 -30.91
N TRP H 107 -13.72 -14.20 -30.19
CA TRP H 107 -15.06 -14.30 -30.77
C TRP H 107 -15.72 -12.93 -30.74
N GLY H 108 -15.19 -12.01 -31.53
CA GLY H 108 -15.61 -10.62 -31.44
C GLY H 108 -14.93 -9.96 -30.26
N TYR H 109 -13.60 -9.99 -30.28
CA TYR H 109 -12.76 -9.56 -29.18
C TYR H 109 -11.87 -8.40 -29.61
N ALA H 110 -10.58 -8.52 -29.34
CA ALA H 110 -9.59 -7.57 -29.80
C ALA H 110 -9.03 -8.04 -31.14
N MET H 111 -8.45 -7.10 -31.88
CA MET H 111 -7.95 -7.35 -33.22
C MET H 111 -6.43 -7.41 -33.20
N ASP H 112 -5.88 -8.59 -33.54
CA ASP H 112 -4.45 -8.85 -33.35
C ASP H 112 -3.61 -8.72 -34.61
N TYR H 113 -4.21 -8.69 -35.79
CA TYR H 113 -3.46 -8.51 -37.03
C TYR H 113 -4.25 -7.62 -37.98
N TRP H 114 -3.57 -6.66 -38.61
CA TRP H 114 -4.21 -5.68 -39.48
C TRP H 114 -3.50 -5.64 -40.83
N GLY H 115 -4.23 -5.36 -41.91
CA GLY H 115 -3.55 -5.11 -43.17
C GLY H 115 -3.04 -3.68 -43.24
N GLN H 116 -2.28 -3.36 -44.29
CA GLN H 116 -1.88 -1.97 -44.50
C GLN H 116 -3.05 -1.05 -44.86
N GLY H 117 -4.12 -1.56 -45.43
CA GLY H 117 -5.24 -0.64 -45.61
C GLY H 117 -5.33 -0.08 -47.02
N THR H 118 -6.57 0.22 -47.43
CA THR H 118 -6.83 0.77 -48.74
C THR H 118 -7.67 2.03 -48.63
N SER H 119 -7.36 3.03 -49.45
CA SER H 119 -7.91 4.37 -49.33
C SER H 119 -9.12 4.51 -50.23
N VAL H 120 -10.20 5.06 -49.68
CA VAL H 120 -11.42 5.33 -50.43
C VAL H 120 -11.71 6.82 -50.30
N THR H 121 -11.97 7.48 -51.43
CA THR H 121 -12.39 8.87 -51.45
C THR H 121 -13.76 8.93 -52.12
N VAL H 122 -14.74 9.49 -51.42
CA VAL H 122 -16.09 9.67 -51.94
C VAL H 122 -16.26 11.15 -52.23
N SER H 123 -16.37 11.49 -53.51
CA SER H 123 -16.38 12.89 -53.94
C SER H 123 -16.84 12.97 -55.38
N SER H 124 -17.42 14.11 -55.73
CA SER H 124 -17.85 14.38 -57.10
C SER H 124 -16.78 15.08 -57.92
N ALA H 125 -15.66 15.45 -57.30
CA ALA H 125 -14.54 15.99 -58.06
C ALA H 125 -13.91 14.90 -58.93
N LYS H 126 -13.37 15.30 -60.07
CA LYS H 126 -12.86 14.34 -61.04
C LYS H 126 -11.37 14.09 -60.85
N THR H 127 -10.94 12.92 -61.31
CA THR H 127 -9.55 12.51 -61.17
C THR H 127 -8.63 13.44 -61.96
N THR H 128 -7.56 13.89 -61.32
CA THR H 128 -6.57 14.77 -61.94
C THR H 128 -5.19 14.18 -61.69
N PRO H 129 -4.42 13.87 -62.73
CA PRO H 129 -3.07 13.35 -62.52
C PRO H 129 -2.14 14.47 -62.09
N PRO H 130 -1.06 14.15 -61.37
CA PRO H 130 -0.19 15.21 -60.84
C PRO H 130 0.79 15.74 -61.88
N SER H 131 1.18 17.00 -61.69
CA SER H 131 2.33 17.57 -62.36
C SER H 131 3.54 17.39 -61.46
N VAL H 132 4.62 16.85 -62.03
CA VAL H 132 5.83 16.53 -61.26
C VAL H 132 6.98 17.38 -61.80
N TYR H 133 7.55 18.21 -60.94
CA TYR H 133 8.63 19.10 -61.32
C TYR H 133 9.87 18.81 -60.49
N PRO H 134 11.05 18.73 -61.11
CA PRO H 134 12.27 18.48 -60.35
C PRO H 134 12.74 19.73 -59.63
N LEU H 135 13.30 19.53 -58.43
CA LEU H 135 13.89 20.61 -57.65
C LEU H 135 15.39 20.38 -57.56
N ALA H 136 16.15 21.17 -58.32
CA ALA H 136 17.60 21.10 -58.26
C ALA H 136 18.16 22.38 -57.66
N PRO H 137 19.26 22.30 -56.93
CA PRO H 137 19.83 23.52 -56.32
C PRO H 137 20.27 24.51 -57.38
N GLY H 138 20.17 25.80 -57.05
CA GLY H 138 20.64 26.87 -57.88
C GLY H 138 22.13 26.73 -58.16
N SER H 139 22.54 26.73 -59.43
CA SER H 139 23.96 26.57 -59.76
C SER H 139 24.87 27.53 -58.99
N ALA H 140 24.32 28.67 -58.53
CA ALA H 140 25.03 29.63 -57.71
C ALA H 140 25.00 29.29 -56.21
N ALA H 141 24.75 28.03 -55.86
CA ALA H 141 24.74 27.60 -54.46
C ALA H 141 26.08 27.02 -54.03
N GLN H 142 26.45 27.29 -52.77
CA GLN H 142 27.66 26.71 -52.20
C GLN H 142 27.56 25.19 -52.22
N THR H 143 28.68 24.53 -52.51
CA THR H 143 28.68 23.08 -52.59
C THR H 143 29.04 22.53 -51.22
N ASN H 144 28.35 21.47 -50.82
CA ASN H 144 28.61 20.86 -49.53
C ASN H 144 28.77 19.36 -49.74
N SER H 145 29.26 18.69 -48.69
CA SER H 145 29.55 17.27 -48.85
C SER H 145 28.28 16.46 -49.07
N MET H 146 27.17 16.89 -48.47
CA MET H 146 25.84 16.34 -48.72
C MET H 146 25.02 17.36 -49.50
N VAL H 147 24.37 16.93 -50.57
CA VAL H 147 23.53 17.79 -51.38
C VAL H 147 22.09 17.30 -51.26
N THR H 148 21.16 18.24 -51.14
CA THR H 148 19.74 17.93 -50.99
C THR H 148 19.02 18.23 -52.30
N LEU H 149 18.27 17.25 -52.79
CA LEU H 149 17.43 17.40 -53.97
C LEU H 149 15.97 17.19 -53.56
N GLY H 150 15.07 17.60 -54.44
CA GLY H 150 13.67 17.49 -54.15
C GLY H 150 12.87 17.31 -55.41
N CYS H 151 11.57 17.09 -55.26
CA CYS H 151 10.73 17.13 -56.44
C CYS H 151 9.31 17.45 -56.00
N LEU H 152 8.62 18.23 -56.81
CA LEU H 152 7.36 18.85 -56.43
C LEU H 152 6.22 18.20 -57.21
N VAL H 153 5.22 17.70 -56.47
CA VAL H 153 4.09 16.95 -57.04
C VAL H 153 2.85 17.81 -56.81
N LYS H 154 2.37 18.45 -57.87
CA LYS H 154 1.38 19.51 -57.77
C LYS H 154 0.08 19.16 -58.49
N GLY H 155 -1.04 19.49 -57.84
CA GLY H 155 -2.35 19.49 -58.48
C GLY H 155 -2.93 18.15 -58.88
N TYR H 156 -3.04 17.21 -57.94
CA TYR H 156 -3.63 15.92 -58.22
C TYR H 156 -4.83 15.68 -57.32
N PHE H 157 -5.67 14.73 -57.75
CA PHE H 157 -6.84 14.31 -57.00
C PHE H 157 -7.23 12.92 -57.47
N PRO H 158 -7.57 11.99 -56.56
CA PRO H 158 -7.50 12.17 -55.11
C PRO H 158 -6.18 11.71 -54.52
N GLU H 159 -6.08 11.72 -53.20
CA GLU H 159 -4.99 11.02 -52.54
C GLU H 159 -5.21 9.51 -52.67
N PRO H 160 -4.15 8.70 -52.62
CA PRO H 160 -2.74 9.08 -52.41
C PRO H 160 -1.88 9.03 -53.67
N VAL H 161 -0.68 9.59 -53.56
CA VAL H 161 0.40 9.33 -54.49
C VAL H 161 1.52 8.68 -53.71
N THR H 162 2.33 7.89 -54.41
CA THR H 162 3.51 7.27 -53.83
C THR H 162 4.74 7.87 -54.50
N VAL H 163 5.73 8.24 -53.69
CA VAL H 163 6.95 8.84 -54.18
C VAL H 163 8.11 7.96 -53.76
N THR H 164 8.94 7.57 -54.71
CA THR H 164 10.17 6.86 -54.44
C THR H 164 11.32 7.57 -55.16
N TRP H 165 12.54 7.25 -54.74
CA TRP H 165 13.74 7.83 -55.32
C TRP H 165 14.59 6.70 -55.88
N ASN H 166 14.95 6.83 -57.16
CA ASN H 166 15.64 5.77 -57.91
C ASN H 166 14.94 4.43 -57.69
N SER H 167 13.61 4.47 -57.79
CA SER H 167 12.76 3.27 -57.74
C SER H 167 12.98 2.46 -56.45
N GLY H 168 13.19 3.17 -55.34
CA GLY H 168 13.40 2.54 -54.05
C GLY H 168 14.85 2.28 -53.69
N SER H 169 15.79 2.39 -54.63
CA SER H 169 17.19 2.20 -54.29
C SER H 169 17.71 3.30 -53.37
N LEU H 170 17.06 4.47 -53.39
CA LEU H 170 17.35 5.58 -52.49
C LEU H 170 16.19 5.69 -51.51
N SER H 171 16.38 5.16 -50.30
CA SER H 171 15.35 5.18 -49.28
C SER H 171 15.76 5.94 -48.04
N SER H 172 17.04 5.93 -47.69
CA SER H 172 17.52 6.70 -46.55
C SER H 172 17.65 8.16 -46.91
N GLY H 173 17.46 9.03 -45.92
CA GLY H 173 17.57 10.45 -46.15
C GLY H 173 16.46 11.04 -46.96
N VAL H 174 15.28 10.43 -46.94
CA VAL H 174 14.13 10.87 -47.72
C VAL H 174 13.07 11.41 -46.79
N HIS H 175 12.54 12.59 -47.11
CA HIS H 175 11.39 13.17 -46.43
C HIS H 175 10.31 13.47 -47.47
N THR H 176 9.17 12.80 -47.35
CA THR H 176 8.01 13.09 -48.16
C THR H 176 6.94 13.73 -47.27
N PHE H 177 6.53 14.93 -47.61
CA PHE H 177 5.69 15.73 -46.74
C PHE H 177 4.22 15.49 -47.01
N PRO H 178 3.38 15.57 -45.98
CA PRO H 178 1.95 15.33 -46.17
C PRO H 178 1.36 16.29 -47.18
N ALA H 179 0.45 15.78 -48.00
CA ALA H 179 -0.18 16.61 -49.01
C ALA H 179 -1.05 17.67 -48.36
N VAL H 180 -1.20 18.79 -49.05
CA VAL H 180 -2.07 19.87 -48.62
C VAL H 180 -3.08 20.13 -49.71
N LEU H 181 -4.34 20.29 -49.31
CA LEU H 181 -5.43 20.50 -50.27
C LEU H 181 -5.64 21.99 -50.46
N GLN H 182 -5.55 22.44 -51.71
CA GLN H 182 -5.88 23.80 -52.08
C GLN H 182 -6.63 23.79 -53.41
N SER H 183 -7.80 24.44 -53.42
CA SER H 183 -8.62 24.56 -54.63
C SER H 183 -9.00 23.17 -55.16
N ASP H 184 -9.34 22.26 -54.25
CA ASP H 184 -9.75 20.90 -54.57
C ASP H 184 -8.66 20.11 -55.30
N LEU H 185 -7.40 20.46 -55.06
CA LEU H 185 -6.28 19.69 -55.61
C LEU H 185 -5.19 19.58 -54.55
N TYR H 186 -4.51 18.42 -54.53
CA TYR H 186 -3.47 18.17 -53.55
C TYR H 186 -2.11 18.54 -54.12
N THR H 187 -1.23 18.99 -53.23
CA THR H 187 0.15 19.29 -53.56
C THR H 187 1.04 18.78 -52.45
N LEU H 188 2.13 18.11 -52.82
CA LEU H 188 3.16 17.73 -51.86
C LEU H 188 4.53 17.88 -52.50
N SER H 189 5.56 17.75 -51.67
CA SER H 189 6.93 17.75 -52.13
C SER H 189 7.69 16.65 -51.39
N SER H 190 8.85 16.30 -51.92
CA SER H 190 9.68 15.27 -51.34
C SER H 190 11.13 15.66 -51.50
N SER H 191 11.91 15.48 -50.45
CA SER H 191 13.34 15.77 -50.48
C SER H 191 14.14 14.49 -50.24
N VAL H 192 15.34 14.47 -50.81
CA VAL H 192 16.30 13.39 -50.58
C VAL H 192 17.68 14.02 -50.48
N THR H 193 18.50 13.50 -49.58
CA THR H 193 19.85 13.99 -49.38
C THR H 193 20.82 12.86 -49.76
N VAL H 194 21.80 13.19 -50.59
CA VAL H 194 22.77 12.21 -51.08
C VAL H 194 24.16 12.82 -50.97
N PRO H 195 25.20 11.98 -50.97
CA PRO H 195 26.56 12.54 -50.96
C PRO H 195 26.84 13.29 -52.26
N SER H 196 27.61 14.37 -52.15
CA SER H 196 27.97 15.13 -53.33
C SER H 196 28.81 14.32 -54.32
N SER H 197 29.49 13.26 -53.84
CA SER H 197 30.23 12.39 -54.73
C SER H 197 29.33 11.55 -55.62
N THR H 198 28.04 11.46 -55.30
CA THR H 198 27.12 10.63 -56.09
C THR H 198 26.17 11.42 -56.96
N TRP H 199 26.14 12.75 -56.86
CA TRP H 199 25.29 13.56 -57.73
C TRP H 199 26.04 14.85 -58.00
N PRO H 200 26.11 15.31 -59.26
CA PRO H 200 25.38 14.75 -60.41
C PRO H 200 26.08 13.65 -61.20
N SER H 201 27.18 13.10 -60.67
CA SER H 201 27.91 12.06 -61.41
C SER H 201 27.05 10.82 -61.65
N GLU H 202 26.16 10.49 -60.71
CA GLU H 202 25.21 9.40 -60.88
C GLU H 202 23.80 9.98 -60.92
N THR H 203 22.88 9.21 -61.48
CA THR H 203 21.54 9.71 -61.69
C THR H 203 20.74 9.68 -60.40
N VAL H 204 19.87 10.67 -60.24
CA VAL H 204 18.90 10.70 -59.16
C VAL H 204 17.54 11.02 -59.79
N THR H 205 16.58 10.14 -59.60
CA THR H 205 15.27 10.26 -60.25
C THR H 205 14.19 10.08 -59.19
N CYS H 206 13.19 10.95 -59.18
CA CYS H 206 12.06 10.76 -58.29
C CYS H 206 10.95 10.11 -59.10
N ASN H 207 10.32 9.10 -58.51
CA ASN H 207 9.26 8.32 -59.15
C ASN H 207 7.96 8.61 -58.43
N VAL H 208 6.97 9.10 -59.17
CA VAL H 208 5.69 9.50 -58.61
C VAL H 208 4.62 8.61 -59.22
N ALA H 209 3.86 7.92 -58.38
CA ALA H 209 2.82 7.02 -58.83
C ALA H 209 1.48 7.53 -58.31
N HIS H 210 0.48 7.58 -59.19
CA HIS H 210 -0.86 8.02 -58.82
C HIS H 210 -1.84 6.97 -59.31
N PRO H 211 -2.17 5.99 -58.47
CA PRO H 211 -3.02 4.86 -58.92
C PRO H 211 -4.35 5.30 -59.50
N ALA H 212 -4.97 6.33 -58.93
CA ALA H 212 -6.30 6.73 -59.37
C ALA H 212 -6.33 7.16 -60.84
N SER H 213 -5.21 7.64 -61.36
CA SER H 213 -5.11 7.99 -62.78
C SER H 213 -4.24 7.02 -63.57
N SER H 214 -3.82 5.91 -62.95
CA SER H 214 -2.96 4.90 -63.58
C SER H 214 -1.69 5.51 -64.18
N THR H 215 -1.17 6.54 -63.54
CA THR H 215 0.05 7.22 -63.98
C THR H 215 1.21 6.93 -63.04
N LYS H 216 2.37 6.60 -63.59
CA LYS H 216 3.63 6.59 -62.85
C LYS H 216 4.63 7.39 -63.66
N VAL H 217 5.20 8.43 -63.05
CA VAL H 217 6.01 9.41 -63.76
C VAL H 217 7.37 9.50 -63.09
N ASP H 218 8.42 9.53 -63.92
CA ASP H 218 9.80 9.70 -63.47
C ASP H 218 10.34 11.04 -63.93
N LYS H 219 10.88 11.81 -62.99
CA LYS H 219 11.54 13.07 -63.30
C LYS H 219 12.99 12.98 -62.83
N LYS H 220 13.92 13.16 -63.77
CA LYS H 220 15.34 13.21 -63.41
C LYS H 220 15.71 14.58 -62.86
N ILE H 221 16.55 14.59 -61.83
CA ILE H 221 17.05 15.83 -61.24
C ILE H 221 18.35 16.20 -61.92
N VAL H 222 18.32 17.23 -62.76
CA VAL H 222 19.46 17.67 -63.55
C VAL H 222 20.00 18.98 -62.98
N PRO H 223 21.32 19.18 -62.94
CA PRO H 223 21.84 20.48 -62.50
C PRO H 223 21.34 21.59 -63.41
N ARG H 224 21.26 22.80 -62.86
CA ARG H 224 20.50 23.86 -63.52
C ARG H 224 21.25 24.48 -64.70
N ASP H 225 22.50 24.88 -64.50
CA ASP H 225 23.18 25.61 -65.57
C ASP H 225 23.53 24.68 -66.72
N ASP I 1 -24.38 2.41 -25.52
CA ASP I 1 -23.51 3.17 -26.42
C ASP I 1 -22.38 3.77 -25.57
N ILE I 2 -21.27 3.06 -25.45
CA ILE I 2 -20.23 3.41 -24.48
C ILE I 2 -19.27 4.41 -25.11
N VAL I 3 -19.12 5.57 -24.45
CA VAL I 3 -18.23 6.63 -24.92
C VAL I 3 -16.93 6.55 -24.12
N MET I 4 -15.82 6.63 -24.81
CA MET I 4 -14.49 6.55 -24.20
C MET I 4 -13.76 7.87 -24.38
N THR I 5 -13.23 8.39 -23.28
CA THR I 5 -12.50 9.65 -23.28
C THR I 5 -11.05 9.38 -22.92
N GLN I 6 -10.15 9.64 -23.87
CA GLN I 6 -8.71 9.51 -23.64
C GLN I 6 -8.12 10.84 -23.22
N THR I 7 -7.16 10.79 -22.30
CA THR I 7 -6.46 11.99 -21.86
C THR I 7 -5.00 11.60 -21.64
N PRO I 8 -4.06 12.49 -21.97
CA PRO I 8 -4.35 13.73 -22.71
C PRO I 8 -4.41 13.46 -24.21
N PRO I 9 -4.93 14.39 -24.99
CA PRO I 9 -4.89 14.20 -26.45
C PRO I 9 -3.48 14.24 -27.00
N SER I 10 -2.57 14.95 -26.33
CA SER I 10 -1.18 15.03 -26.73
C SER I 10 -0.33 14.95 -25.49
N LEU I 11 0.83 14.33 -25.61
CA LEU I 11 1.70 14.09 -24.46
C LEU I 11 3.14 14.10 -24.94
N ALA I 12 4.00 14.82 -24.23
CA ALA I 12 5.42 14.88 -24.54
C ALA I 12 6.20 14.36 -23.33
N VAL I 13 7.06 13.37 -23.56
CA VAL I 13 7.78 12.71 -22.48
C VAL I 13 9.24 12.55 -22.88
N SER I 14 10.14 12.70 -21.91
CA SER I 14 11.55 12.53 -22.19
C SER I 14 11.89 11.04 -22.26
N LEU I 15 12.96 10.75 -23.00
CA LEU I 15 13.46 9.38 -23.11
C LEU I 15 13.83 8.83 -21.73
N GLY I 16 13.48 7.55 -21.50
CA GLY I 16 13.72 6.92 -20.20
C GLY I 16 12.68 7.21 -19.12
N GLN I 17 11.71 8.09 -19.38
CA GLN I 17 10.70 8.44 -18.40
C GLN I 17 9.44 7.58 -18.57
N ARG I 18 8.45 7.80 -17.73
CA ARG I 18 7.22 7.04 -17.80
C ARG I 18 6.16 7.90 -18.47
N ALA I 19 5.38 7.27 -19.35
CA ALA I 19 4.23 7.88 -20.00
C ALA I 19 2.98 7.16 -19.53
N THR I 20 1.96 7.91 -19.16
CA THR I 20 0.68 7.35 -18.74
C THR I 20 -0.42 7.92 -19.61
N ILE I 21 -1.17 7.03 -20.26
CA ILE I 21 -2.31 7.38 -21.08
C ILE I 21 -3.52 6.73 -20.43
N SER I 22 -4.57 7.51 -20.20
CA SER I 22 -5.72 7.04 -19.47
C SER I 22 -6.98 7.12 -20.33
N CYS I 23 -7.86 6.16 -20.11
CA CYS I 23 -9.13 6.05 -20.81
C CYS I 23 -10.23 5.98 -19.75
N LYS I 24 -11.26 6.82 -19.89
CA LYS I 24 -12.41 6.80 -18.99
C LYS I 24 -13.66 6.44 -19.79
N ALA I 25 -14.31 5.35 -19.40
CA ALA I 25 -15.49 4.87 -20.11
C ALA I 25 -16.76 5.45 -19.50
N SER I 26 -17.75 5.69 -20.35
CA SER I 26 -19.01 6.26 -19.88
C SER I 26 -19.78 5.27 -19.00
N GLN I 27 -19.56 3.97 -19.20
CA GLN I 27 -20.07 2.95 -18.30
C GLN I 27 -19.05 1.82 -18.27
N SER I 28 -19.26 0.89 -17.34
CA SER I 28 -18.30 -0.19 -17.15
C SER I 28 -18.13 -1.00 -18.42
N VAL I 29 -16.87 -1.31 -18.73
CA VAL I 29 -16.53 -2.20 -19.83
C VAL I 29 -16.04 -3.54 -19.32
N ASP I 30 -16.25 -3.82 -18.04
CA ASP I 30 -15.86 -5.09 -17.43
C ASP I 30 -17.05 -6.04 -17.36
N TYR I 31 -16.73 -7.33 -17.31
CA TYR I 31 -17.72 -8.38 -17.15
C TYR I 31 -17.28 -9.17 -15.93
N ASP I 32 -17.85 -8.82 -14.77
CA ASP I 32 -17.39 -9.30 -13.46
C ASP I 32 -15.96 -8.80 -13.31
N ALA I 33 -14.97 -9.67 -13.14
CA ALA I 33 -13.58 -9.24 -13.04
C ALA I 33 -12.85 -9.24 -14.37
N ASP I 34 -13.52 -9.64 -15.45
CA ASP I 34 -12.90 -9.72 -16.77
C ASP I 34 -13.19 -8.45 -17.55
N SER I 35 -12.14 -7.84 -18.09
CA SER I 35 -12.22 -6.57 -18.78
C SER I 35 -12.27 -6.77 -20.29
N PHE I 36 -13.01 -5.89 -20.96
CA PHE I 36 -13.08 -5.89 -22.42
C PHE I 36 -12.51 -4.58 -22.97
N MET I 37 -11.39 -4.14 -22.40
CA MET I 37 -10.70 -2.93 -22.79
C MET I 37 -9.35 -3.30 -23.37
N HIS I 38 -9.01 -2.72 -24.54
CA HIS I 38 -7.78 -3.06 -25.23
C HIS I 38 -7.09 -1.79 -25.70
N TRP I 39 -5.77 -1.88 -25.90
CA TRP I 39 -4.95 -0.75 -26.29
C TRP I 39 -4.19 -1.06 -27.57
N TYR I 40 -4.13 -0.07 -28.47
CA TYR I 40 -3.43 -0.21 -29.75
C TYR I 40 -2.44 0.93 -29.97
N GLN I 41 -1.38 0.62 -30.68
CA GLN I 41 -0.39 1.60 -31.12
C GLN I 41 -0.49 1.76 -32.63
N GLN I 42 -0.48 3.00 -33.11
CA GLN I 42 -0.49 3.29 -34.54
C GLN I 42 0.56 4.34 -34.85
N LYS I 43 1.61 3.92 -35.55
CA LYS I 43 2.57 4.86 -36.10
C LYS I 43 2.01 5.46 -37.39
N PRO I 44 2.40 6.68 -37.73
CA PRO I 44 1.78 7.36 -38.89
C PRO I 44 1.97 6.56 -40.17
N GLY I 45 0.87 6.33 -40.88
CA GLY I 45 0.88 5.60 -42.12
C GLY I 45 0.96 4.09 -41.99
N GLN I 46 1.04 3.57 -40.78
CA GLN I 46 1.18 2.14 -40.53
C GLN I 46 -0.13 1.58 -39.98
N PRO I 47 -0.33 0.26 -40.06
CA PRO I 47 -1.51 -0.32 -39.45
C PRO I 47 -1.39 -0.32 -37.93
N PRO I 48 -2.51 -0.28 -37.22
CA PRO I 48 -2.46 -0.37 -35.76
C PRO I 48 -1.87 -1.70 -35.30
N LYS I 49 -1.27 -1.68 -34.12
CA LYS I 49 -0.69 -2.85 -33.51
C LYS I 49 -1.30 -3.02 -32.12
N LEU I 50 -1.82 -4.22 -31.85
CA LEU I 50 -2.41 -4.50 -30.54
C LEU I 50 -1.32 -4.63 -29.49
N LEU I 51 -1.44 -3.88 -28.41
CA LEU I 51 -0.47 -3.91 -27.31
C LEU I 51 -0.97 -4.71 -26.12
N ILE I 52 -2.19 -4.43 -25.69
CA ILE I 52 -2.77 -5.00 -24.47
C ILE I 52 -4.23 -5.32 -24.75
N TYR I 53 -4.65 -6.51 -24.35
CA TYR I 53 -6.03 -6.94 -24.41
C TYR I 53 -6.51 -7.27 -23.00
N ALA I 54 -7.82 -7.08 -22.79
CA ALA I 54 -8.44 -7.31 -21.48
C ALA I 54 -7.71 -6.55 -20.38
N ALA I 55 -7.49 -5.25 -20.62
CA ALA I 55 -7.00 -4.28 -19.65
C ALA I 55 -5.54 -4.45 -19.26
N SER I 56 -5.08 -5.70 -19.09
CA SER I 56 -3.78 -5.92 -18.49
C SER I 56 -2.93 -7.00 -19.13
N ASN I 57 -3.42 -7.68 -20.16
CA ASN I 57 -2.65 -8.76 -20.80
C ASN I 57 -1.79 -8.23 -21.94
N LEU I 58 -0.50 -8.52 -21.86
CA LEU I 58 0.44 -8.06 -22.85
C LEU I 58 0.41 -9.01 -24.04
N GLU I 59 0.15 -8.47 -25.22
CA GLU I 59 0.11 -9.29 -26.41
C GLU I 59 1.51 -9.82 -26.72
N SER I 60 1.58 -11.03 -27.26
CA SER I 60 2.86 -11.66 -27.53
C SER I 60 3.65 -10.82 -28.54
N GLY I 61 4.95 -10.69 -28.28
CA GLY I 61 5.83 -9.88 -29.12
C GLY I 61 5.96 -8.44 -28.68
N ILE I 62 5.13 -7.98 -27.75
CA ILE I 62 5.17 -6.59 -27.29
C ILE I 62 6.18 -6.48 -26.16
N PRO I 63 7.05 -5.48 -26.16
CA PRO I 63 8.04 -5.37 -25.09
C PRO I 63 7.37 -5.15 -23.74
N ALA I 64 8.07 -5.58 -22.68
CA ALA I 64 7.53 -5.46 -21.34
C ALA I 64 7.44 -4.02 -20.86
N ARG I 65 7.96 -3.05 -21.62
CA ARG I 65 7.84 -1.66 -21.21
C ARG I 65 6.38 -1.22 -21.21
N PHE I 66 5.53 -1.91 -21.97
CA PHE I 66 4.10 -1.62 -22.00
C PHE I 66 3.38 -2.44 -20.94
N SER I 67 2.43 -1.79 -20.26
CA SER I 67 1.59 -2.45 -19.28
C SER I 67 0.27 -1.70 -19.19
N GLY I 68 -0.77 -2.43 -18.83
CA GLY I 68 -2.09 -1.84 -18.70
C GLY I 68 -2.70 -2.19 -17.36
N SER I 69 -3.54 -1.30 -16.87
CA SER I 69 -4.18 -1.50 -15.59
C SER I 69 -5.51 -0.78 -15.58
N GLY I 70 -6.28 -1.03 -14.53
CA GLY I 70 -7.59 -0.44 -14.36
C GLY I 70 -8.69 -1.49 -14.30
N SER I 71 -9.88 -1.01 -14.01
CA SER I 71 -11.05 -1.88 -13.94
C SER I 71 -12.30 -1.02 -14.04
N GLY I 72 -13.38 -1.67 -14.48
CA GLY I 72 -14.66 -1.02 -14.51
C GLY I 72 -14.78 0.11 -15.51
N THR I 73 -14.47 1.32 -15.05
CA THR I 73 -14.69 2.53 -15.84
C THR I 73 -13.41 3.33 -16.11
N ASP I 74 -12.31 3.04 -15.42
CA ASP I 74 -11.09 3.84 -15.51
C ASP I 74 -9.91 2.92 -15.82
N PHE I 75 -9.19 3.22 -16.90
CA PHE I 75 -8.07 2.39 -17.32
C PHE I 75 -6.90 3.28 -17.73
N THR I 76 -5.69 2.73 -17.61
CA THR I 76 -4.48 3.42 -18.05
C THR I 76 -3.57 2.47 -18.81
N LEU I 77 -2.87 3.02 -19.80
CA LEU I 77 -1.78 2.36 -20.47
C LEU I 77 -0.47 3.01 -20.01
N ASN I 78 0.53 2.19 -19.69
CA ASN I 78 1.78 2.68 -19.13
C ASN I 78 2.95 2.25 -19.99
N ILE I 79 3.85 3.18 -20.28
CA ILE I 79 5.07 2.91 -21.04
C ILE I 79 6.24 3.35 -20.17
N ARG I 80 7.07 2.39 -19.75
CA ARG I 80 8.24 2.79 -18.96
C ARG I 80 9.33 1.75 -19.17
N PRO I 81 10.54 2.15 -19.57
CA PRO I 81 10.87 3.51 -20.02
C PRO I 81 10.42 3.79 -21.45
N VAL I 82 10.21 5.06 -21.74
CA VAL I 82 9.83 5.50 -23.08
C VAL I 82 11.06 5.46 -23.99
N GLU I 83 10.84 5.10 -25.25
CA GLU I 83 11.92 5.02 -26.23
C GLU I 83 11.53 5.76 -27.51
N GLU I 84 12.53 6.03 -28.35
CA GLU I 84 12.30 6.78 -29.59
C GLU I 84 11.22 6.14 -30.45
N GLU I 85 11.20 4.82 -30.52
CA GLU I 85 10.26 4.11 -31.38
C GLU I 85 8.82 4.22 -30.90
N ASP I 86 8.59 4.75 -29.71
CA ASP I 86 7.24 4.89 -29.18
C ASP I 86 6.50 6.11 -29.74
N ALA I 87 7.15 6.93 -30.57
CA ALA I 87 6.47 8.04 -31.21
C ALA I 87 5.33 7.52 -32.08
N ALA I 88 4.09 7.73 -31.64
CA ALA I 88 2.92 7.15 -32.29
C ALA I 88 1.67 7.71 -31.61
N THR I 89 0.51 7.33 -32.14
CA THR I 89 -0.78 7.62 -31.55
C THR I 89 -1.34 6.34 -30.91
N TYR I 90 -1.94 6.47 -29.73
CA TYR I 90 -2.41 5.31 -28.99
C TYR I 90 -3.91 5.40 -28.77
N TYR I 91 -4.62 4.29 -29.01
CA TYR I 91 -6.07 4.22 -28.89
C TYR I 91 -6.47 3.14 -27.91
N CYS I 92 -7.46 3.45 -27.05
CA CYS I 92 -8.18 2.42 -26.31
C CYS I 92 -9.42 2.00 -27.11
N GLN I 93 -9.88 0.77 -26.86
CA GLN I 93 -11.10 0.28 -27.47
C GLN I 93 -11.82 -0.63 -26.49
N GLN I 94 -13.16 -0.56 -26.49
CA GLN I 94 -13.97 -1.43 -25.65
C GLN I 94 -14.78 -2.38 -26.54
N SER I 95 -14.81 -3.66 -26.14
CA SER I 95 -15.64 -4.64 -26.81
C SER I 95 -16.62 -5.30 -25.84
N ASN I 96 -17.06 -4.53 -24.85
CA ASN I 96 -18.00 -5.03 -23.85
C ASN I 96 -19.45 -4.89 -24.29
N GLU I 97 -19.79 -3.81 -25.00
CA GLU I 97 -21.16 -3.62 -25.45
C GLU I 97 -21.13 -3.21 -26.92
N ASP I 98 -22.06 -3.77 -27.70
CA ASP I 98 -22.18 -3.41 -29.11
C ASP I 98 -22.68 -1.97 -29.26
N PRO I 99 -22.11 -1.18 -30.19
CA PRO I 99 -20.97 -1.49 -31.06
C PRO I 99 -19.63 -1.21 -30.39
N TRP I 100 -18.58 -1.89 -30.80
CA TRP I 100 -17.26 -1.56 -30.27
C TRP I 100 -16.92 -0.11 -30.58
N THR I 101 -16.29 0.56 -29.61
CA THR I 101 -15.93 1.96 -29.79
C THR I 101 -14.46 2.18 -29.43
N PHE I 102 -13.89 3.25 -29.99
CA PHE I 102 -12.51 3.63 -29.74
C PHE I 102 -12.47 4.95 -28.99
N GLY I 103 -11.38 5.16 -28.26
CA GLY I 103 -11.08 6.48 -27.73
C GLY I 103 -10.65 7.42 -28.84
N GLY I 104 -10.54 8.70 -28.48
CA GLY I 104 -10.17 9.72 -29.45
C GLY I 104 -8.71 9.70 -29.88
N GLY I 105 -7.86 9.01 -29.14
CA GLY I 105 -6.46 8.91 -29.50
C GLY I 105 -5.60 9.85 -28.66
N THR I 106 -4.36 9.42 -28.44
CA THR I 106 -3.37 10.24 -27.74
C THR I 106 -2.09 10.20 -28.57
N LYS I 107 -1.63 11.36 -29.01
CA LYS I 107 -0.39 11.46 -29.77
C LYS I 107 0.76 11.63 -28.79
N LEU I 108 1.70 10.70 -28.82
CA LEU I 108 2.85 10.70 -27.92
C LEU I 108 4.07 11.24 -28.66
N GLU I 109 4.64 12.32 -28.16
CA GLU I 109 5.88 12.88 -28.67
C GLU I 109 7.03 12.51 -27.74
N ILE I 110 8.14 12.08 -28.33
CA ILE I 110 9.32 11.71 -27.58
C ILE I 110 10.26 12.91 -27.60
N LYS I 111 10.63 13.42 -26.43
CA LYS I 111 11.54 14.56 -26.40
C LYS I 111 12.96 14.12 -26.71
N ARG I 112 13.74 15.06 -27.26
CA ARG I 112 15.14 14.87 -27.60
C ARG I 112 15.83 16.21 -27.46
N ALA I 113 17.16 16.18 -27.59
CA ALA I 113 17.94 17.41 -27.55
C ALA I 113 17.59 18.33 -28.72
N ASP I 114 17.63 19.63 -28.46
CA ASP I 114 17.34 20.61 -29.50
C ASP I 114 18.30 20.45 -30.68
N ALA I 115 17.76 20.53 -31.89
CA ALA I 115 18.53 20.33 -33.11
C ALA I 115 18.12 21.38 -34.13
N ALA I 116 19.10 22.03 -34.74
CA ALA I 116 18.81 23.08 -35.70
C ALA I 116 18.39 22.50 -37.05
N PRO I 117 17.56 23.23 -37.80
CA PRO I 117 17.15 22.72 -39.11
C PRO I 117 18.26 22.87 -40.14
N THR I 118 18.24 21.98 -41.12
CA THR I 118 19.04 22.10 -42.33
C THR I 118 18.14 22.64 -43.42
N VAL I 119 18.47 23.81 -43.94
CA VAL I 119 17.59 24.55 -44.84
C VAL I 119 18.18 24.55 -46.24
N SER I 120 17.32 24.37 -47.23
CA SER I 120 17.71 24.43 -48.63
C SER I 120 16.57 25.03 -49.44
N ILE I 121 16.93 25.84 -50.43
CA ILE I 121 15.96 26.57 -51.23
C ILE I 121 16.13 26.18 -52.69
N PHE I 122 15.01 26.15 -53.42
CA PHE I 122 15.03 25.64 -54.78
C PHE I 122 14.23 26.56 -55.71
N PRO I 123 14.84 27.00 -56.81
CA PRO I 123 14.13 27.87 -57.76
C PRO I 123 13.09 27.08 -58.54
N PRO I 124 12.17 27.75 -59.21
CA PRO I 124 11.21 27.04 -60.07
C PRO I 124 11.93 26.24 -61.14
N SER I 125 11.40 25.05 -61.43
CA SER I 125 11.92 24.29 -62.56
C SER I 125 11.53 24.99 -63.85
N SER I 126 12.38 24.83 -64.88
CA SER I 126 12.07 25.42 -66.17
C SER I 126 10.81 24.79 -66.78
N GLU I 127 10.56 23.52 -66.47
CA GLU I 127 9.37 22.86 -66.98
C GLU I 127 8.09 23.49 -66.42
N GLN I 128 8.12 23.91 -65.16
CA GLN I 128 6.93 24.54 -64.59
C GLN I 128 6.76 25.97 -65.09
N LEU I 129 7.87 26.68 -65.29
CA LEU I 129 7.80 28.03 -65.84
C LEU I 129 7.16 28.02 -67.23
N THR I 130 7.45 26.99 -68.01
CA THR I 130 6.85 26.84 -69.34
C THR I 130 5.33 26.80 -69.27
N SER I 131 4.78 26.25 -68.20
CA SER I 131 3.33 26.12 -68.03
C SER I 131 2.68 27.34 -67.39
N GLY I 132 3.46 28.36 -67.03
CA GLY I 132 2.90 29.59 -66.48
C GLY I 132 2.98 29.72 -64.97
N GLY I 133 3.43 28.68 -64.25
CA GLY I 133 3.53 28.75 -62.81
C GLY I 133 4.95 28.85 -62.31
N ALA I 134 5.13 29.30 -61.07
CA ALA I 134 6.46 29.40 -60.47
C ALA I 134 6.34 29.14 -58.99
N SER I 135 6.86 28.00 -58.53
CA SER I 135 6.86 27.64 -57.12
C SER I 135 8.29 27.63 -56.60
N VAL I 136 8.53 28.35 -55.51
CA VAL I 136 9.80 28.31 -54.81
C VAL I 136 9.62 27.47 -53.55
N VAL I 137 10.50 26.48 -53.38
CA VAL I 137 10.36 25.46 -52.33
C VAL I 137 11.52 25.58 -51.36
N CYS I 138 11.20 25.51 -50.07
CA CYS I 138 12.19 25.58 -49.00
C CYS I 138 12.01 24.37 -48.10
N PHE I 139 13.05 23.55 -47.95
CA PHE I 139 13.02 22.41 -47.06
C PHE I 139 13.75 22.76 -45.78
N LEU I 140 13.16 22.37 -44.65
CA LEU I 140 13.74 22.56 -43.32
C LEU I 140 13.72 21.19 -42.66
N ASN I 141 14.87 20.54 -42.63
CA ASN I 141 14.96 19.11 -42.34
C ASN I 141 15.65 18.84 -41.01
N ASN I 142 15.10 17.87 -40.28
CA ASN I 142 15.73 17.25 -39.11
C ASN I 142 16.00 18.25 -37.99
N PHE I 143 14.93 18.89 -37.53
CA PHE I 143 15.02 19.81 -36.41
C PHE I 143 14.11 19.34 -35.28
N TYR I 144 14.35 19.93 -34.10
CA TYR I 144 13.55 19.72 -32.89
C TYR I 144 13.81 20.91 -31.98
N PRO I 145 12.79 21.45 -31.31
CA PRO I 145 11.39 20.99 -31.31
C PRO I 145 10.62 21.38 -32.57
N LYS I 146 9.34 20.99 -32.60
CA LYS I 146 8.51 21.17 -33.80
C LYS I 146 8.26 22.65 -34.11
N ASP I 147 8.31 23.51 -33.10
CA ASP I 147 7.97 24.91 -33.27
C ASP I 147 9.02 25.60 -34.15
N ILE I 148 8.56 26.19 -35.26
CA ILE I 148 9.46 26.84 -36.21
C ILE I 148 8.64 27.81 -37.03
N ASN I 149 9.28 28.89 -37.46
CA ASN I 149 8.61 29.96 -38.21
C ASN I 149 9.41 30.27 -39.47
N VAL I 150 8.71 30.30 -40.60
CA VAL I 150 9.34 30.55 -41.90
C VAL I 150 8.71 31.80 -42.51
N LYS I 151 9.56 32.74 -42.92
CA LYS I 151 9.15 33.94 -43.63
C LYS I 151 9.85 34.00 -44.98
N TRP I 152 9.12 34.47 -45.99
CA TRP I 152 9.67 34.67 -47.33
C TRP I 152 9.93 36.16 -47.56
N LYS I 153 11.09 36.47 -48.14
CA LYS I 153 11.44 37.85 -48.45
C LYS I 153 11.90 37.92 -49.89
N ILE I 154 11.20 38.73 -50.68
CA ILE I 154 11.50 38.94 -52.10
C ILE I 154 11.98 40.37 -52.30
N ASP I 155 13.23 40.51 -52.75
CA ASP I 155 13.84 41.82 -53.01
C ASP I 155 13.70 42.77 -51.82
N GLY I 156 13.81 42.22 -50.61
CA GLY I 156 13.79 43.03 -49.41
C GLY I 156 12.42 43.24 -48.80
N SER I 157 11.36 42.79 -49.45
CA SER I 157 10.01 42.94 -48.92
C SER I 157 9.44 41.57 -48.57
N GLU I 158 8.76 41.49 -47.43
CA GLU I 158 8.20 40.23 -47.00
C GLU I 158 6.97 39.89 -47.84
N ARG I 159 6.83 38.62 -48.18
CA ARG I 159 5.68 38.14 -48.93
C ARG I 159 4.94 37.09 -48.10
N GLN I 160 3.62 37.26 -47.95
CA GLN I 160 2.87 36.30 -47.19
C GLN I 160 1.75 35.59 -47.94
N ASN I 161 1.41 36.00 -49.14
CA ASN I 161 0.33 35.31 -49.84
C ASN I 161 0.91 34.22 -50.73
N GLY I 162 0.16 33.13 -50.86
CA GLY I 162 0.62 31.99 -51.61
C GLY I 162 1.63 31.10 -50.92
N VAL I 163 1.72 31.14 -49.58
CA VAL I 163 2.67 30.32 -48.85
C VAL I 163 1.92 29.18 -48.19
N LEU I 164 2.38 27.94 -48.40
CA LEU I 164 1.80 26.74 -47.82
C LEU I 164 2.90 25.92 -47.14
N ASN I 165 2.64 25.51 -45.90
CA ASN I 165 3.60 24.80 -45.08
C ASN I 165 3.06 23.41 -44.74
N SER I 166 3.99 22.44 -44.62
CA SER I 166 3.62 21.08 -44.30
C SER I 166 4.73 20.45 -43.46
N TRP I 167 4.36 19.88 -42.32
CA TRP I 167 5.27 19.21 -41.40
C TRP I 167 5.17 17.69 -41.57
N THR I 168 6.30 17.01 -41.46
CA THR I 168 6.27 15.56 -41.30
C THR I 168 5.92 15.20 -39.87
N ASP I 169 5.56 13.95 -39.66
CA ASP I 169 5.39 13.43 -38.32
C ASP I 169 6.77 13.19 -37.70
N GLN I 170 6.79 13.05 -36.38
CA GLN I 170 8.05 12.85 -35.68
C GLN I 170 8.71 11.56 -36.15
N ASP I 171 10.01 11.62 -36.42
CA ASP I 171 10.74 10.48 -36.91
C ASP I 171 10.90 9.43 -35.82
N SER I 172 10.66 8.15 -36.19
CA SER I 172 10.75 7.05 -35.23
C SER I 172 12.18 6.77 -34.77
N LYS I 173 13.18 7.15 -35.56
CA LYS I 173 14.58 6.83 -35.27
C LYS I 173 15.31 7.95 -34.54
N ASP I 174 15.22 9.19 -35.04
CA ASP I 174 15.99 10.28 -34.45
C ASP I 174 15.13 11.32 -33.75
N SER I 175 13.80 11.17 -33.76
CA SER I 175 12.86 12.01 -33.02
C SER I 175 12.84 13.46 -33.51
N THR I 176 13.23 13.72 -34.75
CA THR I 176 13.21 15.07 -35.30
C THR I 176 11.97 15.26 -36.19
N TYR I 177 11.75 16.52 -36.57
CA TYR I 177 10.73 16.89 -37.52
C TYR I 177 11.38 17.52 -38.73
N SER I 178 10.66 17.50 -39.85
CA SER I 178 11.03 18.25 -41.03
C SER I 178 9.82 19.00 -41.54
N MET I 179 10.07 20.02 -42.36
CA MET I 179 8.99 20.89 -42.83
C MET I 179 9.31 21.39 -44.23
N SER I 180 8.25 21.62 -45.00
CA SER I 180 8.33 22.15 -46.35
C SER I 180 7.53 23.44 -46.41
N SER I 181 8.11 24.46 -47.03
CA SER I 181 7.45 25.75 -47.24
C SER I 181 7.52 26.07 -48.72
N THR I 182 6.36 26.25 -49.35
CA THR I 182 6.27 26.46 -50.78
C THR I 182 5.57 27.78 -51.06
N LEU I 183 6.24 28.65 -51.80
CA LEU I 183 5.66 29.92 -52.24
C LEU I 183 5.39 29.82 -53.74
N THR I 184 4.12 29.89 -54.14
CA THR I 184 3.76 29.78 -55.55
C THR I 184 3.33 31.14 -56.08
N LEU I 185 3.93 31.52 -57.20
CA LEU I 185 3.64 32.75 -57.93
C LEU I 185 3.30 32.39 -59.36
N THR I 186 2.78 33.37 -60.08
CA THR I 186 2.71 33.27 -61.52
C THR I 186 4.10 33.49 -62.12
N LYS I 187 4.29 32.99 -63.34
CA LYS I 187 5.56 33.19 -64.03
C LYS I 187 5.88 34.68 -64.19
N ASP I 188 4.86 35.51 -64.47
CA ASP I 188 5.14 36.93 -64.70
C ASP I 188 5.69 37.61 -63.46
N GLU I 189 5.02 37.45 -62.32
CA GLU I 189 5.49 38.12 -61.11
C GLU I 189 6.79 37.52 -60.61
N TYR I 190 7.01 36.22 -60.82
CA TYR I 190 8.28 35.63 -60.43
C TYR I 190 9.43 36.29 -61.19
N GLU I 191 9.24 36.55 -62.49
CA GLU I 191 10.26 37.17 -63.32
C GLU I 191 10.40 38.67 -63.09
N ARG I 192 9.49 39.30 -62.34
CA ARG I 192 9.65 40.72 -62.03
C ARG I 192 10.69 40.98 -60.94
N HIS I 193 11.01 39.97 -60.14
CA HIS I 193 11.92 40.14 -59.00
C HIS I 193 13.18 39.31 -59.18
N ASN I 194 14.18 39.60 -58.36
CA ASN I 194 15.49 38.97 -58.46
C ASN I 194 15.82 38.07 -57.28
N SER I 195 15.68 38.56 -56.05
CA SER I 195 16.15 37.87 -54.85
C SER I 195 14.99 37.17 -54.15
N TYR I 196 15.18 35.88 -53.83
CA TYR I 196 14.20 35.08 -53.13
C TYR I 196 14.86 34.43 -51.92
N THR I 197 14.26 34.59 -50.75
CA THR I 197 14.84 34.09 -49.51
C THR I 197 13.75 33.48 -48.64
N CYS I 198 14.04 32.31 -48.06
CA CYS I 198 13.27 31.79 -46.95
C CYS I 198 14.11 31.93 -45.70
N GLU I 199 13.49 32.42 -44.64
CA GLU I 199 14.18 32.70 -43.38
C GLU I 199 13.48 31.89 -42.28
N ALA I 200 14.25 31.08 -41.58
CA ALA I 200 13.73 30.17 -40.57
C ALA I 200 14.10 30.67 -39.18
N THR I 201 13.09 30.86 -38.34
CA THR I 201 13.31 31.24 -36.95
C THR I 201 13.03 30.03 -36.09
N HIS I 202 14.05 29.56 -35.37
CA HIS I 202 13.97 28.37 -34.54
C HIS I 202 14.75 28.63 -33.27
N LYS I 203 14.31 28.02 -32.16
CA LYS I 203 14.93 28.28 -30.87
C LYS I 203 16.42 28.02 -30.85
N THR I 204 16.93 27.22 -31.80
CA THR I 204 18.34 26.86 -31.79
C THR I 204 19.26 28.00 -32.19
N SER I 205 18.72 29.14 -32.65
CA SER I 205 19.54 30.25 -33.10
C SER I 205 18.81 31.56 -32.86
N THR I 206 19.55 32.57 -32.38
CA THR I 206 18.94 33.86 -32.11
C THR I 206 18.69 34.66 -33.38
N SER I 207 19.46 34.41 -34.43
CA SER I 207 19.29 34.98 -35.76
C SER I 207 18.70 33.94 -36.70
N PRO I 208 17.86 34.33 -37.65
CA PRO I 208 17.21 33.34 -38.51
C PRO I 208 18.22 32.63 -39.40
N ILE I 209 17.90 31.38 -39.74
CA ILE I 209 18.65 30.64 -40.75
C ILE I 209 18.08 31.00 -42.11
N VAL I 210 18.93 31.52 -42.99
CA VAL I 210 18.50 32.09 -44.27
C VAL I 210 19.20 31.37 -45.41
N LYS I 211 18.43 31.00 -46.41
CA LYS I 211 18.95 30.53 -47.70
C LYS I 211 18.25 31.32 -48.80
N SER I 212 18.98 31.63 -49.86
CA SER I 212 18.44 32.48 -50.91
C SER I 212 19.11 32.16 -52.24
N PHE I 213 18.50 32.68 -53.29
CA PHE I 213 19.06 32.60 -54.63
C PHE I 213 18.61 33.83 -55.42
N ASN I 214 19.35 34.12 -56.47
CA ASN I 214 19.03 35.18 -57.41
C ASN I 214 18.55 34.55 -58.70
N ARG I 215 17.48 35.08 -59.28
CA ARG I 215 16.90 34.43 -60.44
C ARG I 215 17.83 34.49 -61.64
N ASN I 216 18.56 35.58 -61.82
CA ASN I 216 19.64 35.67 -62.82
C ASN I 216 20.96 35.23 -62.19
N GLU I 217 21.13 33.91 -62.07
CA GLU I 217 22.38 33.33 -61.52
C GLU I 217 22.63 33.80 -60.09
N LYS J 17 50.04 -64.63 -35.82
CA LYS J 17 50.12 -63.32 -35.15
C LYS J 17 48.91 -62.41 -35.34
N ASN J 18 48.45 -62.34 -36.59
CA ASN J 18 47.20 -61.68 -36.94
C ASN J 18 46.08 -62.03 -35.95
N LEU J 19 45.85 -63.33 -35.74
CA LEU J 19 44.77 -63.79 -34.86
C LEU J 19 45.07 -63.52 -33.38
N ALA J 20 46.35 -63.54 -33.01
CA ALA J 20 46.69 -63.30 -31.61
C ALA J 20 46.42 -61.84 -31.25
N ASP J 21 46.58 -60.96 -32.24
CA ASP J 21 46.32 -59.55 -32.04
C ASP J 21 44.82 -59.26 -31.94
N VAL J 22 43.99 -59.91 -32.79
CA VAL J 22 42.53 -59.69 -32.72
C VAL J 22 42.04 -60.25 -31.42
N ALA J 23 42.58 -61.40 -31.08
CA ALA J 23 42.08 -62.11 -29.93
C ALA J 23 42.40 -61.31 -28.69
N GLY J 24 43.58 -60.71 -28.66
CA GLY J 24 43.95 -59.90 -27.52
C GLY J 24 43.03 -58.72 -27.29
N ILE J 25 42.60 -58.05 -28.37
CA ILE J 25 41.66 -56.93 -28.24
C ILE J 25 40.25 -57.41 -27.96
N ALA J 26 39.85 -58.54 -28.55
CA ALA J 26 38.58 -59.14 -28.19
C ALA J 26 38.61 -59.58 -26.73
N LEU J 27 39.74 -60.13 -26.29
CA LEU J 27 39.86 -60.51 -24.89
C LEU J 27 39.77 -59.29 -24.00
N ALA J 28 40.32 -58.14 -24.43
CA ALA J 28 40.12 -56.88 -23.71
C ALA J 28 38.66 -56.43 -23.77
N LYS J 29 38.00 -56.66 -24.91
CA LYS J 29 36.59 -56.27 -25.03
C LYS J 29 35.67 -57.15 -24.19
N ILE J 30 35.86 -58.47 -24.25
CA ILE J 30 35.05 -59.37 -23.44
C ILE J 30 35.31 -59.12 -21.97
N ASN J 31 36.57 -58.88 -21.63
CA ASN J 31 36.85 -58.55 -20.23
C ASN J 31 36.13 -57.28 -19.83
N ASN J 32 36.08 -56.29 -20.72
CA ASN J 32 35.44 -55.02 -20.38
C ASN J 32 33.93 -55.16 -20.31
N LEU J 33 33.33 -56.01 -21.15
CA LEU J 33 31.90 -56.26 -21.05
C LEU J 33 31.56 -56.97 -19.75
N ILE J 34 32.45 -57.81 -19.25
CA ILE J 34 32.22 -58.52 -18.00
C ILE J 34 32.21 -57.53 -16.84
N LYS J 35 33.11 -56.54 -16.88
CA LYS J 35 33.14 -55.54 -15.81
C LYS J 35 31.97 -54.58 -15.90
N GLN J 36 31.34 -54.46 -17.08
CA GLN J 36 30.09 -53.71 -17.17
C GLN J 36 28.96 -54.39 -16.41
N VAL J 37 28.84 -55.71 -16.53
CA VAL J 37 27.79 -56.43 -15.81
C VAL J 37 28.09 -56.43 -14.31
N SER J 38 29.37 -56.48 -13.93
CA SER J 38 29.72 -56.43 -12.52
C SER J 38 29.38 -55.07 -11.90
N ALA J 39 29.77 -53.99 -12.58
CA ALA J 39 29.51 -52.65 -12.06
C ALA J 39 28.00 -52.38 -11.98
N ALA J 40 27.28 -52.75 -13.04
CA ALA J 40 25.85 -52.48 -13.07
C ALA J 40 25.10 -53.27 -12.00
N THR J 41 25.46 -54.54 -11.78
CA THR J 41 24.76 -55.34 -10.77
C THR J 41 24.97 -54.78 -9.37
N GLU J 42 26.14 -54.20 -9.08
CA GLU J 42 26.27 -53.52 -7.81
C GLU J 42 25.51 -52.19 -7.84
N ALA J 43 25.51 -51.47 -8.98
CA ALA J 43 24.70 -50.25 -9.01
C ALA J 43 23.28 -50.56 -8.56
N GLU J 44 22.70 -51.67 -9.05
CA GLU J 44 21.37 -52.07 -8.61
C GLU J 44 21.35 -52.40 -7.11
N ALA J 45 22.41 -53.04 -6.61
CA ALA J 45 22.40 -53.54 -5.24
C ALA J 45 22.36 -52.42 -4.20
N ARG J 46 23.16 -51.36 -4.37
CA ARG J 46 23.08 -50.29 -3.36
C ARG J 46 21.78 -49.53 -3.50
N MET J 47 21.20 -49.49 -4.69
CA MET J 47 19.95 -48.77 -4.87
C MET J 47 18.80 -49.49 -4.18
N THR J 48 18.75 -50.82 -4.30
CA THR J 48 17.73 -51.56 -3.57
C THR J 48 17.95 -51.44 -2.07
N LEU J 49 19.21 -51.45 -1.63
CA LEU J 49 19.50 -51.27 -0.21
C LEU J 49 19.20 -49.85 0.25
N ALA J 50 19.47 -48.86 -0.61
CA ALA J 50 19.22 -47.46 -0.26
C ALA J 50 17.73 -47.13 -0.29
N ALA J 51 16.97 -47.72 -1.22
CA ALA J 51 15.53 -47.47 -1.25
C ALA J 51 14.85 -48.05 -0.03
N ALA J 52 15.33 -49.20 0.46
CA ALA J 52 14.72 -49.85 1.62
C ALA J 52 15.16 -49.20 2.93
N SER J 53 16.37 -48.63 2.98
CA SER J 53 16.84 -48.01 4.21
C SER J 53 15.99 -46.80 4.60
N THR J 54 15.80 -45.85 3.69
CA THR J 54 14.90 -44.72 3.90
C THR J 54 13.86 -44.73 2.80
N ASP J 55 12.59 -44.60 3.17
CA ASP J 55 11.50 -44.67 2.19
C ASP J 55 10.67 -43.38 2.24
N HIS J 56 11.03 -42.44 1.38
CA HIS J 56 10.24 -41.23 1.17
C HIS J 56 9.62 -41.31 -0.22
N SER J 57 8.38 -40.84 -0.35
CA SER J 57 7.64 -40.99 -1.59
C SER J 57 8.40 -40.42 -2.78
N ASN J 58 9.07 -39.28 -2.60
CA ASN J 58 9.76 -38.64 -3.70
C ASN J 58 10.94 -39.49 -4.18
N ILE J 59 11.92 -39.69 -3.30
CA ILE J 59 13.18 -40.31 -3.70
C ILE J 59 12.98 -41.77 -4.11
N SER J 60 11.95 -42.44 -3.57
CA SER J 60 11.72 -43.84 -3.94
C SER J 60 11.34 -43.98 -5.41
N ALA J 61 10.58 -43.01 -5.95
CA ALA J 61 10.26 -43.05 -7.37
C ALA J 61 11.50 -42.86 -8.22
N LEU J 62 12.50 -42.14 -7.69
CA LEU J 62 13.77 -41.99 -8.38
C LEU J 62 14.53 -43.31 -8.45
N TYR J 63 14.63 -44.01 -7.31
CA TYR J 63 15.30 -45.31 -7.31
C TYR J 63 14.57 -46.33 -8.17
N ALA J 64 13.24 -46.25 -8.21
CA ALA J 64 12.47 -47.15 -9.07
C ALA J 64 12.83 -46.94 -10.54
N ALA J 65 12.78 -45.68 -11.00
CA ALA J 65 13.14 -45.38 -12.38
C ALA J 65 14.60 -45.72 -12.65
N ALA J 66 15.48 -45.52 -11.66
CA ALA J 66 16.89 -45.83 -11.83
C ALA J 66 17.12 -47.33 -11.93
N SER J 67 16.40 -48.12 -11.12
CA SER J 67 16.57 -49.57 -11.16
C SER J 67 16.21 -50.14 -12.52
N ASN J 68 15.16 -49.61 -13.15
CA ASN J 68 14.81 -50.05 -14.50
C ASN J 68 15.95 -49.79 -15.48
N ILE J 69 16.65 -48.67 -15.31
CA ILE J 69 17.75 -48.36 -16.22
C ILE J 69 18.92 -49.33 -15.99
N VAL J 70 19.28 -49.58 -14.73
CA VAL J 70 20.46 -50.39 -14.45
C VAL J 70 20.19 -51.87 -14.74
N THR J 71 18.94 -52.30 -14.57
CA THR J 71 18.60 -53.67 -14.92
C THR J 71 18.93 -53.97 -16.37
N ARG J 72 18.71 -52.98 -17.24
CA ARG J 72 18.93 -53.18 -18.66
C ARG J 72 20.41 -53.06 -19.01
N CYS J 73 21.19 -52.39 -18.16
CA CYS J 73 22.64 -52.38 -18.31
C CYS J 73 23.21 -53.78 -18.23
N VAL J 74 22.80 -54.54 -17.22
CA VAL J 74 23.27 -55.91 -17.08
C VAL J 74 22.76 -56.76 -18.23
N LEU J 75 21.47 -56.64 -18.55
CA LEU J 75 20.87 -57.49 -19.58
C LEU J 75 21.50 -57.23 -20.94
N ASN J 76 21.78 -55.95 -21.26
CA ASN J 76 22.40 -55.63 -22.54
C ASN J 76 23.84 -56.13 -22.61
N ALA J 77 24.61 -55.95 -21.54
CA ALA J 77 26.00 -56.35 -21.58
C ALA J 77 26.14 -57.87 -21.64
N VAL J 78 25.27 -58.58 -20.92
CA VAL J 78 25.27 -60.04 -21.03
C VAL J 78 24.77 -60.47 -22.40
N HIS J 79 23.72 -59.81 -22.90
CA HIS J 79 23.23 -60.09 -24.25
C HIS J 79 24.32 -59.81 -25.29
N ALA J 80 25.06 -58.72 -25.10
CA ALA J 80 26.15 -58.40 -26.03
C ALA J 80 27.26 -59.43 -25.95
N LEU J 81 27.55 -59.94 -24.75
CA LEU J 81 28.59 -60.94 -24.60
C LEU J 81 28.24 -62.20 -25.38
N THR J 82 27.08 -62.79 -25.09
CA THR J 82 26.64 -63.99 -25.79
C THR J 82 26.32 -63.74 -27.26
N SER J 83 26.05 -62.49 -27.65
CA SER J 83 25.79 -62.20 -29.07
C SER J 83 27.08 -62.07 -29.87
N LEU J 84 28.10 -61.45 -29.27
CA LEU J 84 29.36 -61.24 -29.97
C LEU J 84 30.20 -62.51 -29.96
N ALA J 85 30.03 -63.34 -28.94
CA ALA J 85 30.84 -64.54 -28.77
C ALA J 85 30.78 -65.55 -29.93
N PRO J 86 29.62 -65.89 -30.51
CA PRO J 86 29.63 -66.93 -31.57
C PRO J 86 30.50 -66.58 -32.78
N ILE J 87 30.51 -65.33 -33.23
CA ILE J 87 31.38 -64.98 -34.34
C ILE J 87 32.83 -64.94 -33.87
N ALA J 88 33.06 -64.55 -32.60
CA ALA J 88 34.39 -64.65 -32.02
C ALA J 88 34.82 -66.10 -31.93
N LEU J 89 33.86 -67.01 -31.75
CA LEU J 89 34.14 -68.43 -31.72
C LEU J 89 34.70 -68.93 -33.06
N THR J 90 34.08 -68.50 -34.16
CA THR J 90 34.50 -68.99 -35.47
C THR J 90 35.94 -68.60 -35.79
N ALA J 91 36.34 -67.37 -35.44
CA ALA J 91 37.71 -66.94 -35.73
C ALA J 91 38.70 -67.80 -34.97
N ALA J 92 38.47 -68.00 -33.67
CA ALA J 92 39.28 -68.92 -32.89
C ALA J 92 39.01 -70.35 -33.36
N THR J 93 39.95 -71.25 -33.08
CA THR J 93 39.86 -72.67 -33.46
C THR J 93 39.54 -72.83 -34.95
N ASN J 94 39.72 -71.77 -35.73
CA ASN J 94 39.61 -71.82 -37.18
C ASN J 94 38.24 -72.33 -37.67
N THR J 131 40.27 -65.50 -42.28
CA THR J 131 39.99 -64.35 -43.13
C THR J 131 38.54 -63.90 -43.01
N VAL J 132 37.63 -64.77 -43.48
CA VAL J 132 36.21 -64.44 -43.47
C VAL J 132 35.72 -64.19 -42.04
N ALA J 133 36.18 -64.99 -41.09
CA ALA J 133 35.74 -64.81 -39.71
C ALA J 133 36.38 -63.58 -39.09
N ILE J 134 37.62 -63.28 -39.46
CA ILE J 134 38.32 -62.11 -38.91
C ILE J 134 37.63 -60.83 -39.34
N ARG J 135 37.28 -60.74 -40.62
CA ARG J 135 36.57 -59.57 -41.14
C ARG J 135 35.22 -59.39 -40.44
N GLN J 136 34.41 -60.46 -40.38
CA GLN J 136 33.13 -60.40 -39.68
C GLN J 136 33.32 -60.04 -38.21
N LEU J 137 34.36 -60.59 -37.57
CA LEU J 137 34.61 -60.25 -36.17
C LEU J 137 34.88 -58.77 -36.01
N TYR J 138 35.74 -58.21 -36.86
CA TYR J 138 36.04 -56.78 -36.80
C TYR J 138 34.78 -55.94 -36.95
N ASN J 139 33.89 -56.30 -37.90
CA ASN J 139 32.69 -55.50 -38.07
C ASN J 139 31.79 -55.57 -36.85
N LYS J 140 31.66 -56.75 -36.24
CA LYS J 140 30.77 -56.88 -35.10
C LYS J 140 31.33 -56.23 -33.84
N ILE J 141 32.64 -56.25 -33.64
CA ILE J 141 33.19 -55.42 -32.56
C ILE J 141 32.96 -53.95 -32.90
N GLY J 142 33.19 -53.60 -34.17
CA GLY J 142 32.85 -52.27 -34.63
C GLY J 142 31.36 -52.04 -34.60
N ASP J 143 30.57 -53.08 -34.89
CA ASP J 143 29.13 -52.94 -34.70
C ASP J 143 28.85 -52.58 -33.26
N LEU J 144 29.38 -53.40 -32.35
CA LEU J 144 28.99 -53.39 -30.94
C LEU J 144 29.22 -52.04 -30.26
N GLU J 145 30.41 -51.44 -30.34
CA GLU J 145 30.52 -50.31 -29.42
C GLU J 145 29.63 -49.14 -29.79
N LYS J 146 29.42 -48.90 -31.08
CA LYS J 146 28.48 -47.87 -31.48
C LYS J 146 27.11 -48.21 -30.97
N GLN J 147 26.84 -49.51 -30.80
CA GLN J 147 25.49 -50.02 -30.67
C GLN J 147 25.08 -49.45 -29.33
N THR J 148 25.74 -49.87 -28.28
CA THR J 148 25.52 -49.31 -26.96
C THR J 148 26.69 -48.40 -26.57
N THR J 149 26.81 -47.26 -27.26
CA THR J 149 27.65 -46.19 -26.71
C THR J 149 27.01 -45.64 -25.46
N ASN J 150 25.70 -45.86 -25.33
CA ASN J 150 24.97 -45.54 -24.11
C ASN J 150 25.08 -46.73 -23.17
N ASN J 151 26.22 -47.40 -23.21
CA ASN J 151 26.47 -48.48 -22.28
C ASN J 151 26.86 -47.91 -20.93
N CYS J 152 26.40 -48.58 -19.90
CA CYS J 152 26.65 -48.12 -18.55
C CYS J 152 28.13 -48.26 -18.22
N GLY J 153 28.48 -47.81 -17.04
CA GLY J 153 29.87 -47.69 -16.66
C GLY J 153 30.61 -49.00 -16.54
N THR J 154 31.91 -48.85 -16.33
CA THR J 154 32.81 -49.93 -15.95
C THR J 154 33.13 -49.90 -14.46
N SER J 155 32.79 -48.80 -13.78
CA SER J 155 32.84 -48.70 -12.32
C SER J 155 31.48 -48.22 -11.82
N VAL J 156 31.34 -48.21 -10.49
CA VAL J 156 30.05 -47.83 -9.90
C VAL J 156 29.77 -46.35 -10.14
N THR J 157 30.81 -45.51 -10.11
CA THR J 157 30.63 -44.09 -10.41
C THR J 157 30.21 -43.88 -11.87
N GLU J 158 30.83 -44.62 -12.79
CA GLU J 158 30.51 -44.44 -14.21
C GLU J 158 29.06 -44.86 -14.51
N VAL J 159 28.60 -45.98 -13.95
CA VAL J 159 27.22 -46.39 -14.19
C VAL J 159 26.26 -45.38 -13.56
N LEU J 160 26.62 -44.86 -12.39
CA LEU J 160 25.84 -43.79 -11.77
C LEU J 160 25.68 -42.63 -12.74
N GLU J 161 26.77 -42.26 -13.42
CA GLU J 161 26.71 -41.21 -14.43
C GLU J 161 25.76 -41.57 -15.56
N HIS J 162 25.79 -42.82 -16.01
CA HIS J 162 24.89 -43.24 -17.08
C HIS J 162 23.44 -43.15 -16.65
N ILE J 163 23.16 -43.46 -15.38
CA ILE J 163 21.79 -43.37 -14.87
C ILE J 163 21.28 -41.94 -14.97
N LEU J 164 22.11 -40.97 -14.54
CA LEU J 164 21.67 -39.59 -14.50
C LEU J 164 21.54 -38.97 -15.88
N LYS J 165 22.28 -39.48 -16.88
CA LYS J 165 22.13 -38.98 -18.24
C LYS J 165 20.83 -39.39 -18.89
N GLN J 166 20.16 -40.42 -18.39
CA GLN J 166 19.00 -40.97 -19.09
C GLN J 166 17.81 -40.04 -19.02
N GLU J 167 17.17 -39.82 -20.17
CA GLU J 167 15.92 -39.05 -20.22
C GLU J 167 14.88 -39.61 -19.26
N ALA J 168 14.78 -40.93 -19.17
CA ALA J 168 13.78 -41.54 -18.30
C ALA J 168 13.96 -41.12 -16.85
N LEU J 169 15.20 -41.04 -16.38
CA LEU J 169 15.44 -40.59 -15.01
C LEU J 169 15.15 -39.10 -14.84
N LYS J 170 15.55 -38.29 -15.82
CA LYS J 170 15.32 -36.85 -15.74
C LYS J 170 13.83 -36.53 -15.62
N GLU J 171 12.98 -37.21 -16.39
CA GLU J 171 11.55 -36.98 -16.27
C GLU J 171 11.03 -37.34 -14.89
N ALA J 172 11.54 -38.42 -14.31
CA ALA J 172 11.14 -38.78 -12.94
C ALA J 172 11.51 -37.67 -11.97
N LEU J 173 12.70 -37.09 -12.12
CA LEU J 173 13.12 -36.03 -11.21
C LEU J 173 12.30 -34.76 -11.42
N LEU J 174 11.96 -34.43 -12.66
CA LEU J 174 11.22 -33.19 -12.90
C LEU J 174 9.78 -33.28 -12.43
N SER J 175 9.17 -34.47 -12.52
CA SER J 175 7.82 -34.64 -12.01
C SER J 175 7.76 -34.40 -10.50
N ILE J 176 8.83 -34.72 -9.79
CA ILE J 176 8.86 -34.55 -8.34
C ILE J 176 9.07 -33.10 -7.95
N VAL J 177 10.01 -32.41 -8.59
CA VAL J 177 10.37 -31.08 -8.12
C VAL J 177 9.36 -30.03 -8.54
N LYS J 178 8.55 -30.33 -9.54
CA LYS J 178 7.53 -29.41 -9.97
C LYS J 178 6.35 -29.44 -9.01
N LYS J 179 5.76 -28.31 -8.83
CA LYS J 179 4.53 -28.24 -8.10
C LYS J 179 3.43 -27.80 -9.07
N PRO J 180 2.18 -28.23 -8.86
CA PRO J 180 1.13 -27.81 -9.79
C PRO J 180 1.02 -26.30 -9.88
N LYS J 181 1.28 -25.60 -8.78
CA LYS J 181 1.23 -24.14 -8.70
C LYS J 181 2.62 -23.54 -8.95
N GLY J 182 2.95 -23.24 -10.20
CA GLY J 182 4.20 -22.52 -10.47
C GLY J 182 5.37 -23.35 -10.95
N ALA J 183 6.49 -22.63 -11.14
CA ALA J 183 7.73 -23.16 -11.65
C ALA J 183 8.37 -24.19 -10.71
N PRO J 184 9.11 -25.15 -11.26
CA PRO J 184 9.80 -26.15 -10.42
C PRO J 184 10.87 -25.52 -9.53
N ASP J 185 11.06 -26.13 -8.36
CA ASP J 185 11.99 -25.61 -7.36
C ASP J 185 13.41 -26.09 -7.65
N LYS J 186 14.33 -25.13 -7.84
CA LYS J 186 15.72 -25.46 -8.14
C LYS J 186 16.43 -26.06 -6.93
N THR J 187 16.10 -25.61 -5.72
CA THR J 187 16.77 -26.11 -4.52
C THR J 187 16.39 -27.57 -4.26
N ALA J 188 15.14 -27.92 -4.53
CA ALA J 188 14.70 -29.31 -4.32
C ALA J 188 15.36 -30.25 -5.31
N ALA J 189 15.51 -29.82 -6.57
CA ALA J 189 16.20 -30.63 -7.56
C ALA J 189 17.62 -30.94 -7.12
N ASP J 190 18.31 -29.95 -6.55
CA ASP J 190 19.63 -30.18 -5.97
C ASP J 190 19.56 -31.26 -4.91
N GLU J 191 18.62 -31.14 -3.98
CA GLU J 191 18.58 -32.05 -2.83
C GLU J 191 18.35 -33.50 -3.27
N LEU J 192 17.46 -33.72 -4.24
CA LEU J 192 17.19 -35.09 -4.66
C LEU J 192 18.39 -35.73 -5.32
N VAL J 193 19.11 -34.98 -6.14
CA VAL J 193 20.26 -35.56 -6.85
C VAL J 193 21.38 -35.92 -5.87
N THR J 194 21.60 -35.10 -4.84
CA THR J 194 22.62 -35.46 -3.85
C THR J 194 22.23 -36.73 -3.11
N ALA J 195 20.96 -36.82 -2.69
CA ALA J 195 20.49 -38.01 -2.00
C ALA J 195 20.62 -39.24 -2.88
N LEU J 196 20.24 -39.12 -4.15
CA LEU J 196 20.41 -40.22 -5.09
C LEU J 196 21.88 -40.60 -5.23
N ILE J 197 22.75 -39.60 -5.32
CA ILE J 197 24.18 -39.86 -5.49
C ILE J 197 24.77 -40.44 -4.21
N ASN J 198 24.24 -40.03 -3.05
CA ASN J 198 24.72 -40.57 -1.79
C ASN J 198 24.20 -41.97 -1.51
N GLY J 199 23.13 -42.38 -2.19
CA GLY J 199 22.73 -43.78 -2.12
C GLY J 199 23.65 -44.68 -2.93
N VAL J 200 24.01 -44.25 -4.14
CA VAL J 200 24.80 -45.11 -5.02
C VAL J 200 26.28 -45.03 -4.69
N VAL J 201 26.81 -43.84 -4.45
CA VAL J 201 28.19 -43.64 -4.07
C VAL J 201 28.20 -42.84 -2.77
N PRO J 202 28.32 -43.50 -1.62
CA PRO J 202 28.13 -42.80 -0.34
C PRO J 202 29.21 -41.79 -0.02
N ASN J 203 30.47 -42.04 -0.32
CA ASN J 203 31.49 -41.04 -0.05
C ASN J 203 31.86 -40.28 -1.30
N SER J 204 31.64 -38.98 -1.22
CA SER J 204 31.70 -38.04 -2.33
C SER J 204 33.13 -37.70 -2.68
N THR J 205 33.34 -37.46 -3.99
CA THR J 205 34.64 -37.17 -4.58
C THR J 205 34.49 -35.87 -5.35
N ALA J 206 35.61 -35.32 -5.82
CA ALA J 206 35.52 -34.15 -6.68
C ALA J 206 34.74 -34.45 -7.95
N GLN J 207 34.87 -35.68 -8.47
CA GLN J 207 34.13 -36.10 -9.66
C GLN J 207 32.64 -36.23 -9.41
N THR J 208 32.23 -36.71 -8.23
CA THR J 208 30.81 -36.80 -7.95
C THR J 208 30.15 -35.42 -7.85
N GLN J 209 30.87 -34.44 -7.30
CA GLN J 209 30.34 -33.08 -7.24
C GLN J 209 30.16 -32.52 -8.65
N LYS J 210 31.20 -32.68 -9.48
CA LYS J 210 31.11 -32.24 -10.87
C LYS J 210 30.06 -33.04 -11.63
N LEU J 211 29.87 -34.32 -11.27
CA LEU J 211 28.84 -35.12 -11.92
C LEU J 211 27.46 -34.61 -11.56
N LYS J 212 27.25 -34.25 -10.29
CA LYS J 212 26.00 -33.67 -9.86
C LYS J 212 25.72 -32.34 -10.57
N GLU J 213 26.75 -31.52 -10.73
CA GLU J 213 26.55 -30.21 -11.36
C GLU J 213 26.24 -30.37 -12.85
N LYS J 214 26.86 -31.33 -13.52
CA LYS J 214 26.63 -31.50 -14.95
C LYS J 214 25.19 -31.92 -15.23
N ILE J 215 24.62 -32.84 -14.45
CA ILE J 215 23.25 -33.27 -14.73
C ILE J 215 22.28 -32.14 -14.42
N LEU J 216 22.45 -31.50 -13.26
CA LEU J 216 21.57 -30.40 -12.88
C LEU J 216 21.64 -29.26 -13.91
N ASN J 217 22.82 -29.05 -14.50
CA ASN J 217 22.93 -28.01 -15.53
C ASN J 217 22.09 -28.35 -16.76
N THR J 218 22.02 -29.64 -17.12
CA THR J 218 21.20 -30.07 -18.25
C THR J 218 19.72 -29.88 -18.00
N LEU J 219 19.29 -29.65 -16.75
CA LEU J 219 17.87 -29.42 -16.50
C LEU J 219 17.51 -27.95 -16.39
N VAL J 220 18.50 -27.04 -16.41
CA VAL J 220 18.25 -25.61 -16.31
C VAL J 220 17.23 -25.14 -17.34
N PRO J 221 17.27 -25.60 -18.61
CA PRO J 221 16.22 -25.18 -19.55
C PRO J 221 14.82 -25.57 -19.10
N LYS J 222 14.66 -26.77 -18.52
CA LYS J 222 13.36 -27.26 -18.09
C LYS J 222 12.97 -26.82 -16.68
N LEU J 223 13.88 -26.23 -15.91
CA LEU J 223 13.55 -25.68 -14.60
C LEU J 223 13.10 -24.23 -14.67
N VAL J 224 12.71 -23.74 -15.85
CA VAL J 224 12.19 -22.38 -15.99
C VAL J 224 10.80 -22.44 -16.60
N GLU K 4 16.89 -3.96 -10.73
CA GLU K 4 16.56 -4.90 -9.66
C GLU K 4 17.79 -5.70 -9.26
N VAL K 5 18.21 -6.64 -10.11
CA VAL K 5 19.44 -7.38 -9.84
C VAL K 5 20.60 -6.42 -10.09
N LYS K 6 21.48 -6.29 -9.10
CA LYS K 6 22.61 -5.38 -9.22
C LYS K 6 23.90 -6.01 -8.69
N LEU K 7 24.95 -5.81 -9.46
CA LEU K 7 26.31 -6.16 -9.07
C LEU K 7 27.18 -4.98 -9.43
N GLU K 8 27.94 -4.45 -8.47
CA GLU K 8 28.92 -3.43 -8.80
C GLU K 8 30.25 -3.84 -8.17
N GLU K 9 31.30 -3.69 -8.96
CA GLU K 9 32.64 -4.07 -8.59
C GLU K 9 33.39 -2.82 -8.15
N SER K 10 34.33 -3.02 -7.23
CA SER K 10 35.11 -1.91 -6.72
C SER K 10 36.48 -2.45 -6.32
N GLY K 11 37.40 -1.53 -6.12
CA GLY K 11 38.73 -1.87 -5.69
C GLY K 11 39.80 -1.85 -6.76
N GLY K 12 39.44 -1.57 -8.00
CA GLY K 12 40.42 -1.55 -9.06
C GLY K 12 41.36 -0.37 -8.96
N GLY K 13 42.53 -0.53 -9.56
CA GLY K 13 43.53 0.52 -9.54
C GLY K 13 44.82 0.07 -10.19
N LEU K 14 45.89 0.81 -9.92
CA LEU K 14 47.20 0.53 -10.49
C LEU K 14 48.02 -0.27 -9.49
N VAL K 15 48.63 -1.36 -9.96
CA VAL K 15 49.43 -2.24 -9.11
C VAL K 15 50.77 -2.45 -9.78
N GLN K 16 51.84 -2.42 -8.99
CA GLN K 16 53.13 -2.75 -9.57
C GLN K 16 53.31 -4.28 -9.66
N PRO K 17 54.07 -4.74 -10.65
CA PRO K 17 54.29 -6.20 -10.80
C PRO K 17 54.78 -6.84 -9.51
N GLY K 18 54.26 -8.03 -9.23
CA GLY K 18 54.53 -8.73 -7.99
C GLY K 18 53.65 -8.33 -6.83
N GLY K 19 52.89 -7.24 -6.94
CA GLY K 19 52.02 -6.81 -5.86
C GLY K 19 50.75 -7.64 -5.80
N SER K 20 49.88 -7.26 -4.86
CA SER K 20 48.62 -7.94 -4.63
C SER K 20 47.48 -6.92 -4.62
N LEU K 21 46.26 -7.42 -4.88
CA LEU K 21 45.08 -6.57 -4.92
C LEU K 21 43.84 -7.42 -4.67
N ARG K 22 42.88 -6.86 -3.93
CA ARG K 22 41.60 -7.50 -3.69
C ARG K 22 40.47 -6.62 -4.21
N VAL K 23 39.67 -7.18 -5.12
CA VAL K 23 38.49 -6.52 -5.66
C VAL K 23 37.26 -7.20 -5.06
N SER K 24 36.17 -6.44 -4.99
CA SER K 24 34.94 -6.94 -4.39
C SER K 24 33.75 -6.52 -5.25
N CYS K 25 32.66 -7.27 -5.09
CA CYS K 25 31.41 -7.10 -5.82
C CYS K 25 30.27 -7.11 -4.82
N ALA K 26 29.60 -5.97 -4.67
CA ALA K 26 28.45 -5.82 -3.79
C ALA K 26 27.21 -6.13 -4.58
N THR K 27 26.39 -7.03 -4.07
CA THR K 27 25.24 -7.55 -4.77
C THR K 27 23.95 -7.20 -4.05
N SER K 28 22.88 -7.05 -4.82
CA SER K 28 21.55 -6.83 -4.27
C SER K 28 20.50 -7.26 -5.29
N GLY K 29 19.28 -7.46 -4.81
CA GLY K 29 18.14 -7.81 -5.65
C GLY K 29 17.90 -9.30 -5.84
N PHE K 30 18.63 -10.16 -5.13
CA PHE K 30 18.44 -11.60 -5.25
C PHE K 30 19.07 -12.27 -4.06
N THR K 31 18.69 -13.52 -3.83
CA THR K 31 19.22 -14.29 -2.71
C THR K 31 20.60 -14.80 -3.07
N PHE K 32 21.60 -14.01 -2.68
CA PHE K 32 23.01 -14.29 -2.97
C PHE K 32 23.41 -15.73 -2.62
N THR K 33 22.90 -16.24 -1.49
CA THR K 33 23.29 -17.55 -0.96
C THR K 33 22.90 -18.71 -1.88
N ASP K 34 21.92 -18.55 -2.77
CA ASP K 34 21.50 -19.66 -3.62
C ASP K 34 22.27 -19.77 -4.94
N TYR K 35 23.18 -18.86 -5.23
CA TYR K 35 23.77 -18.77 -6.55
C TYR K 35 25.27 -19.04 -6.52
N TYR K 36 25.75 -19.73 -7.54
CA TYR K 36 27.18 -19.71 -7.86
C TYR K 36 27.56 -18.34 -8.42
N MET K 37 28.80 -17.94 -8.19
CA MET K 37 29.30 -16.64 -8.63
C MET K 37 30.59 -16.83 -9.41
N ASN K 38 30.75 -16.05 -10.48
CA ASN K 38 31.91 -16.12 -11.34
C ASN K 38 32.69 -14.83 -11.28
N TRP K 39 33.97 -14.91 -11.66
CA TRP K 39 34.78 -13.74 -11.99
C TRP K 39 35.28 -13.90 -13.43
N VAL K 40 35.20 -12.83 -14.19
CA VAL K 40 35.64 -12.81 -15.57
C VAL K 40 36.45 -11.54 -15.78
N ARG K 41 37.47 -11.62 -16.64
CA ARG K 41 38.28 -10.45 -16.96
C ARG K 41 38.40 -10.31 -18.46
N GLN K 42 38.72 -9.09 -18.88
CA GLN K 42 38.89 -8.72 -20.28
C GLN K 42 40.00 -7.69 -20.43
N PRO K 43 41.17 -8.10 -20.94
CA PRO K 43 42.23 -7.11 -21.17
C PRO K 43 41.80 -6.13 -22.22
N PRO K 44 42.29 -4.88 -22.15
CA PRO K 44 41.88 -3.85 -23.12
C PRO K 44 42.15 -4.32 -24.55
N GLY K 45 41.09 -4.33 -25.35
CA GLY K 45 41.20 -4.74 -26.74
C GLY K 45 41.27 -6.23 -26.97
N LYS K 46 40.99 -7.07 -25.97
CA LYS K 46 41.11 -8.52 -26.11
C LYS K 46 39.79 -9.18 -25.75
N ALA K 47 39.77 -10.51 -25.82
CA ALA K 47 38.56 -11.28 -25.60
C ALA K 47 38.31 -11.53 -24.11
N LEU K 48 37.08 -11.91 -23.80
CA LEU K 48 36.71 -12.28 -22.44
C LEU K 48 37.49 -13.52 -22.00
N GLU K 49 37.83 -13.58 -20.71
CA GLU K 49 38.51 -14.73 -20.15
C GLU K 49 37.87 -15.09 -18.81
N TRP K 50 37.33 -16.30 -18.72
CA TRP K 50 36.76 -16.78 -17.47
C TRP K 50 37.87 -17.07 -16.47
N LEU K 51 37.69 -16.61 -15.25
CA LEU K 51 38.70 -16.78 -14.20
C LEU K 51 38.36 -17.88 -13.21
N GLY K 52 37.10 -18.00 -12.82
CA GLY K 52 36.71 -19.02 -11.88
C GLY K 52 35.31 -18.77 -11.38
N PHE K 53 34.81 -19.75 -10.62
CA PHE K 53 33.55 -19.59 -9.92
C PHE K 53 33.67 -20.17 -8.51
N ILE K 54 32.75 -19.75 -7.65
CA ILE K 54 32.67 -20.26 -6.28
C ILE K 54 31.28 -20.84 -6.09
N ARG K 55 31.22 -22.01 -5.47
CA ARG K 55 29.96 -22.70 -5.25
C ARG K 55 29.19 -22.06 -4.10
N ASN K 56 27.89 -22.33 -4.05
CA ASN K 56 27.10 -21.79 -2.95
C ASN K 56 27.29 -22.66 -1.70
N LYS K 57 26.59 -22.30 -0.62
CA LYS K 57 26.75 -23.01 0.64
C LYS K 57 26.27 -24.44 0.53
N ALA K 58 25.18 -24.67 -0.21
CA ALA K 58 24.64 -26.01 -0.36
C ALA K 58 25.63 -26.96 -1.05
N ASN K 59 26.64 -26.43 -1.73
CA ASN K 59 27.60 -27.25 -2.46
C ASN K 59 29.03 -27.08 -1.95
N GLY K 60 29.19 -26.54 -0.74
CA GLY K 60 30.45 -26.62 -0.04
C GLY K 60 31.40 -25.46 -0.17
N TYR K 61 30.98 -24.37 -0.82
CA TYR K 61 31.78 -23.14 -0.97
C TYR K 61 33.09 -23.36 -1.73
N THR K 62 33.23 -24.47 -2.46
CA THR K 62 34.48 -24.74 -3.16
C THR K 62 34.54 -23.96 -4.47
N THR K 63 35.73 -23.94 -5.07
CA THR K 63 36.03 -23.06 -6.19
C THR K 63 36.66 -23.83 -7.35
N GLU K 64 36.51 -23.25 -8.54
CA GLU K 64 37.23 -23.68 -9.73
C GLU K 64 37.93 -22.46 -10.32
N TYR K 65 39.04 -22.71 -11.01
CA TYR K 65 39.85 -21.64 -11.57
C TYR K 65 40.37 -22.04 -12.95
N SER K 66 40.62 -21.04 -13.78
CA SER K 66 41.37 -21.25 -15.00
C SER K 66 42.86 -21.42 -14.68
N ALA K 67 43.58 -22.08 -15.58
CA ALA K 67 44.96 -22.45 -15.28
C ALA K 67 45.87 -21.23 -15.17
N SER K 68 45.60 -20.17 -15.93
CA SER K 68 46.42 -18.97 -15.87
C SER K 68 46.38 -18.29 -14.51
N VAL K 69 45.44 -18.67 -13.66
CA VAL K 69 45.14 -17.91 -12.45
C VAL K 69 45.05 -18.77 -11.19
N LYS K 70 44.85 -20.09 -11.33
CA LYS K 70 44.84 -21.02 -10.21
C LYS K 70 46.08 -20.87 -9.34
N GLY K 71 45.88 -20.78 -8.04
CA GLY K 71 46.96 -20.69 -7.08
C GLY K 71 47.41 -19.28 -6.76
N ARG K 72 47.21 -18.33 -7.68
CA ARG K 72 47.52 -16.93 -7.42
C ARG K 72 46.30 -16.14 -7.00
N PHE K 73 45.13 -16.44 -7.54
CA PHE K 73 43.91 -15.72 -7.20
C PHE K 73 43.03 -16.61 -6.33
N THR K 74 42.27 -15.99 -5.44
CA THR K 74 41.36 -16.71 -4.56
C THR K 74 40.01 -16.03 -4.56
N ILE K 75 38.96 -16.78 -4.91
CA ILE K 75 37.60 -16.30 -4.84
C ILE K 75 37.01 -16.69 -3.49
N SER K 76 36.35 -15.75 -2.82
CA SER K 76 35.66 -16.02 -1.57
C SER K 76 34.37 -15.23 -1.55
N ARG K 77 33.47 -15.58 -0.62
CA ARG K 77 32.20 -14.89 -0.52
C ARG K 77 31.83 -14.71 0.94
N ASP K 78 31.06 -13.65 1.20
CA ASP K 78 30.53 -13.35 2.54
C ASP K 78 29.01 -13.37 2.36
N ASP K 79 28.40 -14.50 2.74
CA ASP K 79 26.97 -14.68 2.53
C ASP K 79 26.13 -13.73 3.40
N SER K 80 26.64 -13.35 4.57
CA SER K 80 25.89 -12.45 5.43
C SER K 80 25.73 -11.07 4.80
N GLN K 81 26.76 -10.58 4.10
CA GLN K 81 26.70 -9.25 3.49
C GLN K 81 26.49 -9.29 1.99
N SER K 82 26.39 -10.48 1.39
CA SER K 82 26.16 -10.62 -0.05
C SER K 82 27.27 -9.95 -0.86
N ILE K 83 28.51 -10.21 -0.45
CA ILE K 83 29.68 -9.63 -1.09
C ILE K 83 30.54 -10.76 -1.66
N LEU K 84 31.03 -10.58 -2.88
CA LEU K 84 31.93 -11.52 -3.51
C LEU K 84 33.31 -10.88 -3.63
N TYR K 85 34.34 -11.67 -3.34
CA TYR K 85 35.71 -11.17 -3.30
C TYR K 85 36.57 -11.89 -4.32
N LEU K 86 37.58 -11.20 -4.84
CA LEU K 86 38.63 -11.84 -5.62
C LEU K 86 39.97 -11.29 -5.13
N GLN K 87 40.79 -12.16 -4.55
CA GLN K 87 42.08 -11.76 -4.00
C GLN K 87 43.16 -12.15 -4.97
N MET K 88 43.88 -11.16 -5.50
CA MET K 88 44.90 -11.38 -6.51
C MET K 88 46.29 -11.18 -5.90
N ASN K 89 47.17 -12.16 -6.08
CA ASN K 89 48.55 -12.08 -5.62
C ASN K 89 49.49 -12.33 -6.79
N THR K 90 50.73 -11.85 -6.64
CA THR K 90 51.78 -12.01 -7.65
C THR K 90 51.29 -11.54 -9.01
N LEU K 91 50.82 -10.30 -9.06
CA LEU K 91 50.28 -9.75 -10.30
C LEU K 91 51.37 -9.58 -11.35
N ARG K 92 51.00 -9.83 -12.60
CA ARG K 92 51.88 -9.63 -13.75
C ARG K 92 51.16 -8.71 -14.74
N ALA K 93 51.91 -8.25 -15.74
CA ALA K 93 51.37 -7.29 -16.69
C ALA K 93 50.14 -7.85 -17.40
N GLU K 94 50.14 -9.14 -17.71
CA GLU K 94 49.02 -9.76 -18.41
C GLU K 94 47.76 -9.84 -17.56
N ASP K 95 47.85 -9.52 -16.27
CA ASP K 95 46.66 -9.45 -15.44
C ASP K 95 45.94 -8.11 -15.56
N SER K 96 46.51 -7.15 -16.30
CA SER K 96 45.83 -5.88 -16.54
C SER K 96 44.58 -6.12 -17.38
N ALA K 97 43.42 -5.76 -16.83
CA ALA K 97 42.16 -6.04 -17.50
C ALA K 97 41.04 -5.34 -16.76
N SER K 98 39.88 -5.28 -17.40
CA SER K 98 38.65 -4.98 -16.69
C SER K 98 38.13 -6.27 -16.08
N TYR K 99 37.83 -6.25 -14.77
CA TYR K 99 37.45 -7.43 -14.02
C TYR K 99 35.95 -7.40 -13.72
N TYR K 100 35.23 -8.42 -14.20
CA TYR K 100 33.78 -8.48 -14.11
C TYR K 100 33.34 -9.55 -13.11
N CYS K 101 32.37 -9.17 -12.30
CA CYS K 101 31.66 -10.07 -11.41
C CYS K 101 30.37 -10.50 -12.10
N ALA K 102 30.09 -11.80 -12.10
CA ALA K 102 28.98 -12.33 -12.89
C ALA K 102 28.25 -13.43 -12.13
N ARG K 103 26.93 -13.35 -12.13
CA ARG K 103 26.11 -14.34 -11.47
C ARG K 103 25.87 -15.53 -12.39
N ASP K 104 25.97 -16.73 -11.83
CA ASP K 104 25.81 -17.94 -12.62
C ASP K 104 24.34 -18.32 -12.73
N LYS K 105 23.95 -18.74 -13.93
CA LYS K 105 22.58 -19.19 -14.16
C LYS K 105 22.31 -20.58 -13.58
N GLY K 106 23.34 -21.40 -13.39
CA GLY K 106 23.15 -22.74 -12.87
C GLY K 106 24.20 -23.16 -11.86
N TRP K 107 24.82 -24.32 -12.10
CA TRP K 107 25.85 -24.86 -11.22
C TRP K 107 27.19 -24.87 -11.96
N GLY K 108 27.71 -23.67 -12.23
CA GLY K 108 28.87 -23.55 -13.09
C GLY K 108 28.47 -23.68 -14.54
N TYR K 109 27.57 -22.78 -14.96
CA TYR K 109 26.92 -22.82 -16.25
C TYR K 109 27.21 -21.55 -17.04
N ALA K 110 26.16 -20.93 -17.57
CA ALA K 110 26.31 -19.64 -18.24
C ALA K 110 26.05 -18.52 -17.22
N MET K 111 26.54 -17.33 -17.54
CA MET K 111 26.47 -16.18 -16.64
C MET K 111 25.38 -15.23 -17.12
N ASP K 112 24.34 -15.04 -16.29
CA ASP K 112 23.15 -14.31 -16.72
C ASP K 112 23.10 -12.85 -16.25
N TYR K 113 23.92 -12.46 -15.29
CA TYR K 113 23.96 -11.06 -14.85
C TYR K 113 25.39 -10.66 -14.55
N TRP K 114 25.78 -9.48 -15.02
CA TRP K 114 27.14 -8.99 -14.89
C TRP K 114 27.13 -7.59 -14.31
N GLY K 115 28.18 -7.26 -13.56
CA GLY K 115 28.42 -5.90 -13.16
C GLY K 115 29.15 -5.11 -14.24
N GLN K 116 29.31 -3.79 -14.01
CA GLN K 116 30.11 -3.00 -14.95
C GLN K 116 31.59 -3.35 -15.02
N GLY K 117 32.14 -3.88 -13.95
CA GLY K 117 33.56 -4.15 -14.06
C GLY K 117 34.38 -3.07 -13.38
N THR K 118 35.54 -3.47 -12.90
CA THR K 118 36.48 -2.57 -12.26
C THR K 118 37.83 -2.79 -12.93
N SER K 119 38.55 -1.70 -13.15
CA SER K 119 39.74 -1.74 -13.99
C SER K 119 40.98 -1.93 -13.15
N VAL K 120 41.83 -2.88 -13.56
CA VAL K 120 43.10 -3.15 -12.91
C VAL K 120 44.21 -3.01 -13.95
N THR K 121 45.22 -2.23 -13.62
CA THR K 121 46.41 -2.09 -14.44
C THR K 121 47.61 -2.54 -13.63
N VAL K 122 48.37 -3.50 -14.18
CA VAL K 122 49.59 -3.98 -13.53
C VAL K 122 50.76 -3.42 -14.34
N SER K 123 51.51 -2.52 -13.72
CA SER K 123 52.57 -1.81 -14.40
C SER K 123 53.43 -1.10 -13.37
N SER K 124 54.70 -0.89 -13.72
CA SER K 124 55.62 -0.14 -12.88
C SER K 124 55.68 1.34 -13.21
N ALA K 125 54.98 1.79 -14.26
CA ALA K 125 54.91 3.23 -14.54
C ALA K 125 54.11 3.94 -13.43
N LYS K 126 54.47 5.19 -13.17
CA LYS K 126 53.86 5.88 -12.04
C LYS K 126 52.60 6.63 -12.43
N THR K 127 51.72 6.83 -11.44
CA THR K 127 50.47 7.53 -11.65
C THR K 127 50.73 8.97 -12.05
N THR K 128 50.04 9.42 -13.10
CA THR K 128 50.17 10.80 -13.59
C THR K 128 48.78 11.40 -13.75
N PRO K 129 48.50 12.53 -13.09
CA PRO K 129 47.19 13.16 -13.29
C PRO K 129 47.12 13.84 -14.65
N PRO K 130 45.93 13.98 -15.21
CA PRO K 130 45.81 14.54 -16.56
C PRO K 130 45.88 16.06 -16.60
N SER K 131 46.34 16.56 -17.74
CA SER K 131 46.18 17.97 -18.09
C SER K 131 44.89 18.12 -18.89
N VAL K 132 44.06 19.07 -18.49
CA VAL K 132 42.75 19.28 -19.11
C VAL K 132 42.74 20.65 -19.75
N TYR K 133 42.60 20.68 -21.08
CA TYR K 133 42.61 21.92 -21.83
C TYR K 133 41.30 22.10 -22.58
N PRO K 134 40.69 23.28 -22.53
CA PRO K 134 39.45 23.52 -23.27
C PRO K 134 39.71 23.76 -24.74
N LEU K 135 38.76 23.31 -25.56
CA LEU K 135 38.78 23.51 -27.00
C LEU K 135 37.62 24.42 -27.40
N ALA K 136 37.95 25.67 -27.74
CA ALA K 136 37.00 26.69 -28.19
C ALA K 136 37.23 26.99 -29.67
N PRO K 137 36.17 27.40 -30.40
CA PRO K 137 36.31 27.63 -31.85
C PRO K 137 37.34 28.69 -32.22
N GLY K 138 37.14 29.94 -31.85
CA GLY K 138 38.14 30.94 -32.14
C GLY K 138 37.54 32.32 -32.35
N SER K 139 38.42 33.33 -32.25
CA SER K 139 37.98 34.72 -32.40
C SER K 139 37.24 34.92 -33.72
N ALA K 140 37.83 34.45 -34.83
CA ALA K 140 37.19 34.46 -36.16
C ALA K 140 36.39 33.17 -36.31
N ALA K 141 35.24 33.16 -35.64
CA ALA K 141 34.58 31.89 -35.37
C ALA K 141 33.76 31.42 -36.55
N GLN K 142 33.06 32.35 -37.22
CA GLN K 142 32.09 32.07 -38.27
C GLN K 142 31.20 30.91 -37.84
N THR K 143 30.26 31.25 -36.96
CA THR K 143 29.46 30.28 -36.22
C THR K 143 28.26 29.79 -37.01
N ASN K 144 27.87 28.55 -36.75
CA ASN K 144 26.66 27.92 -37.29
C ASN K 144 25.64 27.80 -36.14
N SER K 145 24.42 27.39 -36.48
CA SER K 145 23.33 27.21 -35.53
C SER K 145 23.66 26.15 -34.48
N MET K 146 24.45 25.14 -34.84
CA MET K 146 25.01 24.19 -33.87
C MET K 146 26.50 24.45 -33.77
N VAL K 147 27.00 24.58 -32.54
CA VAL K 147 28.42 24.83 -32.30
C VAL K 147 29.01 23.63 -31.58
N THR K 148 30.21 23.23 -31.97
CA THR K 148 30.91 22.10 -31.38
C THR K 148 32.02 22.61 -30.49
N LEU K 149 32.04 22.14 -29.25
CA LEU K 149 33.09 22.43 -28.30
C LEU K 149 33.79 21.12 -27.95
N GLY K 150 34.95 21.25 -27.32
CA GLY K 150 35.72 20.07 -27.01
C GLY K 150 36.47 20.28 -25.71
N CYS K 151 37.12 19.21 -25.27
CA CYS K 151 37.98 19.29 -24.11
C CYS K 151 39.02 18.20 -24.24
N LEU K 152 40.28 18.55 -23.98
CA LEU K 152 41.43 17.70 -24.28
C LEU K 152 42.07 17.23 -22.99
N VAL K 153 42.18 15.92 -22.82
CA VAL K 153 42.69 15.30 -21.60
C VAL K 153 44.00 14.62 -21.95
N LYS K 154 45.12 15.24 -21.61
CA LYS K 154 46.43 14.86 -22.12
C LYS K 154 47.36 14.43 -21.00
N GLY K 155 48.12 13.37 -21.25
CA GLY K 155 49.23 12.95 -20.41
C GLY K 155 48.90 12.41 -19.03
N TYR K 156 48.03 11.40 -18.96
CA TYR K 156 47.68 10.79 -17.70
C TYR K 156 48.00 9.31 -17.72
N PHE K 157 48.10 8.73 -16.51
CA PHE K 157 48.30 7.30 -16.33
C PHE K 157 47.88 6.94 -14.92
N PRO K 158 47.15 5.82 -14.73
CA PRO K 158 46.67 4.93 -15.78
C PRO K 158 45.24 5.24 -16.22
N GLU K 159 44.71 4.40 -17.11
CA GLU K 159 43.29 4.42 -17.40
C GLU K 159 42.54 3.88 -16.18
N PRO K 160 41.28 4.30 -15.99
CA PRO K 160 40.52 5.18 -16.86
C PRO K 160 40.34 6.61 -16.31
N VAL K 161 39.88 7.50 -17.19
CA VAL K 161 39.33 8.79 -16.78
C VAL K 161 37.89 8.84 -17.26
N THR K 162 37.07 9.61 -16.54
CA THR K 162 35.69 9.86 -16.93
C THR K 162 35.50 11.33 -17.27
N VAL K 163 34.80 11.60 -18.37
CA VAL K 163 34.48 12.96 -18.79
C VAL K 163 32.97 13.10 -18.93
N THR K 164 32.43 14.14 -18.29
CA THR K 164 31.03 14.50 -18.42
C THR K 164 30.97 15.98 -18.79
N TRP K 165 29.81 16.40 -19.28
CA TRP K 165 29.58 17.78 -19.66
C TRP K 165 28.42 18.35 -18.87
N ASN K 166 28.64 19.50 -18.24
CA ASN K 166 27.68 20.11 -17.32
C ASN K 166 27.15 19.11 -16.30
N SER K 167 28.07 18.38 -15.69
CA SER K 167 27.75 17.43 -14.61
C SER K 167 26.73 16.39 -15.06
N GLY K 168 26.82 15.97 -16.32
CA GLY K 168 25.91 15.00 -16.87
C GLY K 168 24.67 15.57 -17.52
N SER K 169 24.38 16.86 -17.30
CA SER K 169 23.22 17.49 -17.92
C SER K 169 23.34 17.58 -19.43
N LEU K 170 24.56 17.52 -19.96
CA LEU K 170 24.81 17.47 -21.39
C LEU K 170 25.29 16.07 -21.73
N SER K 171 24.38 15.25 -22.23
CA SER K 171 24.67 13.88 -22.61
C SER K 171 24.46 13.62 -24.10
N SER K 172 23.52 14.30 -24.73
CA SER K 172 23.33 14.17 -26.17
C SER K 172 24.39 14.98 -26.92
N GLY K 173 24.74 14.47 -28.10
CA GLY K 173 25.71 15.15 -28.92
C GLY K 173 27.11 15.14 -28.36
N VAL K 174 27.45 14.15 -27.54
CA VAL K 174 28.75 14.05 -26.90
C VAL K 174 29.51 12.86 -27.50
N HIS K 175 30.75 13.10 -27.92
CA HIS K 175 31.65 12.04 -28.33
C HIS K 175 32.92 12.14 -27.50
N THR K 176 33.19 11.15 -26.67
CA THR K 176 34.48 11.05 -25.99
C THR K 176 35.23 9.87 -26.60
N PHE K 177 36.39 10.13 -27.10
CA PHE K 177 37.16 9.22 -27.95
C PHE K 177 38.08 8.35 -27.09
N PRO K 178 38.31 7.11 -27.53
CA PRO K 178 39.15 6.20 -26.74
C PRO K 178 40.56 6.75 -26.56
N ALA K 179 41.13 6.51 -25.38
CA ALA K 179 42.47 7.00 -25.10
C ALA K 179 43.50 6.31 -25.98
N VAL K 180 44.59 7.02 -26.25
CA VAL K 180 45.71 6.49 -27.02
C VAL K 180 46.96 6.60 -26.16
N LEU K 181 47.77 5.53 -26.17
CA LEU K 181 48.94 5.42 -25.32
C LEU K 181 50.19 5.91 -26.04
N GLN K 182 50.89 6.86 -25.40
CA GLN K 182 52.21 7.34 -25.83
C GLN K 182 53.13 7.45 -24.63
N SER K 183 54.29 6.82 -24.72
CA SER K 183 55.36 7.05 -23.73
C SER K 183 54.86 6.85 -22.31
N ASP K 184 54.10 5.77 -22.10
CA ASP K 184 53.53 5.43 -20.79
C ASP K 184 52.54 6.48 -20.29
N LEU K 185 51.92 7.26 -21.18
CA LEU K 185 50.89 8.20 -20.77
C LEU K 185 49.77 8.22 -21.81
N TYR K 186 48.53 8.32 -21.32
CA TYR K 186 47.35 8.29 -22.17
C TYR K 186 46.88 9.70 -22.52
N THR K 187 46.27 9.82 -23.70
CA THR K 187 45.64 11.07 -24.13
C THR K 187 44.30 10.75 -24.78
N LEU K 188 43.26 11.50 -24.41
CA LEU K 188 41.98 11.40 -25.08
C LEU K 188 41.37 12.79 -25.24
N SER K 189 40.29 12.85 -26.01
CA SER K 189 39.54 14.07 -26.23
C SER K 189 38.06 13.76 -26.16
N SER K 190 37.27 14.82 -25.99
CA SER K 190 35.82 14.70 -25.93
C SER K 190 35.20 15.92 -26.60
N SER K 191 34.17 15.68 -27.43
CA SER K 191 33.45 16.75 -28.10
C SER K 191 32.00 16.74 -27.68
N VAL K 192 31.37 17.92 -27.71
CA VAL K 192 29.93 18.05 -27.50
C VAL K 192 29.42 19.15 -28.42
N THR K 193 28.23 18.94 -28.99
CA THR K 193 27.60 19.90 -29.88
C THR K 193 26.34 20.43 -29.23
N VAL K 194 26.21 21.76 -29.22
CA VAL K 194 25.07 22.42 -28.59
C VAL K 194 24.56 23.50 -29.55
N PRO K 195 23.32 23.94 -29.38
CA PRO K 195 22.82 25.04 -30.22
C PRO K 195 23.57 26.34 -29.95
N SER K 196 23.78 27.12 -31.02
CA SER K 196 24.44 28.41 -30.87
C SER K 196 23.67 29.38 -30.00
N SER K 197 22.36 29.17 -29.84
CA SER K 197 21.58 29.98 -28.92
C SER K 197 21.91 29.69 -27.46
N THR K 198 22.59 28.58 -27.18
CA THR K 198 22.92 28.20 -25.81
C THR K 198 24.39 28.40 -25.46
N TRP K 199 25.25 28.73 -26.42
CA TRP K 199 26.63 29.00 -26.08
C TRP K 199 27.11 30.08 -27.04
N PRO K 200 27.80 31.13 -26.55
CA PRO K 200 28.30 31.27 -25.18
C PRO K 200 27.38 31.93 -24.16
N SER K 201 26.09 32.13 -24.49
CA SER K 201 25.19 32.82 -23.57
C SER K 201 25.05 32.06 -22.26
N GLU K 202 25.19 30.75 -22.35
CA GLU K 202 25.08 29.75 -21.30
C GLU K 202 26.40 29.02 -21.12
N THR K 203 26.71 28.59 -19.89
CA THR K 203 28.04 28.03 -19.64
C THR K 203 28.08 26.57 -20.08
N VAL K 204 29.26 26.14 -20.55
CA VAL K 204 29.50 24.74 -20.90
C VAL K 204 30.81 24.33 -20.25
N THR K 205 30.78 23.26 -19.45
CA THR K 205 31.93 22.83 -18.68
C THR K 205 32.16 21.33 -18.87
N CYS K 206 33.41 20.94 -19.12
CA CYS K 206 33.77 19.53 -19.15
C CYS K 206 34.32 19.17 -17.78
N ASN K 207 33.85 18.05 -17.24
CA ASN K 207 34.25 17.58 -15.91
C ASN K 207 35.10 16.33 -16.09
N VAL K 208 36.33 16.39 -15.62
CA VAL K 208 37.31 15.32 -15.83
C VAL K 208 37.66 14.73 -14.47
N ALA K 209 37.49 13.42 -14.35
CA ALA K 209 37.81 12.69 -13.12
C ALA K 209 38.84 11.62 -13.46
N HIS K 210 39.89 11.54 -12.64
CA HIS K 210 40.94 10.53 -12.76
C HIS K 210 41.10 9.88 -11.40
N PRO K 211 40.36 8.80 -11.13
CA PRO K 211 40.34 8.23 -9.77
C PRO K 211 41.70 7.83 -9.24
N ALA K 212 42.59 7.31 -10.10
CA ALA K 212 43.89 6.82 -9.63
C ALA K 212 44.73 7.92 -8.99
N SER K 213 44.54 9.17 -9.39
CA SER K 213 45.24 10.30 -8.78
C SER K 213 44.34 11.16 -7.91
N SER K 214 43.10 10.73 -7.65
CA SER K 214 42.15 11.51 -6.86
C SER K 214 41.97 12.91 -7.44
N THR K 215 41.93 13.00 -8.76
CA THR K 215 41.80 14.27 -9.46
C THR K 215 40.36 14.48 -9.92
N LYS K 216 39.81 15.64 -9.59
CA LYS K 216 38.55 16.12 -10.15
C LYS K 216 38.78 17.54 -10.61
N VAL K 217 38.67 17.79 -11.91
CA VAL K 217 38.94 19.10 -12.48
C VAL K 217 37.80 19.49 -13.40
N ASP K 218 37.33 20.72 -13.28
CA ASP K 218 36.32 21.29 -14.17
C ASP K 218 36.95 22.40 -14.99
N LYS K 219 36.79 22.33 -16.30
CA LYS K 219 37.28 23.36 -17.22
C LYS K 219 36.10 23.99 -17.93
N LYS K 220 35.94 25.30 -17.76
CA LYS K 220 34.93 26.06 -18.49
C LYS K 220 35.41 26.34 -19.91
N ILE K 221 34.49 26.24 -20.87
CA ILE K 221 34.79 26.57 -22.26
C ILE K 221 34.38 28.02 -22.49
N VAL K 222 35.36 28.91 -22.61
CA VAL K 222 35.12 30.34 -22.75
C VAL K 222 35.44 30.76 -24.19
N PRO K 223 34.68 31.69 -24.79
CA PRO K 223 35.01 32.14 -26.14
C PRO K 223 36.37 32.82 -26.22
N ARG K 224 37.00 32.70 -27.38
CA ARG K 224 38.36 33.16 -27.57
C ARG K 224 38.36 34.66 -27.87
N ASP K 225 39.40 35.36 -27.42
CA ASP K 225 39.48 36.81 -27.56
C ASP K 225 40.33 37.22 -28.75
N ASP L 1 41.12 -29.13 -22.76
CA ASP L 1 41.42 -27.74 -23.06
C ASP L 1 40.83 -27.33 -24.42
N ILE L 2 39.60 -26.86 -24.42
CA ILE L 2 38.83 -26.66 -25.65
C ILE L 2 39.06 -25.26 -26.20
N VAL L 3 39.52 -25.19 -27.46
CA VAL L 3 39.73 -23.94 -28.16
C VAL L 3 38.56 -23.70 -29.11
N MET L 4 38.03 -22.48 -29.10
CA MET L 4 36.91 -22.10 -29.94
C MET L 4 37.35 -21.00 -30.89
N THR L 5 37.06 -21.19 -32.17
CA THR L 5 37.41 -20.25 -33.23
C THR L 5 36.12 -19.70 -33.83
N GLN L 6 35.94 -18.39 -33.75
CA GLN L 6 34.77 -17.71 -34.30
C GLN L 6 35.05 -17.22 -35.72
N THR L 7 34.04 -17.31 -36.59
CA THR L 7 34.20 -16.80 -37.94
C THR L 7 32.91 -16.15 -38.44
N PRO L 8 33.01 -15.03 -39.17
CA PRO L 8 34.26 -14.29 -39.41
C PRO L 8 34.64 -13.42 -38.21
N PRO L 9 35.86 -12.88 -38.20
CA PRO L 9 36.22 -11.94 -37.13
C PRO L 9 35.47 -10.63 -37.22
N SER L 10 35.09 -10.19 -38.43
CA SER L 10 34.31 -8.97 -38.62
C SER L 10 33.24 -9.22 -39.67
N LEU L 11 32.11 -8.56 -39.49
CA LEU L 11 30.95 -8.79 -40.34
C LEU L 11 30.13 -7.51 -40.43
N ALA L 12 29.76 -7.13 -41.65
CA ALA L 12 28.94 -5.96 -41.91
C ALA L 12 27.65 -6.40 -42.59
N VAL L 13 26.52 -6.04 -42.00
CA VAL L 13 25.22 -6.51 -42.47
C VAL L 13 24.29 -5.30 -42.59
N SER L 14 23.47 -5.30 -43.64
CA SER L 14 22.51 -4.23 -43.84
C SER L 14 21.28 -4.47 -42.97
N LEU L 15 20.57 -3.39 -42.66
CA LEU L 15 19.33 -3.51 -41.90
C LEU L 15 18.35 -4.40 -42.65
N GLY L 16 17.60 -5.21 -41.89
CA GLY L 16 16.66 -6.13 -42.47
C GLY L 16 17.23 -7.45 -42.95
N GLN L 17 18.55 -7.61 -42.96
CA GLN L 17 19.18 -8.86 -43.38
C GLN L 17 19.51 -9.72 -42.15
N ARG L 18 20.16 -10.86 -42.41
CA ARG L 18 20.58 -11.81 -41.40
C ARG L 18 22.07 -11.70 -41.17
N ALA L 19 22.47 -11.74 -39.91
CA ALA L 19 23.88 -11.85 -39.53
C ALA L 19 24.07 -13.23 -38.91
N THR L 20 25.08 -13.96 -39.39
CA THR L 20 25.38 -15.29 -38.89
C THR L 20 26.83 -15.34 -38.44
N ILE L 21 27.03 -15.70 -37.18
CA ILE L 21 28.35 -15.84 -36.58
C ILE L 21 28.51 -17.30 -36.19
N SER L 22 29.65 -17.88 -36.53
CA SER L 22 29.84 -19.30 -36.31
C SER L 22 30.99 -19.52 -35.34
N CYS L 23 30.86 -20.58 -34.56
CA CYS L 23 31.86 -20.98 -33.57
C CYS L 23 32.24 -22.43 -33.86
N LYS L 24 33.54 -22.70 -33.94
CA LYS L 24 34.06 -24.05 -34.16
C LYS L 24 34.92 -24.45 -32.97
N ALA L 25 34.55 -25.56 -32.32
CA ALA L 25 35.24 -26.04 -31.14
C ALA L 25 36.29 -27.08 -31.52
N SER L 26 37.40 -27.06 -30.79
CA SER L 26 38.49 -27.99 -31.05
C SER L 26 38.10 -29.42 -30.70
N GLN L 27 37.15 -29.60 -29.78
CA GLN L 27 36.55 -30.89 -29.50
C GLN L 27 35.10 -30.66 -29.13
N SER L 28 34.34 -31.75 -29.03
CA SER L 28 32.90 -31.62 -28.80
C SER L 28 32.62 -30.89 -27.49
N VAL L 29 31.65 -29.97 -27.54
CA VAL L 29 31.16 -29.29 -26.35
C VAL L 29 29.77 -29.77 -25.97
N ASP L 30 29.32 -30.89 -26.52
CA ASP L 30 28.03 -31.48 -26.19
C ASP L 30 28.20 -32.59 -25.15
N TYR L 31 27.12 -32.83 -24.41
CA TYR L 31 27.03 -33.91 -23.43
C TYR L 31 25.77 -34.68 -23.79
N ASP L 32 25.94 -35.74 -24.59
CA ASP L 32 24.85 -36.46 -25.25
C ASP L 32 24.13 -35.44 -26.13
N ALA L 33 22.83 -35.20 -25.96
CA ALA L 33 22.11 -34.23 -26.78
C ALA L 33 22.09 -32.83 -26.15
N ASP L 34 22.66 -32.67 -24.96
CA ASP L 34 22.64 -31.39 -24.26
C ASP L 34 23.95 -30.64 -24.52
N SER L 35 23.82 -29.39 -24.94
CA SER L 35 24.97 -28.57 -25.31
C SER L 35 25.36 -27.64 -24.17
N PHE L 36 26.66 -27.39 -24.06
CA PHE L 36 27.21 -26.45 -23.10
C PHE L 36 27.86 -25.28 -23.81
N MET L 37 27.17 -24.78 -24.83
CA MET L 37 27.63 -23.66 -25.64
C MET L 37 26.71 -22.47 -25.40
N HIS L 38 27.29 -21.29 -25.15
CA HIS L 38 26.54 -20.09 -24.86
C HIS L 38 27.09 -18.90 -25.64
N TRP L 39 26.22 -17.92 -25.88
CA TRP L 39 26.53 -16.74 -26.67
C TRP L 39 26.27 -15.47 -25.87
N TYR L 40 27.18 -14.51 -25.98
CA TYR L 40 27.06 -13.25 -25.27
C TYR L 40 27.18 -12.08 -26.25
N GLN L 41 26.51 -10.99 -25.91
CA GLN L 41 26.59 -9.73 -26.62
C GLN L 41 27.32 -8.72 -25.74
N GLN L 42 28.26 -7.99 -26.32
CA GLN L 42 28.95 -6.94 -25.57
C GLN L 42 29.04 -5.68 -26.43
N LYS L 43 28.32 -4.64 -26.02
CA LYS L 43 28.47 -3.33 -26.60
C LYS L 43 29.69 -2.64 -25.98
N PRO L 44 30.35 -1.75 -26.72
CA PRO L 44 31.61 -1.16 -26.23
C PRO L 44 31.43 -0.44 -24.89
N GLY L 45 32.31 -0.74 -23.94
CA GLY L 45 32.28 -0.14 -22.63
C GLY L 45 31.23 -0.67 -21.68
N GLN L 46 30.43 -1.63 -22.10
CA GLN L 46 29.36 -2.19 -21.31
C GLN L 46 29.68 -3.61 -20.86
N PRO L 47 29.00 -4.10 -19.82
CA PRO L 47 29.18 -5.50 -19.45
C PRO L 47 28.52 -6.42 -20.46
N PRO L 48 29.03 -7.64 -20.63
CA PRO L 48 28.40 -8.59 -21.55
C PRO L 48 26.97 -8.92 -21.15
N LYS L 49 26.17 -9.29 -22.15
CA LYS L 49 24.78 -9.68 -21.96
C LYS L 49 24.58 -11.07 -22.54
N LEU L 50 24.03 -11.97 -21.73
CA LEU L 50 23.79 -13.34 -22.18
C LEU L 50 22.63 -13.36 -23.17
N LEU L 51 22.86 -13.95 -24.34
CA LEU L 51 21.84 -14.04 -25.37
C LEU L 51 21.23 -15.42 -25.43
N ILE L 52 22.07 -16.45 -25.50
CA ILE L 52 21.64 -17.83 -25.71
C ILE L 52 22.50 -18.75 -24.85
N TYR L 53 21.86 -19.68 -24.16
CA TYR L 53 22.55 -20.68 -23.37
C TYR L 53 22.20 -22.07 -23.89
N ALA L 54 23.15 -23.00 -23.74
CA ALA L 54 23.00 -24.37 -24.22
C ALA L 54 22.63 -24.40 -25.70
N ALA L 55 23.41 -23.66 -26.50
CA ALA L 55 23.36 -23.68 -27.97
C ALA L 55 22.10 -23.04 -28.58
N SER L 56 20.93 -23.25 -27.98
CA SER L 56 19.70 -22.87 -28.67
C SER L 56 18.62 -22.25 -27.79
N ASN L 57 18.86 -22.09 -26.49
CA ASN L 57 17.86 -21.55 -25.57
C ASN L 57 17.98 -20.03 -25.47
N LEU L 58 16.87 -19.35 -25.73
CA LEU L 58 16.85 -17.90 -25.72
C LEU L 58 16.70 -17.40 -24.28
N GLU L 59 17.66 -16.59 -23.83
CA GLU L 59 17.60 -16.04 -22.48
C GLU L 59 16.42 -15.08 -22.35
N SER L 60 15.82 -15.05 -21.16
CA SER L 60 14.65 -14.22 -20.94
C SER L 60 15.00 -12.74 -21.13
N GLY L 61 14.11 -12.02 -21.80
CA GLY L 61 14.33 -10.63 -22.12
C GLY L 61 14.99 -10.37 -23.46
N ILE L 62 15.53 -11.42 -24.10
CA ILE L 62 16.23 -11.25 -25.37
C ILE L 62 15.19 -11.34 -26.48
N PRO L 63 15.21 -10.42 -27.45
CA PRO L 63 14.22 -10.48 -28.54
C PRO L 63 14.39 -11.73 -29.39
N ALA L 64 13.29 -12.15 -30.01
CA ALA L 64 13.28 -13.35 -30.83
C ALA L 64 14.14 -13.22 -32.08
N ARG L 65 14.68 -12.04 -32.35
CA ARG L 65 15.59 -11.87 -33.49
C ARG L 65 16.86 -12.70 -33.32
N PHE L 66 17.20 -13.07 -32.10
CA PHE L 66 18.35 -13.93 -31.83
C PHE L 66 17.92 -15.38 -31.77
N SER L 67 18.74 -16.25 -32.37
CA SER L 67 18.54 -17.68 -32.29
C SER L 67 19.90 -18.36 -32.44
N GLY L 68 20.02 -19.55 -31.86
CA GLY L 68 21.24 -20.31 -31.93
C GLY L 68 20.97 -21.73 -32.39
N SER L 69 21.97 -22.31 -33.04
CA SER L 69 21.85 -23.66 -33.56
C SER L 69 23.24 -24.29 -33.63
N GLY L 70 23.26 -25.58 -33.92
CA GLY L 70 24.49 -26.33 -34.01
C GLY L 70 24.51 -27.48 -33.03
N SER L 71 25.56 -28.30 -33.16
CA SER L 71 25.74 -29.44 -32.28
C SER L 71 27.18 -29.91 -32.36
N GLY L 72 27.61 -30.58 -31.30
CA GLY L 72 28.93 -31.18 -31.27
C GLY L 72 30.06 -30.18 -31.27
N THR L 73 30.55 -29.83 -32.46
CA THR L 73 31.71 -28.97 -32.60
C THR L 73 31.45 -27.70 -33.40
N ASP L 74 30.29 -27.58 -34.06
CA ASP L 74 30.01 -26.45 -34.94
C ASP L 74 28.69 -25.81 -34.54
N PHE L 75 28.73 -24.51 -34.24
CA PHE L 75 27.55 -23.77 -33.79
C PHE L 75 27.49 -22.41 -34.49
N THR L 76 26.29 -21.87 -34.60
CA THR L 76 26.09 -20.54 -35.17
C THR L 76 25.13 -19.74 -34.31
N LEU L 77 25.39 -18.44 -34.22
CA LEU L 77 24.46 -17.46 -33.68
C LEU L 77 23.89 -16.68 -34.86
N ASN L 78 22.57 -16.53 -34.89
CA ASN L 78 21.92 -15.91 -36.04
C ASN L 78 21.07 -14.74 -35.57
N ILE L 79 21.20 -13.61 -36.26
CA ILE L 79 20.41 -12.42 -35.97
C ILE L 79 19.63 -12.07 -37.23
N ARG L 80 18.31 -12.20 -37.18
CA ARG L 80 17.52 -11.81 -38.33
C ARG L 80 16.15 -11.39 -37.82
N PRO L 81 15.68 -10.19 -38.21
CA PRO L 81 16.49 -9.20 -38.92
C PRO L 81 17.43 -8.43 -38.00
N VAL L 82 18.53 -7.92 -38.56
CA VAL L 82 19.47 -7.10 -37.81
C VAL L 82 18.89 -5.71 -37.63
N GLU L 83 19.21 -5.09 -36.50
CA GLU L 83 18.77 -3.73 -36.17
C GLU L 83 19.98 -2.89 -35.77
N GLU L 84 19.77 -1.57 -35.75
CA GLU L 84 20.86 -0.65 -35.44
C GLU L 84 21.50 -0.98 -34.10
N GLU L 85 20.69 -1.35 -33.10
CA GLU L 85 21.20 -1.62 -31.76
C GLU L 85 22.07 -2.86 -31.66
N ASP L 86 22.14 -3.68 -32.72
CA ASP L 86 22.96 -4.89 -32.69
C ASP L 86 24.44 -4.63 -32.93
N ALA L 87 24.84 -3.39 -33.21
CA ALA L 87 26.26 -3.08 -33.38
C ALA L 87 27.02 -3.38 -32.09
N ALA L 88 27.81 -4.46 -32.10
CA ALA L 88 28.46 -4.95 -30.89
C ALA L 88 29.42 -6.07 -31.26
N THR L 89 30.13 -6.58 -30.25
CA THR L 89 30.98 -7.75 -30.38
C THR L 89 30.30 -8.94 -29.72
N TYR L 90 30.39 -10.10 -30.37
CA TYR L 90 29.71 -11.31 -29.93
C TYR L 90 30.71 -12.41 -29.62
N TYR L 91 30.48 -13.09 -28.49
CA TYR L 91 31.36 -14.16 -28.03
C TYR L 91 30.58 -15.47 -27.85
N CYS L 92 31.17 -16.57 -28.30
CA CYS L 92 30.74 -17.89 -27.84
C CYS L 92 31.55 -18.27 -26.59
N GLN L 93 30.97 -19.14 -25.78
CA GLN L 93 31.63 -19.63 -24.58
C GLN L 93 31.29 -21.10 -24.39
N GLN L 94 32.27 -21.86 -23.89
CA GLN L 94 32.10 -23.27 -23.60
C GLN L 94 32.19 -23.52 -22.10
N SER L 95 31.22 -24.26 -21.56
CA SER L 95 31.26 -24.73 -20.18
C SER L 95 31.15 -26.25 -20.10
N ASN L 96 31.64 -26.95 -21.13
CA ASN L 96 31.58 -28.41 -21.18
C ASN L 96 32.78 -29.05 -20.48
N GLU L 97 33.97 -28.46 -20.60
CA GLU L 97 35.17 -29.00 -19.96
C GLU L 97 35.95 -27.89 -19.26
N ASP L 98 36.43 -28.19 -18.07
CA ASP L 98 37.24 -27.23 -17.34
C ASP L 98 38.57 -27.02 -18.04
N PRO L 99 39.04 -25.76 -18.16
CA PRO L 99 38.37 -24.52 -17.74
C PRO L 99 37.44 -23.98 -18.82
N TRP L 100 36.43 -23.20 -18.43
CA TRP L 100 35.57 -22.55 -19.42
C TRP L 100 36.40 -21.65 -20.32
N THR L 101 36.06 -21.65 -21.60
CA THR L 101 36.76 -20.83 -22.58
C THR L 101 35.79 -20.03 -23.42
N PHE L 102 36.30 -18.94 -23.98
CA PHE L 102 35.59 -18.05 -24.88
C PHE L 102 36.21 -18.10 -26.27
N GLY L 103 35.39 -17.82 -27.28
CA GLY L 103 35.92 -17.52 -28.59
C GLY L 103 36.59 -16.16 -28.62
N GLY L 104 37.24 -15.86 -29.75
CA GLY L 104 37.94 -14.59 -29.87
C GLY L 104 37.04 -13.40 -30.10
N GLY L 105 35.80 -13.62 -30.53
CA GLY L 105 34.88 -12.53 -30.73
C GLY L 105 34.76 -12.13 -32.20
N THR L 106 33.57 -11.68 -32.58
CA THR L 106 33.31 -11.12 -33.90
C THR L 106 32.56 -9.80 -33.74
N LYS L 107 33.09 -8.75 -34.34
CA LYS L 107 32.49 -7.42 -34.29
C LYS L 107 31.49 -7.28 -35.44
N LEU L 108 30.24 -6.98 -35.10
CA LEU L 108 29.19 -6.81 -36.11
C LEU L 108 28.97 -5.32 -36.38
N GLU L 109 29.12 -4.92 -37.64
CA GLU L 109 28.82 -3.57 -38.06
C GLU L 109 27.50 -3.56 -38.82
N ILE L 110 26.64 -2.60 -38.51
CA ILE L 110 25.37 -2.41 -39.19
C ILE L 110 25.56 -1.32 -40.24
N LYS L 111 25.26 -1.67 -41.49
CA LYS L 111 25.43 -0.74 -42.60
C LYS L 111 24.38 0.38 -42.56
N ARG L 112 24.74 1.52 -43.13
CA ARG L 112 23.85 2.67 -43.25
C ARG L 112 24.21 3.44 -44.50
N ALA L 113 23.39 4.43 -44.83
CA ALA L 113 23.69 5.29 -45.96
C ALA L 113 24.96 6.09 -45.68
N ASP L 114 25.74 6.33 -46.74
CA ASP L 114 26.98 7.08 -46.58
C ASP L 114 26.67 8.48 -46.06
N ALA L 115 27.47 8.93 -45.11
CA ALA L 115 27.27 10.20 -44.45
C ALA L 115 28.60 10.89 -44.30
N ALA L 116 28.65 12.16 -44.71
CA ALA L 116 29.88 12.93 -44.67
C ALA L 116 30.16 13.40 -43.25
N PRO L 117 31.44 13.57 -42.89
CA PRO L 117 31.76 14.01 -41.53
C PRO L 117 31.47 15.49 -41.33
N THR L 118 31.20 15.84 -40.07
CA THR L 118 31.14 17.22 -39.64
C THR L 118 32.49 17.57 -39.02
N VAL L 119 33.19 18.54 -39.61
CA VAL L 119 34.58 18.83 -39.28
C VAL L 119 34.64 20.16 -38.54
N SER L 120 35.45 20.20 -37.49
CA SER L 120 35.70 21.43 -36.74
C SER L 120 37.13 21.39 -36.23
N ILE L 121 37.77 22.56 -36.20
CA ILE L 121 39.18 22.68 -35.85
C ILE L 121 39.30 23.62 -34.65
N PHE L 122 40.29 23.36 -33.80
CA PHE L 122 40.46 24.07 -32.55
C PHE L 122 41.91 24.46 -32.30
N PRO L 123 42.19 25.73 -32.03
CA PRO L 123 43.56 26.15 -31.74
C PRO L 123 43.99 25.68 -30.35
N PRO L 124 45.28 25.70 -30.06
CA PRO L 124 45.73 25.42 -28.69
C PRO L 124 45.15 26.41 -27.69
N SER L 125 44.78 25.90 -26.53
CA SER L 125 44.35 26.77 -25.44
C SER L 125 45.53 27.59 -24.94
N SER L 126 45.22 28.77 -24.40
CA SER L 126 46.26 29.60 -23.80
C SER L 126 46.87 28.94 -22.58
N GLU L 127 46.09 28.12 -21.88
CA GLU L 127 46.58 27.40 -20.70
C GLU L 127 47.67 26.40 -21.08
N GLN L 128 47.52 25.71 -22.21
CA GLN L 128 48.52 24.73 -22.63
C GLN L 128 49.76 25.43 -23.18
N LEU L 129 49.59 26.54 -23.87
CA LEU L 129 50.73 27.29 -24.39
C LEU L 129 51.63 27.79 -23.25
N THR L 130 51.02 28.15 -22.11
CA THR L 130 51.80 28.59 -20.96
C THR L 130 52.78 27.51 -20.50
N SER L 131 52.45 26.24 -20.67
CA SER L 131 53.32 25.14 -20.26
C SER L 131 54.33 24.75 -21.32
N GLY L 132 54.30 25.38 -22.49
CA GLY L 132 55.27 25.13 -23.54
C GLY L 132 54.80 24.22 -24.66
N GLY L 133 53.63 23.62 -24.53
CA GLY L 133 53.14 22.75 -25.58
C GLY L 133 52.03 23.40 -26.38
N ALA L 134 51.76 22.86 -27.58
CA ALA L 134 50.71 23.40 -28.44
C ALA L 134 50.06 22.26 -29.20
N SER L 135 48.81 21.97 -28.88
CA SER L 135 48.06 20.91 -29.55
C SER L 135 46.91 21.50 -30.35
N VAL L 136 46.84 21.15 -31.63
CA VAL L 136 45.72 21.50 -32.49
C VAL L 136 44.85 20.26 -32.68
N VAL L 137 43.55 20.40 -32.44
CA VAL L 137 42.62 19.27 -32.40
C VAL L 137 41.60 19.44 -33.51
N CYS L 138 41.33 18.35 -34.22
CA CYS L 138 40.37 18.34 -35.32
C CYS L 138 39.36 17.22 -35.06
N PHE L 139 38.08 17.58 -34.94
CA PHE L 139 37.01 16.60 -34.76
C PHE L 139 36.31 16.32 -36.08
N LEU L 140 36.04 15.03 -36.33
CA LEU L 140 35.34 14.58 -37.53
C LEU L 140 34.20 13.69 -37.04
N ASN L 141 32.99 14.22 -37.00
CA ASN L 141 31.90 13.60 -36.27
C ASN L 141 30.81 13.07 -37.21
N ASN L 142 30.29 11.89 -36.87
CA ASN L 142 29.06 11.35 -37.45
C ASN L 142 29.16 11.13 -38.96
N PHE L 143 30.13 10.31 -39.35
CA PHE L 143 30.31 9.94 -40.75
C PHE L 143 30.19 8.44 -40.93
N TYR L 144 30.04 8.03 -42.19
CA TYR L 144 30.00 6.63 -42.57
C TYR L 144 30.32 6.55 -44.06
N PRO L 145 31.13 5.57 -44.51
CA PRO L 145 31.72 4.49 -43.70
C PRO L 145 32.90 4.92 -42.85
N LYS L 146 33.47 3.97 -42.13
CA LYS L 146 34.54 4.27 -41.18
C LYS L 146 35.81 4.74 -41.88
N ASP L 147 36.00 4.35 -43.15
CA ASP L 147 37.22 4.68 -43.87
C ASP L 147 37.29 6.19 -44.13
N ILE L 148 38.35 6.81 -43.64
CA ILE L 148 38.54 8.25 -43.78
C ILE L 148 40.00 8.56 -43.50
N ASN L 149 40.51 9.59 -44.16
CA ASN L 149 41.92 9.97 -44.02
C ASN L 149 41.99 11.47 -43.78
N VAL L 150 42.78 11.87 -42.78
CA VAL L 150 42.94 13.27 -42.40
C VAL L 150 44.39 13.65 -42.59
N LYS L 151 44.63 14.79 -43.25
CA LYS L 151 45.96 15.32 -43.47
C LYS L 151 46.08 16.67 -42.79
N TRP L 152 47.24 16.91 -42.19
CA TRP L 152 47.53 18.21 -41.58
C TRP L 152 48.47 18.99 -42.49
N LYS L 153 48.17 20.26 -42.67
CA LYS L 153 48.98 21.16 -43.49
C LYS L 153 49.29 22.41 -42.69
N ILE L 154 50.58 22.71 -42.56
CA ILE L 154 51.05 23.91 -41.85
C ILE L 154 51.60 24.87 -42.89
N ASP L 155 50.99 26.05 -42.98
CA ASP L 155 51.33 27.06 -43.99
C ASP L 155 51.29 26.46 -45.39
N GLY L 156 50.35 25.54 -45.60
CA GLY L 156 50.14 24.93 -46.89
C GLY L 156 50.95 23.68 -47.15
N SER L 157 51.86 23.31 -46.26
CA SER L 157 52.71 22.14 -46.43
C SER L 157 52.36 21.07 -45.42
N GLU L 158 52.36 19.82 -45.88
CA GLU L 158 51.89 18.69 -45.10
C GLU L 158 52.85 18.33 -43.96
N ARG L 159 52.28 18.01 -42.80
CA ARG L 159 53.01 17.61 -41.61
C ARG L 159 52.56 16.22 -41.18
N GLN L 160 53.52 15.34 -40.85
CA GLN L 160 53.24 13.93 -40.61
C GLN L 160 53.47 13.43 -39.19
N ASN L 161 54.31 14.07 -38.39
CA ASN L 161 54.61 13.59 -37.05
C ASN L 161 54.02 14.51 -35.97
N GLY L 162 53.74 13.92 -34.81
CA GLY L 162 52.98 14.60 -33.78
C GLY L 162 51.49 14.52 -33.98
N VAL L 163 51.04 13.55 -34.78
CA VAL L 163 49.63 13.35 -35.09
C VAL L 163 49.11 12.17 -34.29
N LEU L 164 47.97 12.36 -33.64
CA LEU L 164 47.33 11.32 -32.85
C LEU L 164 45.88 11.20 -33.28
N ASN L 165 45.47 9.98 -33.64
CA ASN L 165 44.12 9.72 -34.12
C ASN L 165 43.42 8.72 -33.21
N SER L 166 42.11 8.90 -33.07
CA SER L 166 41.28 8.02 -32.26
C SER L 166 39.89 7.93 -32.87
N TRP L 167 39.43 6.72 -33.14
CA TRP L 167 38.09 6.48 -33.69
C TRP L 167 37.16 6.01 -32.58
N THR L 168 35.90 6.45 -32.64
CA THR L 168 34.88 5.85 -31.80
C THR L 168 34.39 4.53 -32.41
N ASP L 169 33.73 3.72 -31.58
CA ASP L 169 33.02 2.57 -32.11
C ASP L 169 31.69 3.01 -32.71
N GLN L 170 31.10 2.14 -33.52
CA GLN L 170 29.87 2.48 -34.23
C GLN L 170 28.76 2.83 -33.24
N ASP L 171 28.04 3.91 -33.53
CA ASP L 171 27.01 4.39 -32.64
C ASP L 171 25.80 3.45 -32.63
N SER L 172 25.26 3.21 -31.43
CA SER L 172 24.14 2.27 -31.29
C SER L 172 22.87 2.79 -31.95
N LYS L 173 22.72 4.11 -32.06
CA LYS L 173 21.49 4.73 -32.54
C LYS L 173 21.53 5.08 -34.03
N ASP L 174 22.59 5.74 -34.49
CA ASP L 174 22.64 6.23 -35.87
C ASP L 174 23.66 5.52 -36.75
N SER L 175 24.40 4.55 -36.22
CA SER L 175 25.31 3.70 -36.99
C SER L 175 26.48 4.47 -37.60
N THR L 176 26.83 5.64 -37.04
CA THR L 176 27.94 6.42 -37.56
C THR L 176 29.19 6.22 -36.72
N TYR L 177 30.30 6.74 -37.25
CA TYR L 177 31.58 6.81 -36.57
C TYR L 177 31.99 8.27 -36.40
N SER L 178 32.86 8.50 -35.44
CA SER L 178 33.52 9.80 -35.27
C SER L 178 35.00 9.57 -35.04
N MET L 179 35.79 10.61 -35.26
CA MET L 179 37.23 10.50 -35.12
C MET L 179 37.80 11.82 -34.64
N SER L 180 38.87 11.73 -33.86
CA SER L 180 39.59 12.87 -33.33
C SER L 180 41.03 12.80 -33.82
N SER L 181 41.55 13.94 -34.29
CA SER L 181 42.92 14.03 -34.78
C SER L 181 43.62 15.18 -34.06
N THR L 182 44.73 14.88 -33.40
CA THR L 182 45.47 15.86 -32.61
C THR L 182 46.88 15.98 -33.17
N LEU L 183 47.25 17.20 -33.56
CA LEU L 183 48.61 17.51 -34.00
C LEU L 183 49.25 18.31 -32.88
N THR L 184 50.29 17.76 -32.27
CA THR L 184 50.92 18.35 -31.08
C THR L 184 52.28 18.90 -31.46
N LEU L 185 52.51 20.18 -31.16
CA LEU L 185 53.79 20.83 -31.37
C LEU L 185 54.22 21.51 -30.08
N THR L 186 55.48 21.93 -30.04
CA THR L 186 55.91 22.83 -28.98
C THR L 186 55.38 24.23 -29.24
N LYS L 187 55.29 25.02 -28.16
CA LYS L 187 54.90 26.41 -28.31
C LYS L 187 55.84 27.14 -29.25
N ASP L 188 57.14 26.79 -29.20
CA ASP L 188 58.12 27.47 -30.03
C ASP L 188 57.85 27.25 -31.52
N GLU L 189 57.67 25.98 -31.91
CA GLU L 189 57.40 25.68 -33.32
C GLU L 189 56.03 26.17 -33.76
N TYR L 190 55.04 26.12 -32.86
CA TYR L 190 53.71 26.57 -33.23
C TYR L 190 53.72 28.04 -33.63
N GLU L 191 54.49 28.87 -32.92
CA GLU L 191 54.43 30.30 -33.18
C GLU L 191 55.18 30.76 -34.43
N ARG L 192 55.94 29.89 -35.10
CA ARG L 192 56.65 30.36 -36.29
C ARG L 192 55.76 30.39 -37.53
N HIS L 193 54.69 29.61 -37.56
CA HIS L 193 53.83 29.51 -38.74
C HIS L 193 52.44 30.09 -38.47
N ASN L 194 51.71 30.36 -39.54
CA ASN L 194 50.47 31.10 -39.42
C ASN L 194 49.24 30.23 -39.63
N SER L 195 49.20 29.46 -40.71
CA SER L 195 48.00 28.75 -41.13
C SER L 195 48.08 27.29 -40.70
N TYR L 196 47.00 26.82 -40.08
CA TYR L 196 46.89 25.42 -39.66
C TYR L 196 45.60 24.85 -40.22
N THR L 197 45.70 23.70 -40.88
CA THR L 197 44.58 23.10 -41.58
C THR L 197 44.56 21.59 -41.36
N CYS L 198 43.38 21.05 -41.09
CA CYS L 198 43.13 19.62 -41.21
C CYS L 198 42.22 19.40 -42.40
N GLU L 199 42.58 18.41 -43.24
CA GLU L 199 41.86 18.09 -44.46
C GLU L 199 41.38 16.65 -44.40
N ALA L 200 40.08 16.45 -44.59
CA ALA L 200 39.47 15.13 -44.50
C ALA L 200 39.05 14.64 -45.88
N THR L 201 39.55 13.46 -46.26
CA THR L 201 39.16 12.80 -47.50
C THR L 201 38.27 11.60 -47.16
N HIS L 202 37.04 11.63 -47.66
CA HIS L 202 36.03 10.63 -47.37
C HIS L 202 35.26 10.36 -48.66
N LYS L 203 34.75 9.12 -48.79
CA LYS L 203 34.10 8.73 -50.04
C LYS L 203 32.92 9.63 -50.40
N THR L 204 32.38 10.38 -49.43
CA THR L 204 31.21 11.21 -49.67
C THR L 204 31.51 12.44 -50.53
N SER L 205 32.77 12.74 -50.78
CA SER L 205 33.12 13.92 -51.55
C SER L 205 34.43 13.67 -52.28
N THR L 206 34.48 14.11 -53.54
CA THR L 206 35.71 13.98 -54.32
C THR L 206 36.74 15.01 -53.90
N SER L 207 36.31 16.14 -53.35
CA SER L 207 37.19 17.16 -52.81
C SER L 207 37.21 17.08 -51.29
N PRO L 208 38.37 17.30 -50.67
CA PRO L 208 38.46 17.17 -49.21
C PRO L 208 37.68 18.26 -48.51
N ILE L 209 37.20 17.93 -47.31
CA ILE L 209 36.61 18.91 -46.42
C ILE L 209 37.74 19.58 -45.65
N VAL L 210 37.81 20.90 -45.74
CA VAL L 210 38.94 21.65 -45.20
C VAL L 210 38.43 22.62 -44.15
N LYS L 211 39.01 22.56 -42.96
CA LYS L 211 38.76 23.55 -41.92
C LYS L 211 40.11 24.05 -41.43
N SER L 212 40.19 25.34 -41.13
CA SER L 212 41.49 25.92 -40.84
C SER L 212 41.31 27.14 -39.96
N PHE L 213 42.43 27.61 -39.41
CA PHE L 213 42.46 28.87 -38.68
C PHE L 213 43.88 29.42 -38.83
N ASN L 214 44.03 30.72 -38.60
CA ASN L 214 45.33 31.39 -38.59
C ASN L 214 45.66 31.86 -37.18
N ARG L 215 46.92 31.69 -36.78
CA ARG L 215 47.30 32.08 -35.43
C ARG L 215 47.18 33.58 -35.28
N ASN L 216 47.42 34.31 -36.37
CA ASN L 216 47.12 35.75 -36.39
C ASN L 216 45.64 35.92 -36.13
N GLU L 217 45.31 36.59 -35.03
CA GLU L 217 43.90 36.88 -34.71
C GLU L 217 43.66 37.88 -33.60
#